data_8PUN
#
_entry.id   8PUN
#
_cell.length_a   187.712
_cell.length_b   187.712
_cell.length_c   129.317
_cell.angle_alpha   90.000
_cell.angle_beta   90.000
_cell.angle_gamma   90.000
#
_symmetry.space_group_name_H-M   'P 41 2 2'
#
loop_
_entity.id
_entity.type
_entity.pdbx_description
1 polymer 'NADPH dehydrogenase'
2 non-polymer 'FLAVIN MONONUCLEOTIDE'
3 non-polymer DI(HYDROXYETHYL)ETHER
4 non-polymer 2-ethyl-2-(hydroxymethyl)propane-1,3-diol
5 non-polymer 'YTTRIUM (III) ION'
6 non-polymer 'CHLORIDE ION'
7 non-polymer 'TETRAETHYLENE GLYCOL'
8 non-polymer 'TRIETHYLENE GLYCOL'
9 non-polymer 1,2-ETHANEDIOL
10 water water
#
_entity_poly.entity_id   1
_entity_poly.type   'polypeptide(L)'
_entity_poly.pdbx_seq_one_letter_code
;MGSSHHHHHHSSGLVPRGSMSLLFSPYQLGSLSLANRLVIAPMCQYSAVDGIAQDWHLMHLGRLAISGAGLVIVEATGVN
PEGRITPFCLGLYNDEQEAALGRIVAFAREFGQAKMAIQLAHAGRKASTRRPWDPGSPYSPEEGGWQTWAPSAIKFYEES
LTPHPMSIEDLETVKQDFVNSAIRAERAGFKAIELHGAHGYLIHQFLSPLSNQRQDQYGGSLENRMRYPLEILSAVKHAL
SAEMVVGMRISAVDWAPGGLTIEESITFSQECEKRGAGFIHVSTGGLVAHQQIPVGPGYQVEHAQAIKQNVNIPTMAVGL
ITHSAQAETILKSEQADMIAIARAALKNPHWPWTAALELGDKPFAPPQYQRAR
;
_entity_poly.pdbx_strand_id   A,B,C,D
#
# COMPACT_ATOMS: atom_id res chain seq x y z
N GLY A 18 24.31 2.60 3.29
CA GLY A 18 23.23 3.39 2.74
C GLY A 18 23.74 4.60 1.98
N SER A 19 22.94 5.07 1.01
CA SER A 19 23.38 6.16 0.14
C SER A 19 22.20 6.93 -0.45
N MET A 20 21.03 6.30 -0.55
CA MET A 20 19.89 6.95 -1.19
C MET A 20 19.06 7.81 -0.25
N SER A 21 19.03 7.51 1.04
CA SER A 21 18.24 8.30 1.98
C SER A 21 19.05 8.55 3.23
N LEU A 22 18.67 9.62 3.94
CA LEU A 22 19.27 9.88 5.25
C LEU A 22 18.86 8.82 6.26
N LEU A 23 17.62 8.36 6.20
CA LEU A 23 17.09 7.44 7.21
C LEU A 23 17.93 6.17 7.30
N PHE A 24 18.42 5.69 6.16
CA PHE A 24 19.17 4.44 6.12
C PHE A 24 20.65 4.65 5.79
N SER A 25 21.17 5.84 6.05
CA SER A 25 22.59 6.12 6.01
C SER A 25 23.21 5.84 7.38
N PRO A 26 24.40 5.23 7.43
CA PRO A 26 25.05 5.00 8.72
C PRO A 26 25.21 6.29 9.50
N TYR A 27 25.12 6.18 10.82
CA TYR A 27 25.07 7.34 11.69
C TYR A 27 25.91 7.07 12.93
N GLN A 28 26.55 8.13 13.42
CA GLN A 28 27.41 8.06 14.59
C GLN A 28 26.70 8.70 15.77
N LEU A 29 26.41 7.90 16.80
CA LEU A 29 25.78 8.37 18.03
C LEU A 29 26.84 8.33 19.12
N GLY A 30 27.52 9.46 19.31
CA GLY A 30 28.65 9.47 20.24
C GLY A 30 29.73 8.56 19.71
N SER A 31 30.14 7.60 20.53
CA SER A 31 31.12 6.59 20.13
C SER A 31 30.48 5.38 19.47
N LEU A 32 29.16 5.35 19.31
N LEU A 32 29.16 5.35 19.35
CA LEU A 32 28.45 4.19 18.81
CA LEU A 32 28.44 4.22 18.80
C LEU A 32 28.15 4.37 17.32
C LEU A 32 28.23 4.43 17.30
N SER A 33 28.69 3.47 16.50
CA SER A 33 28.42 3.48 15.07
C SER A 33 27.14 2.70 14.81
N LEU A 34 26.15 3.36 14.25
CA LEU A 34 24.84 2.77 13.99
C LEU A 34 24.67 2.53 12.50
N ALA A 35 23.90 1.49 12.16
CA ALA A 35 23.66 1.14 10.77
C ALA A 35 22.80 2.17 10.05
N ASN A 36 21.99 2.94 10.79
CA ASN A 36 21.10 3.93 10.20
C ASN A 36 20.62 4.86 11.31
N ARG A 37 19.65 5.72 10.96
N ARG A 37 19.64 5.72 10.97
CA ARG A 37 19.09 6.70 11.89
CA ARG A 37 19.10 6.68 11.90
C ARG A 37 17.73 6.29 12.43
C ARG A 37 17.74 6.28 12.44
N LEU A 38 17.34 5.03 12.25
CA LEU A 38 16.03 4.54 12.69
C LEU A 38 16.15 3.88 14.05
N VAL A 39 15.26 4.25 14.97
CA VAL A 39 15.25 3.77 16.34
C VAL A 39 13.90 3.10 16.61
N ILE A 40 13.92 1.98 17.31
CA ILE A 40 12.71 1.39 17.86
C ILE A 40 12.54 1.94 19.28
N ALA A 41 11.48 2.72 19.49
CA ALA A 41 11.24 3.33 20.79
C ALA A 41 10.93 2.26 21.84
N PRO A 42 11.18 2.56 23.11
CA PRO A 42 10.88 1.57 24.17
C PRO A 42 9.39 1.31 24.27
N MET A 43 9.03 0.05 24.47
CA MET A 43 7.63 -0.36 24.56
C MET A 43 7.48 -1.43 25.64
N CYS A 44 6.87 -1.04 26.77
CA CYS A 44 6.61 -1.98 27.85
C CYS A 44 5.78 -3.15 27.35
N GLN A 45 6.17 -4.36 27.77
CA GLN A 45 5.48 -5.57 27.38
C GLN A 45 4.67 -6.19 28.51
N TYR A 46 4.94 -5.81 29.76
CA TYR A 46 4.18 -6.29 30.91
C TYR A 46 4.13 -7.82 30.94
N SER A 47 5.26 -8.45 30.62
CA SER A 47 5.32 -9.90 30.49
C SER A 47 6.49 -10.49 31.28
N ALA A 48 7.04 -9.75 32.23
CA ALA A 48 8.15 -10.23 33.03
C ALA A 48 7.63 -10.91 34.29
N VAL A 49 8.49 -11.71 34.90
CA VAL A 49 8.21 -12.35 36.18
C VAL A 49 9.31 -11.94 37.16
N ASP A 50 8.92 -11.22 38.21
CA ASP A 50 9.87 -10.69 39.19
C ASP A 50 10.97 -9.88 38.52
N GLY A 51 10.59 -9.10 37.50
CA GLY A 51 11.52 -8.29 36.74
C GLY A 51 12.39 -9.04 35.76
N ILE A 52 12.26 -10.36 35.67
CA ILE A 52 13.12 -11.18 34.83
C ILE A 52 12.48 -11.32 33.46
N ALA A 53 13.25 -11.00 32.42
CA ALA A 53 12.78 -11.19 31.05
C ALA A 53 12.46 -12.66 30.79
N GLN A 54 11.43 -12.89 29.98
CA GLN A 54 10.87 -14.21 29.74
C GLN A 54 11.02 -14.56 28.25
N ASP A 55 10.45 -15.71 27.86
CA ASP A 55 10.43 -16.10 26.46
C ASP A 55 9.80 -15.02 25.58
N TRP A 56 8.76 -14.37 26.09
CA TRP A 56 8.11 -13.32 25.33
C TRP A 56 9.10 -12.24 24.90
N HIS A 57 9.99 -11.85 25.82
CA HIS A 57 10.93 -10.78 25.52
C HIS A 57 11.98 -11.20 24.50
N LEU A 58 12.41 -12.47 24.52
CA LEU A 58 13.29 -12.97 23.47
C LEU A 58 12.61 -12.94 22.12
N MET A 59 11.36 -13.42 22.07
CA MET A 59 10.59 -13.37 20.82
C MET A 59 10.39 -11.93 20.37
N HIS A 60 10.02 -11.05 21.30
CA HIS A 60 9.69 -9.67 20.94
C HIS A 60 10.95 -8.86 20.61
N LEU A 61 11.92 -8.84 21.53
CA LEU A 61 13.11 -8.01 21.31
C LEU A 61 14.02 -8.60 20.23
N GLY A 62 14.10 -9.93 20.14
CA GLY A 62 14.89 -10.53 19.08
C GLY A 62 14.37 -10.16 17.71
N ARG A 63 13.05 -10.09 17.55
CA ARG A 63 12.45 -9.68 16.30
C ARG A 63 12.81 -8.24 15.97
N LEU A 64 12.70 -7.34 16.96
CA LEU A 64 13.07 -5.95 16.73
C LEU A 64 14.54 -5.80 16.37
N ALA A 65 15.41 -6.65 16.94
CA ALA A 65 16.83 -6.56 16.68
C ALA A 65 17.18 -6.94 15.24
N ILE A 66 16.40 -7.82 14.62
CA ILE A 66 16.65 -8.21 13.24
C ILE A 66 15.75 -7.44 12.27
N SER A 67 15.01 -6.44 12.76
CA SER A 67 14.08 -5.71 11.91
C SER A 67 14.80 -4.87 10.86
N GLY A 68 16.04 -4.47 11.13
CA GLY A 68 16.77 -3.56 10.29
C GLY A 68 17.07 -2.22 10.94
N ALA A 69 16.37 -1.89 12.02
CA ALA A 69 16.65 -0.65 12.74
C ALA A 69 18.06 -0.67 13.29
N GLY A 70 18.68 0.51 13.36
CA GLY A 70 20.04 0.60 13.86
C GLY A 70 20.14 0.60 15.38
N LEU A 71 19.04 0.89 16.07
CA LEU A 71 19.05 0.99 17.52
C LEU A 71 17.70 0.52 18.05
N VAL A 72 17.74 -0.40 19.01
CA VAL A 72 16.54 -0.88 19.69
C VAL A 72 16.66 -0.50 21.15
N ILE A 73 15.66 0.20 21.67
CA ILE A 73 15.65 0.61 23.08
C ILE A 73 14.72 -0.31 23.84
N VAL A 74 15.28 -1.10 24.76
CA VAL A 74 14.47 -1.97 25.59
C VAL A 74 13.55 -1.14 26.47
N GLU A 75 12.34 -1.66 26.72
CA GLU A 75 11.30 -1.01 27.52
C GLU A 75 11.79 -0.49 28.86
N ALA A 76 10.99 0.41 29.47
CA ALA A 76 11.31 0.96 30.79
C ALA A 76 11.57 -0.15 31.79
N THR A 77 12.77 -0.13 32.37
CA THR A 77 13.24 -1.17 33.27
C THR A 77 13.46 -0.55 34.65
N GLY A 78 12.80 -1.11 35.66
CA GLY A 78 12.85 -0.52 36.98
C GLY A 78 14.22 -0.71 37.63
N VAL A 79 14.74 0.37 38.22
CA VAL A 79 16.04 0.30 38.89
C VAL A 79 15.94 -0.30 40.28
N ASN A 80 14.72 -0.43 40.82
CA ASN A 80 14.47 -1.18 42.04
C ASN A 80 13.02 -1.65 42.00
N PRO A 81 12.63 -2.60 42.85
CA PRO A 81 11.27 -3.15 42.74
C PRO A 81 10.16 -2.11 42.76
N GLU A 82 10.28 -1.10 43.62
CA GLU A 82 9.24 -0.08 43.73
C GLU A 82 9.28 0.93 42.59
N GLY A 83 10.32 0.92 41.76
CA GLY A 83 10.38 1.78 40.60
C GLY A 83 9.74 1.21 39.36
N ARG A 84 9.35 -0.06 39.39
CA ARG A 84 8.62 -0.66 38.29
C ARG A 84 7.25 -0.01 38.15
N ILE A 85 6.78 0.13 36.91
CA ILE A 85 5.43 0.61 36.69
C ILE A 85 4.41 -0.40 37.20
N THR A 86 4.64 -1.68 36.92
CA THR A 86 3.73 -2.76 37.26
C THR A 86 4.55 -3.90 37.84
N PRO A 87 3.89 -4.85 38.52
CA PRO A 87 4.60 -6.06 38.96
C PRO A 87 5.07 -6.94 37.80
N PHE A 88 4.74 -6.59 36.56
CA PHE A 88 5.12 -7.40 35.40
C PHE A 88 6.14 -6.70 34.52
N CYS A 89 6.75 -5.62 35.02
CA CYS A 89 7.75 -4.87 34.28
C CYS A 89 9.14 -5.48 34.47
N LEU A 90 10.04 -5.15 33.55
CA LEU A 90 11.42 -5.54 33.68
C LEU A 90 12.09 -4.81 34.85
N GLY A 91 13.03 -5.49 35.49
CA GLY A 91 13.89 -4.85 36.47
C GLY A 91 15.34 -5.15 36.14
N LEU A 92 16.22 -4.29 36.65
CA LEU A 92 17.66 -4.49 36.50
C LEU A 92 18.34 -4.18 37.83
N TYR A 93 18.03 -5.00 38.84
CA TYR A 93 18.59 -4.81 40.17
C TYR A 93 19.08 -6.11 40.81
N ASN A 94 19.22 -7.19 40.04
CA ASN A 94 19.86 -8.40 40.55
C ASN A 94 20.49 -9.17 39.41
N ASP A 95 21.27 -10.21 39.77
CA ASP A 95 22.04 -10.96 38.79
C ASP A 95 21.15 -11.78 37.85
N GLU A 96 20.02 -12.27 38.34
CA GLU A 96 19.15 -13.08 37.51
C GLU A 96 18.53 -12.24 36.39
N GLN A 97 18.13 -11.02 36.69
CA GLN A 97 17.60 -10.12 35.66
C GLN A 97 18.69 -9.71 34.67
N GLU A 98 19.91 -9.47 35.16
CA GLU A 98 21.01 -9.10 34.28
C GLU A 98 21.36 -10.22 33.32
N ALA A 99 21.36 -11.47 33.80
CA ALA A 99 21.71 -12.59 32.94
C ALA A 99 20.67 -12.79 31.84
N ALA A 100 19.39 -12.64 32.18
CA ALA A 100 18.34 -12.81 31.18
C ALA A 100 18.42 -11.74 30.10
N LEU A 101 18.70 -10.50 30.48
CA LEU A 101 18.84 -9.44 29.48
C LEU A 101 20.10 -9.63 28.64
N GLY A 102 21.19 -10.07 29.26
CA GLY A 102 22.41 -10.33 28.50
C GLY A 102 22.23 -11.41 27.45
N ARG A 103 21.39 -12.41 27.74
CA ARG A 103 21.09 -13.45 26.75
C ARG A 103 20.41 -12.86 25.53
N ILE A 104 19.50 -11.90 25.74
CA ILE A 104 18.81 -11.26 24.63
C ILE A 104 19.75 -10.36 23.84
N VAL A 105 20.63 -9.62 24.55
CA VAL A 105 21.62 -8.81 23.84
C VAL A 105 22.53 -9.70 23.00
N ALA A 106 22.88 -10.88 23.51
CA ALA A 106 23.74 -11.78 22.74
C ALA A 106 23.03 -12.28 21.50
N PHE A 107 21.73 -12.56 21.59
CA PHE A 107 20.96 -12.92 20.41
C PHE A 107 20.98 -11.79 19.38
N ALA A 108 20.84 -10.55 19.85
CA ALA A 108 20.85 -9.41 18.94
C ALA A 108 22.19 -9.27 18.24
N ARG A 109 23.28 -9.53 18.97
CA ARG A 109 24.61 -9.39 18.39
C ARG A 109 24.84 -10.40 17.28
N GLU A 110 24.26 -11.60 17.40
CA GLU A 110 24.57 -12.66 16.45
C GLU A 110 23.75 -12.58 15.17
N PHE A 111 22.53 -12.03 15.23
CA PHE A 111 21.62 -12.10 14.10
C PHE A 111 21.20 -10.76 13.53
N GLY A 112 21.21 -9.68 14.32
CA GLY A 112 20.73 -8.40 13.87
C GLY A 112 21.85 -7.39 13.67
N GLN A 113 21.48 -6.25 13.09
CA GLN A 113 22.40 -5.13 12.92
C GLN A 113 22.07 -3.96 13.85
N ALA A 114 21.16 -4.15 14.80
CA ALA A 114 20.81 -3.11 15.76
C ALA A 114 21.76 -3.14 16.95
N LYS A 115 22.14 -1.95 17.41
CA LYS A 115 22.76 -1.81 18.72
C LYS A 115 21.66 -1.85 19.77
N MET A 116 21.97 -2.41 20.94
CA MET A 116 20.99 -2.56 21.99
C MET A 116 21.15 -1.47 23.04
N ALA A 117 20.06 -0.78 23.34
CA ALA A 117 19.99 0.19 24.41
C ALA A 117 18.91 -0.24 25.39
N ILE A 118 18.93 0.32 26.58
CA ILE A 118 17.92 0.03 27.60
C ILE A 118 17.49 1.34 28.26
N GLN A 119 16.21 1.46 28.55
CA GLN A 119 15.65 2.61 29.23
C GLN A 119 15.58 2.31 30.72
N LEU A 120 16.40 3.00 31.50
CA LEU A 120 16.37 2.85 32.95
C LEU A 120 15.37 3.84 33.54
N ALA A 121 14.48 3.34 34.40
CA ALA A 121 13.33 4.14 34.82
C ALA A 121 13.05 3.91 36.30
N HIS A 122 12.32 4.89 36.86
CA HIS A 122 11.66 4.75 38.14
C HIS A 122 10.28 5.38 37.98
N ALA A 123 9.23 4.60 38.24
CA ALA A 123 7.88 5.09 37.94
C ALA A 123 7.40 6.14 38.93
N GLY A 124 8.04 6.25 40.10
CA GLY A 124 7.61 7.26 41.04
C GLY A 124 6.17 7.05 41.47
N ARG A 125 5.40 8.15 41.49
CA ARG A 125 4.02 8.08 41.93
C ARG A 125 3.11 7.32 40.97
N LYS A 126 3.60 6.92 39.80
CA LYS A 126 2.80 6.16 38.84
C LYS A 126 3.11 4.66 38.90
N ALA A 127 3.78 4.21 39.97
CA ALA A 127 4.15 2.80 40.09
C ALA A 127 3.00 1.98 40.63
N SER A 128 3.22 0.66 40.68
CA SER A 128 2.31 -0.29 41.33
C SER A 128 0.94 -0.32 40.65
N THR A 129 0.93 -0.30 39.33
CA THR A 129 -0.30 -0.28 38.56
C THR A 129 -0.50 -1.60 37.81
N ARG A 130 -1.65 -1.72 37.17
CA ARG A 130 -2.04 -2.94 36.48
C ARG A 130 -1.58 -2.92 35.03
N ARG A 131 -1.66 -4.09 34.40
CA ARG A 131 -1.46 -4.17 32.96
C ARG A 131 -2.47 -3.27 32.26
N PRO A 132 -2.09 -2.61 31.16
CA PRO A 132 -3.05 -1.74 30.46
C PRO A 132 -4.30 -2.47 29.98
N TRP A 133 -4.21 -3.76 29.68
CA TRP A 133 -5.39 -4.50 29.26
C TRP A 133 -6.14 -5.12 30.44
N ASP A 134 -5.76 -4.79 31.67
CA ASP A 134 -6.50 -5.14 32.88
C ASP A 134 -6.82 -3.85 33.61
N PRO A 135 -7.80 -3.09 33.14
CA PRO A 135 -8.06 -1.77 33.71
C PRO A 135 -8.56 -1.88 35.14
N GLY A 136 -8.22 -0.88 35.94
CA GLY A 136 -8.60 -0.87 37.33
C GLY A 136 -7.68 0.05 38.12
N SER A 137 -7.94 0.09 39.42
CA SER A 137 -7.15 0.91 40.32
C SER A 137 -5.77 0.30 40.51
N PRO A 138 -4.78 1.11 40.91
CA PRO A 138 -3.47 0.55 41.25
C PRO A 138 -3.57 -0.53 42.30
N TYR A 139 -2.65 -1.49 42.24
CA TYR A 139 -2.58 -2.54 43.25
C TYR A 139 -2.28 -1.92 44.61
N SER A 140 -3.14 -2.21 45.59
CA SER A 140 -2.88 -1.80 46.95
C SER A 140 -1.77 -2.68 47.56
N PRO A 141 -1.13 -2.23 48.63
CA PRO A 141 -0.07 -3.05 49.24
C PRO A 141 -0.52 -4.45 49.63
N GLU A 142 -1.76 -4.63 50.07
CA GLU A 142 -2.24 -5.96 50.41
C GLU A 142 -2.61 -6.79 49.20
N GLU A 143 -2.81 -6.18 48.03
CA GLU A 143 -3.07 -6.92 46.80
C GLU A 143 -1.78 -7.34 46.10
N GLY A 144 -0.62 -7.14 46.73
CA GLY A 144 0.65 -7.38 46.10
C GLY A 144 1.33 -6.15 45.55
N GLY A 145 0.73 -4.97 45.72
CA GLY A 145 1.30 -3.72 45.28
C GLY A 145 2.22 -3.12 46.33
N TRP A 146 2.45 -1.82 46.20
CA TRP A 146 3.33 -1.11 47.11
C TRP A 146 3.00 0.37 47.06
N GLN A 147 3.27 1.06 48.17
CA GLN A 147 3.14 2.50 48.20
C GLN A 147 4.27 3.16 47.41
N THR A 148 3.93 4.21 46.67
CA THR A 148 4.85 4.83 45.74
C THR A 148 5.67 5.94 46.40
N TRP A 149 6.74 6.33 45.71
CA TRP A 149 7.62 7.41 46.12
C TRP A 149 7.55 8.53 45.10
N ALA A 150 7.75 9.77 45.53
CA ALA A 150 7.58 10.92 44.65
C ALA A 150 8.30 12.11 45.26
N PRO A 151 8.58 13.15 44.45
CA PRO A 151 9.16 14.36 45.04
C PRO A 151 8.24 15.03 46.05
N SER A 152 6.93 15.01 45.80
CA SER A 152 5.96 15.61 46.70
C SER A 152 4.80 14.65 46.89
N ALA A 153 4.09 14.83 48.00
CA ALA A 153 2.95 13.97 48.34
C ALA A 153 1.71 14.42 47.57
N ILE A 154 1.80 14.25 46.25
CA ILE A 154 0.73 14.62 45.32
C ILE A 154 0.40 13.41 44.48
N LYS A 155 -0.89 13.05 44.44
CA LYS A 155 -1.32 11.82 43.80
C LYS A 155 -1.51 12.01 42.30
N PHE A 156 -1.19 10.98 41.53
CA PHE A 156 -1.66 10.87 40.15
C PHE A 156 -2.98 10.11 40.12
N TYR A 157 -3.03 8.96 40.79
CA TYR A 157 -4.26 8.18 40.93
C TYR A 157 -4.91 8.55 42.26
N GLU A 158 -6.13 9.09 42.19
CA GLU A 158 -6.81 9.55 43.39
C GLU A 158 -7.24 8.39 44.29
N GLU A 159 -7.35 7.18 43.75
CA GLU A 159 -7.85 6.04 44.50
C GLU A 159 -6.78 5.32 45.31
N SER A 160 -5.50 5.66 45.14
CA SER A 160 -4.43 4.91 45.78
C SER A 160 -3.83 5.73 46.92
N LEU A 161 -2.81 5.16 47.55
CA LEU A 161 -2.17 5.82 48.68
C LEU A 161 -1.39 7.04 48.21
N THR A 162 -1.40 8.09 49.04
CA THR A 162 -0.59 9.26 48.75
C THR A 162 0.89 8.85 48.73
N PRO A 163 1.64 9.22 47.69
CA PRO A 163 3.04 8.80 47.61
C PRO A 163 3.88 9.37 48.74
N HIS A 164 4.92 8.63 49.10
N HIS A 164 4.94 8.66 49.07
CA HIS A 164 5.90 9.10 50.06
CA HIS A 164 5.86 9.11 50.11
C HIS A 164 6.67 10.28 49.46
C HIS A 164 6.76 10.23 49.55
N PRO A 165 6.72 11.43 50.11
CA PRO A 165 7.65 12.48 49.67
C PRO A 165 9.07 12.08 50.03
N MET A 166 9.96 12.13 49.04
CA MET A 166 11.28 11.54 49.19
C MET A 166 12.19 12.42 50.04
N SER A 167 12.83 11.81 51.03
CA SER A 167 13.82 12.47 51.87
C SER A 167 15.16 12.55 51.15
N ILE A 168 16.14 13.17 51.80
CA ILE A 168 17.47 13.31 51.22
C ILE A 168 18.12 11.95 51.01
N GLU A 169 17.95 11.03 51.97
CA GLU A 169 18.49 9.69 51.79
C GLU A 169 17.75 8.93 50.69
N ASP A 170 16.45 9.19 50.52
CA ASP A 170 15.71 8.58 49.41
C ASP A 170 16.29 9.01 48.08
N LEU A 171 16.62 10.29 47.92
CA LEU A 171 17.24 10.77 46.70
C LEU A 171 18.55 10.04 46.44
N GLU A 172 19.39 9.93 47.46
CA GLU A 172 20.68 9.26 47.32
C GLU A 172 20.49 7.78 47.00
N THR A 173 19.46 7.16 47.57
CA THR A 173 19.22 5.73 47.36
C THR A 173 18.80 5.45 45.92
N VAL A 174 17.81 6.20 45.42
CA VAL A 174 17.34 5.99 44.06
C VAL A 174 18.43 6.34 43.04
N LYS A 175 19.19 7.40 43.32
CA LYS A 175 20.29 7.76 42.43
C LYS A 175 21.30 6.62 42.34
N GLN A 176 21.63 6.01 43.49
CA GLN A 176 22.54 4.88 43.49
C GLN A 176 21.94 3.67 42.78
N ASP A 177 20.61 3.49 42.86
CA ASP A 177 19.97 2.40 42.13
C ASP A 177 20.09 2.61 40.63
N PHE A 178 19.94 3.85 40.16
CA PHE A 178 20.19 4.16 38.76
C PHE A 178 21.63 3.82 38.37
N VAL A 179 22.58 4.19 39.22
CA VAL A 179 23.99 3.90 38.95
C VAL A 179 24.22 2.40 38.86
N ASN A 180 23.67 1.64 39.82
CA ASN A 180 23.89 0.20 39.83
C ASN A 180 23.26 -0.48 38.62
N SER A 181 22.04 -0.07 38.25
CA SER A 181 21.40 -0.62 37.06
C SER A 181 22.20 -0.29 35.81
N ALA A 182 22.74 0.93 35.72
CA ALA A 182 23.56 1.31 34.57
C ALA A 182 24.78 0.42 34.45
N ILE A 183 25.44 0.15 35.57
CA ILE A 183 26.62 -0.72 35.57
C ILE A 183 26.23 -2.13 35.13
N ARG A 184 25.09 -2.63 35.63
CA ARG A 184 24.61 -3.94 35.20
C ARG A 184 24.30 -3.95 33.70
N ALA A 185 23.68 -2.89 33.20
CA ALA A 185 23.34 -2.82 31.78
C ALA A 185 24.58 -2.85 30.91
N GLU A 186 25.60 -2.07 31.27
CA GLU A 186 26.87 -2.08 30.54
C GLU A 186 27.50 -3.46 30.55
N ARG A 187 27.42 -4.16 31.69
CA ARG A 187 28.00 -5.49 31.80
C ARG A 187 27.25 -6.52 30.97
N ALA A 188 25.93 -6.34 30.82
CA ALA A 188 25.12 -7.26 30.03
C ALA A 188 25.26 -7.07 28.53
N GLY A 189 25.95 -6.01 28.08
CA GLY A 189 26.21 -5.82 26.67
C GLY A 189 25.48 -4.66 26.03
N PHE A 190 24.66 -3.91 26.79
CA PHE A 190 24.02 -2.73 26.23
C PHE A 190 25.07 -1.67 25.93
N LYS A 191 24.94 -1.03 24.77
CA LYS A 191 25.88 -0.01 24.34
C LYS A 191 25.38 1.40 24.59
N ALA A 192 24.12 1.56 24.97
CA ALA A 192 23.57 2.87 25.26
C ALA A 192 22.53 2.73 26.35
N ILE A 193 22.35 3.81 27.11
CA ILE A 193 21.36 3.87 28.18
C ILE A 193 20.50 5.11 27.95
N GLU A 194 19.19 4.95 28.12
CA GLU A 194 18.26 6.06 28.08
C GLU A 194 17.65 6.22 29.47
N LEU A 195 17.85 7.39 30.08
CA LEU A 195 17.22 7.69 31.35
C LEU A 195 15.80 8.18 31.09
N HIS A 196 14.83 7.59 31.79
CA HIS A 196 13.41 7.87 31.53
C HIS A 196 13.01 9.11 32.31
N GLY A 197 13.15 10.28 31.68
CA GLY A 197 12.73 11.51 32.30
C GLY A 197 11.44 12.04 31.73
N ALA A 198 10.60 11.16 31.20
CA ALA A 198 9.40 11.55 30.48
C ALA A 198 8.17 10.83 31.04
N HIS A 199 7.03 11.13 30.43
CA HIS A 199 5.78 10.37 30.57
C HIS A 199 5.32 10.27 32.02
N GLY A 200 5.65 11.28 32.83
CA GLY A 200 5.10 11.42 34.16
C GLY A 200 5.73 10.56 35.23
N TYR A 201 6.88 9.95 34.97
CA TYR A 201 7.51 9.10 35.96
C TYR A 201 8.44 9.96 36.83
N LEU A 202 9.31 9.31 37.61
CA LEU A 202 9.93 9.98 38.76
C LEU A 202 10.71 11.22 38.34
N ILE A 203 11.63 11.08 37.37
CA ILE A 203 12.45 12.22 36.96
C ILE A 203 11.56 13.34 36.43
N HIS A 204 10.58 13.00 35.60
CA HIS A 204 9.63 14.00 35.10
C HIS A 204 8.87 14.65 36.25
N GLN A 205 8.53 13.86 37.28
CA GLN A 205 7.82 14.41 38.44
C GLN A 205 8.64 15.49 39.13
N PHE A 206 9.96 15.36 39.15
CA PHE A 206 10.81 16.39 39.72
C PHE A 206 10.86 17.63 38.83
N LEU A 207 10.84 17.44 37.51
CA LEU A 207 11.03 18.57 36.60
C LEU A 207 9.82 19.49 36.58
N SER A 208 8.62 18.94 36.77
CA SER A 208 7.47 19.78 36.50
C SER A 208 6.92 20.39 37.78
N PRO A 209 6.50 21.66 37.71
CA PRO A 209 5.93 22.31 38.90
C PRO A 209 4.57 21.75 39.30
N LEU A 210 3.88 21.03 38.41
CA LEU A 210 2.59 20.45 38.77
C LEU A 210 2.75 19.28 39.73
N SER A 211 3.91 18.63 39.74
CA SER A 211 4.15 17.49 40.61
C SER A 211 5.23 17.74 41.66
N ASN A 212 6.11 18.71 41.44
CA ASN A 212 7.19 19.04 42.38
C ASN A 212 6.79 20.31 43.13
N GLN A 213 6.41 20.15 44.40
CA GLN A 213 6.10 21.29 45.27
C GLN A 213 7.05 21.34 46.46
N ARG A 214 8.26 20.79 46.29
CA ARG A 214 9.24 20.76 47.36
C ARG A 214 9.69 22.17 47.74
N GLN A 215 10.15 22.30 48.99
CA GLN A 215 10.61 23.58 49.53
C GLN A 215 12.12 23.63 49.74
N ASP A 216 12.83 22.53 49.48
CA ASP A 216 14.27 22.49 49.65
C ASP A 216 14.95 22.85 48.33
N GLN A 217 16.22 22.48 48.16
CA GLN A 217 16.97 22.84 46.97
C GLN A 217 16.63 21.98 45.76
N TYR A 218 15.61 21.12 45.86
CA TYR A 218 15.18 20.28 44.76
C TYR A 218 13.81 20.66 44.23
N GLY A 219 13.23 21.76 44.73
CA GLY A 219 11.97 22.25 44.22
C GLY A 219 11.95 23.77 44.19
N GLY A 220 10.96 24.31 43.47
CA GLY A 220 10.84 25.74 43.33
C GLY A 220 11.30 26.24 41.97
N SER A 221 12.50 26.84 41.93
CA SER A 221 13.03 27.36 40.69
C SER A 221 13.29 26.23 39.69
N LEU A 222 13.47 26.61 38.42
CA LEU A 222 13.86 25.64 37.41
C LEU A 222 15.19 24.99 37.76
N GLU A 223 16.14 25.78 38.26
CA GLU A 223 17.45 25.28 38.67
C GLU A 223 17.31 24.20 39.73
N ASN A 224 16.37 24.40 40.67
CA ASN A 224 16.13 23.42 41.72
C ASN A 224 15.43 22.17 41.19
N ARG A 225 14.44 22.36 40.31
CA ARG A 225 13.71 21.21 39.78
C ARG A 225 14.60 20.34 38.89
N MET A 226 15.58 20.95 38.21
CA MET A 226 16.53 20.18 37.40
C MET A 226 17.61 19.51 38.24
N ARG A 227 17.76 19.87 39.51
CA ARG A 227 18.96 19.51 40.26
C ARG A 227 19.08 17.99 40.43
N TYR A 228 18.02 17.34 40.89
CA TYR A 228 18.11 15.89 41.12
C TYR A 228 18.21 15.11 39.81
N PRO A 229 17.41 15.38 38.77
CA PRO A 229 17.64 14.68 37.50
C PRO A 229 19.04 14.84 36.94
N LEU A 230 19.64 16.04 37.05
CA LEU A 230 21.00 16.23 36.57
C LEU A 230 22.02 15.48 37.41
N GLU A 231 21.77 15.34 38.72
CA GLU A 231 22.64 14.52 39.56
C GLU A 231 22.62 13.06 39.12
N ILE A 232 21.42 12.53 38.83
CA ILE A 232 21.31 11.15 38.35
C ILE A 232 22.11 10.97 37.07
N LEU A 233 21.95 11.90 36.12
CA LEU A 233 22.69 11.82 34.87
C LEU A 233 24.20 11.85 35.10
N SER A 234 24.67 12.82 35.91
CA SER A 234 26.10 12.91 36.17
C SER A 234 26.63 11.67 36.88
N ALA A 235 25.87 11.16 37.86
CA ALA A 235 26.32 9.96 38.57
C ALA A 235 26.35 8.75 37.65
N VAL A 236 25.34 8.61 36.79
CA VAL A 236 25.34 7.50 35.84
C VAL A 236 26.50 7.63 34.85
N LYS A 237 26.69 8.84 34.31
CA LYS A 237 27.77 9.06 33.35
C LYS A 237 29.14 8.79 33.97
N HIS A 238 29.30 9.11 35.26
CA HIS A 238 30.59 8.94 35.91
C HIS A 238 30.90 7.48 36.21
N ALA A 239 29.87 6.66 36.40
CA ALA A 239 30.05 5.26 36.78
C ALA A 239 30.30 4.33 35.59
N LEU A 240 30.13 4.81 34.36
CA LEU A 240 30.28 3.98 33.18
C LEU A 240 31.58 4.32 32.45
N SER A 241 32.01 3.41 31.58
CA SER A 241 33.13 3.70 30.70
C SER A 241 32.78 4.87 29.77
N ALA A 242 33.83 5.51 29.25
CA ALA A 242 33.62 6.75 28.50
C ALA A 242 32.89 6.52 27.18
N GLU A 243 33.01 5.32 26.60
CA GLU A 243 32.36 5.07 25.32
C GLU A 243 30.87 4.73 25.47
N MET A 244 30.39 4.49 26.69
CA MET A 244 28.97 4.27 26.89
C MET A 244 28.20 5.55 26.59
N VAL A 245 27.09 5.40 25.87
CA VAL A 245 26.22 6.52 25.52
C VAL A 245 25.07 6.55 26.53
N VAL A 246 24.89 7.69 27.18
CA VAL A 246 23.78 7.89 28.11
C VAL A 246 22.95 9.05 27.59
N GLY A 247 21.68 8.78 27.30
CA GLY A 247 20.76 9.78 26.81
C GLY A 247 19.62 10.02 27.80
N MET A 248 18.79 10.98 27.43
CA MET A 248 17.66 11.39 28.26
C MET A 248 16.42 11.44 27.38
N ARG A 249 15.38 10.71 27.77
CA ARG A 249 14.07 10.89 27.16
C ARG A 249 13.30 11.90 28.00
N ILE A 250 12.74 12.91 27.34
CA ILE A 250 12.07 14.01 28.02
C ILE A 250 10.63 14.10 27.54
N SER A 251 9.79 14.69 28.39
CA SER A 251 8.50 15.21 27.99
C SER A 251 8.66 16.72 27.85
N ALA A 252 8.69 17.21 26.61
CA ALA A 252 9.03 18.60 26.37
C ALA A 252 7.97 19.55 26.92
N VAL A 253 6.71 19.15 26.94
CA VAL A 253 5.61 19.93 27.52
C VAL A 253 4.69 18.98 28.25
N ASP A 254 3.87 19.54 29.14
CA ASP A 254 2.94 18.75 29.93
C ASP A 254 1.53 18.74 29.38
N TRP A 255 1.21 19.58 28.39
CA TRP A 255 -0.14 19.68 27.83
C TRP A 255 -1.17 20.02 28.90
N ALA A 256 -0.75 20.72 29.94
CA ALA A 256 -1.61 21.13 31.04
C ALA A 256 -1.18 22.52 31.49
N PRO A 257 -2.13 23.35 31.95
CA PRO A 257 -1.77 24.70 32.39
C PRO A 257 -0.84 24.65 33.59
N GLY A 258 0.21 25.46 33.54
CA GLY A 258 1.15 25.56 34.63
C GLY A 258 2.24 24.52 34.64
N GLY A 259 2.38 23.73 33.57
CA GLY A 259 3.36 22.67 33.52
C GLY A 259 4.63 23.10 32.81
N LEU A 260 5.43 22.09 32.45
CA LEU A 260 6.68 22.34 31.74
C LEU A 260 6.43 23.00 30.39
N THR A 261 7.29 23.94 30.05
CA THR A 261 7.25 24.63 28.77
C THR A 261 8.43 24.18 27.93
N ILE A 262 8.35 24.42 26.62
CA ILE A 262 9.44 24.07 25.73
C ILE A 262 10.70 24.86 26.10
N GLU A 263 10.53 26.08 26.61
CA GLU A 263 11.67 26.87 27.07
C GLU A 263 12.38 26.18 28.22
N GLU A 264 11.62 25.65 29.18
CA GLU A 264 12.24 24.93 30.30
C GLU A 264 12.88 23.63 29.82
N SER A 265 12.22 22.92 28.89
CA SER A 265 12.79 21.68 28.38
C SER A 265 14.05 21.92 27.56
N ILE A 266 14.12 23.05 26.85
CA ILE A 266 15.35 23.42 26.16
C ILE A 266 16.49 23.59 27.16
N THR A 267 16.23 24.32 28.25
CA THR A 267 17.27 24.53 29.27
C THR A 267 17.72 23.22 29.88
N PHE A 268 16.77 22.35 30.23
CA PHE A 268 17.13 21.06 30.80
C PHE A 268 17.94 20.23 29.82
N SER A 269 17.55 20.25 28.54
CA SER A 269 18.30 19.49 27.52
C SER A 269 19.72 20.03 27.35
N GLN A 270 19.88 21.35 27.43
CA GLN A 270 21.20 21.94 27.37
C GLN A 270 22.03 21.58 28.60
N GLU A 271 21.40 21.54 29.77
CA GLU A 271 22.11 21.11 30.97
C GLU A 271 22.50 19.65 30.89
N CYS A 272 21.65 18.81 30.26
CA CYS A 272 21.98 17.41 30.10
C CYS A 272 23.23 17.22 29.24
N GLU A 273 23.33 17.98 28.14
CA GLU A 273 24.50 17.87 27.27
C GLU A 273 25.77 18.24 28.02
N LYS A 274 25.70 19.28 28.85
CA LYS A 274 26.85 19.71 29.63
C LYS A 274 27.30 18.66 30.63
N ARG A 275 26.42 17.76 31.06
N ARG A 275 26.41 17.77 31.06
CA ARG A 275 26.78 16.67 31.95
CA ARG A 275 26.77 16.67 31.95
C ARG A 275 27.25 15.42 31.19
C ARG A 275 27.26 15.43 31.20
N GLY A 276 27.22 15.44 29.87
CA GLY A 276 27.66 14.32 29.07
C GLY A 276 26.58 13.48 28.43
N ALA A 277 25.33 13.95 28.41
CA ALA A 277 24.28 13.21 27.74
C ALA A 277 24.59 13.07 26.25
N GLY A 278 24.31 11.88 25.71
CA GLY A 278 24.67 11.59 24.33
C GLY A 278 23.58 11.86 23.32
N PHE A 279 22.33 11.98 23.79
CA PHE A 279 21.21 12.27 22.90
C PHE A 279 20.02 12.70 23.75
N ILE A 280 19.07 13.36 23.09
CA ILE A 280 17.79 13.72 23.70
C ILE A 280 16.69 13.05 22.89
N HIS A 281 15.86 12.26 23.56
CA HIS A 281 14.71 11.60 22.95
C HIS A 281 13.48 12.42 23.36
N VAL A 282 12.82 13.05 22.39
CA VAL A 282 11.86 14.11 22.66
C VAL A 282 10.45 13.56 22.54
N SER A 283 9.80 13.37 23.69
CA SER A 283 8.39 13.02 23.78
C SER A 283 7.65 14.15 24.52
N THR A 284 6.38 13.92 24.84
CA THR A 284 5.57 14.89 25.57
C THR A 284 4.58 14.17 26.47
N GLY A 285 4.02 14.91 27.42
CA GLY A 285 2.86 14.45 28.16
C GLY A 285 3.15 13.41 29.22
N GLY A 286 2.07 12.92 29.84
CA GLY A 286 2.11 11.83 30.79
C GLY A 286 2.13 12.21 32.25
N LEU A 287 2.20 13.50 32.58
CA LEU A 287 2.40 13.87 33.99
C LEU A 287 1.08 13.90 34.76
N VAL A 288 0.03 14.47 34.20
CA VAL A 288 -1.25 14.61 34.88
C VAL A 288 -2.36 14.05 33.98
N ALA A 289 -3.41 13.54 34.62
CA ALA A 289 -4.49 12.90 33.87
C ALA A 289 -5.33 13.91 33.09
N HIS A 290 -5.44 15.15 33.58
CA HIS A 290 -6.25 16.16 32.91
C HIS A 290 -5.51 16.86 31.77
N GLN A 291 -4.52 16.20 31.19
CA GLN A 291 -3.83 16.74 30.03
C GLN A 291 -4.72 16.69 28.79
N GLN A 292 -4.49 17.62 27.87
CA GLN A 292 -5.20 17.68 26.59
C GLN A 292 -4.13 17.68 25.49
N ILE A 293 -3.98 16.54 24.83
CA ILE A 293 -2.90 16.33 23.86
C ILE A 293 -3.48 16.42 22.46
N PRO A 294 -2.99 17.33 21.60
CA PRO A 294 -3.45 17.44 20.20
C PRO A 294 -2.80 16.38 19.32
N VAL A 295 -3.27 15.15 19.48
CA VAL A 295 -2.65 14.00 18.82
C VAL A 295 -2.86 14.06 17.31
N GLY A 296 -1.81 13.70 16.56
CA GLY A 296 -1.85 13.67 15.12
C GLY A 296 -0.49 13.30 14.55
N PRO A 297 -0.44 13.00 13.23
CA PRO A 297 0.84 12.65 12.60
C PRO A 297 1.92 13.69 12.84
N GLY A 298 3.01 13.28 13.50
CA GLY A 298 4.11 14.18 13.77
C GLY A 298 3.80 15.30 14.74
N TYR A 299 2.92 15.05 15.71
CA TYR A 299 2.50 16.12 16.61
C TYR A 299 3.55 16.49 17.64
N GLN A 300 4.64 15.73 17.75
CA GLN A 300 5.74 16.05 18.65
C GLN A 300 7.02 16.42 17.89
N VAL A 301 6.93 16.52 16.56
CA VAL A 301 8.11 16.81 15.76
C VAL A 301 8.54 18.27 15.94
N GLU A 302 7.57 19.18 16.08
CA GLU A 302 7.91 20.58 16.35
C GLU A 302 8.71 20.70 17.64
N HIS A 303 8.36 19.93 18.67
CA HIS A 303 9.11 19.98 19.92
C HIS A 303 10.52 19.44 19.73
N ALA A 304 10.68 18.40 18.91
CA ALA A 304 12.02 17.87 18.64
C ALA A 304 12.88 18.90 17.92
N GLN A 305 12.30 19.64 16.98
CA GLN A 305 13.05 20.67 16.27
C GLN A 305 13.48 21.80 17.19
N ALA A 306 12.62 22.18 18.14
CA ALA A 306 12.99 23.20 19.11
C ALA A 306 14.19 22.75 19.94
N ILE A 307 14.23 21.49 20.35
CA ILE A 307 15.37 20.98 21.09
C ILE A 307 16.60 20.90 20.19
N LYS A 308 16.43 20.38 18.97
CA LYS A 308 17.56 20.18 18.06
C LYS A 308 18.26 21.49 17.75
N GLN A 309 17.51 22.58 17.62
CA GLN A 309 18.08 23.88 17.30
C GLN A 309 18.84 24.50 18.47
N ASN A 310 18.80 23.90 19.66
CA ASN A 310 19.43 24.48 20.83
C ASN A 310 20.41 23.56 21.54
N VAL A 311 20.69 22.37 21.01
CA VAL A 311 21.69 21.46 21.55
C VAL A 311 22.59 20.99 20.42
N ASN A 312 23.76 20.47 20.78
CA ASN A 312 24.70 19.91 19.82
C ASN A 312 24.84 18.41 19.94
N ILE A 313 23.84 17.74 20.53
CA ILE A 313 23.81 16.28 20.58
C ILE A 313 22.62 15.82 19.74
N PRO A 314 22.61 14.57 19.27
CA PRO A 314 21.51 14.10 18.42
C PRO A 314 20.17 14.16 19.13
N THR A 315 19.13 14.49 18.35
CA THR A 315 17.76 14.57 18.81
C THR A 315 16.92 13.50 18.10
N MET A 316 16.15 12.74 18.88
CA MET A 316 15.27 11.71 18.34
C MET A 316 13.83 12.21 18.34
N ALA A 317 13.18 12.15 17.18
CA ALA A 317 11.77 12.48 17.08
C ALA A 317 10.94 11.20 17.16
N VAL A 318 9.74 11.33 17.72
CA VAL A 318 8.84 10.21 17.91
C VAL A 318 7.41 10.73 17.94
N GLY A 319 6.46 9.88 17.59
CA GLY A 319 5.06 10.20 17.74
C GLY A 319 4.27 10.16 16.45
N LEU A 320 3.62 9.03 16.21
CA LEU A 320 2.79 8.84 15.01
C LEU A 320 3.60 9.08 13.74
N ILE A 321 4.84 8.61 13.74
CA ILE A 321 5.65 8.52 12.52
C ILE A 321 5.47 7.11 11.97
N THR A 322 4.76 7.00 10.84
CA THR A 322 4.32 5.71 10.33
C THR A 322 4.73 5.40 8.89
N HIS A 323 5.27 6.37 8.15
CA HIS A 323 5.62 6.14 6.76
C HIS A 323 7.02 6.66 6.47
N SER A 324 7.69 5.96 5.54
CA SER A 324 9.09 6.26 5.23
C SER A 324 9.27 7.68 4.71
N ALA A 325 8.36 8.15 3.84
CA ALA A 325 8.49 9.50 3.30
C ALA A 325 8.31 10.54 4.38
N GLN A 326 7.41 10.28 5.35
CA GLN A 326 7.26 11.16 6.48
C GLN A 326 8.52 11.19 7.33
N ALA A 327 9.10 10.01 7.58
CA ALA A 327 10.32 9.95 8.39
C ALA A 327 11.47 10.67 7.69
N GLU A 328 11.63 10.46 6.39
CA GLU A 328 12.74 11.08 5.66
C GLU A 328 12.58 12.58 5.55
N THR A 329 11.34 13.08 5.47
CA THR A 329 11.12 14.53 5.45
C THR A 329 11.53 15.17 6.77
N ILE A 330 11.24 14.49 7.89
CA ILE A 330 11.64 15.00 9.20
C ILE A 330 13.15 15.16 9.28
N LEU A 331 13.90 14.19 8.74
CA LEU A 331 15.35 14.28 8.76
C LEU A 331 15.86 15.31 7.75
N LYS A 332 15.34 15.27 6.53
CA LYS A 332 15.88 16.12 5.47
C LYS A 332 15.61 17.60 5.76
N SER A 333 14.45 17.91 6.31
CA SER A 333 14.14 19.28 6.71
C SER A 333 14.73 19.65 8.06
N GLU A 334 15.51 18.76 8.66
CA GLU A 334 16.30 19.03 9.87
C GLU A 334 15.42 19.34 11.09
N GLN A 335 14.30 18.64 11.21
CA GLN A 335 13.52 18.70 12.43
C GLN A 335 14.06 17.77 13.52
N ALA A 336 14.88 16.79 13.14
CA ALA A 336 15.47 15.86 14.10
C ALA A 336 16.66 15.19 13.44
N ASP A 337 17.44 14.47 14.24
CA ASP A 337 18.59 13.73 13.76
C ASP A 337 18.32 12.25 13.62
N MET A 338 17.34 11.72 14.35
CA MET A 338 17.02 10.30 14.33
C MET A 338 15.51 10.15 14.42
N ILE A 339 15.00 9.05 13.86
CA ILE A 339 13.57 8.76 13.82
C ILE A 339 13.29 7.57 14.72
N ALA A 340 12.37 7.74 15.66
CA ALA A 340 11.95 6.65 16.54
C ALA A 340 10.51 6.25 16.22
N ILE A 341 10.27 4.95 16.18
CA ILE A 341 8.93 4.40 15.94
C ILE A 341 8.62 3.38 17.01
N ALA A 342 7.34 3.29 17.38
CA ALA A 342 6.89 2.28 18.32
C ALA A 342 5.72 1.49 17.74
N ARG A 343 4.53 2.10 17.70
CA ARG A 343 3.34 1.37 17.30
C ARG A 343 3.43 0.86 15.87
N ALA A 344 4.10 1.60 14.97
CA ALA A 344 4.28 1.11 13.62
C ALA A 344 5.11 -0.18 13.60
N ALA A 345 6.01 -0.34 14.56
CA ALA A 345 6.80 -1.57 14.64
C ALA A 345 6.04 -2.71 15.31
N LEU A 346 5.04 -2.41 16.14
CA LEU A 346 4.16 -3.46 16.63
C LEU A 346 3.26 -3.99 15.52
N LYS A 347 2.71 -3.08 14.69
CA LYS A 347 1.86 -3.49 13.58
C LYS A 347 2.66 -4.29 12.55
N ASN A 348 3.83 -3.79 12.16
CA ASN A 348 4.70 -4.46 11.21
C ASN A 348 6.12 -4.46 11.77
N PRO A 349 6.54 -5.55 12.43
CA PRO A 349 7.91 -5.59 12.98
C PRO A 349 9.00 -5.53 11.93
N HIS A 350 8.67 -5.68 10.64
CA HIS A 350 9.62 -5.48 9.56
C HIS A 350 9.37 -4.17 8.82
N TRP A 351 8.83 -3.18 9.53
CA TRP A 351 8.69 -1.83 8.98
C TRP A 351 9.97 -1.32 8.30
N PRO A 352 11.18 -1.49 8.86
CA PRO A 352 12.37 -0.97 8.16
C PRO A 352 12.62 -1.63 6.81
N TRP A 353 12.17 -2.87 6.62
CA TRP A 353 12.33 -3.55 5.33
C TRP A 353 11.54 -2.83 4.24
N THR A 354 10.24 -2.65 4.46
CA THR A 354 9.41 -1.92 3.50
C THR A 354 9.89 -0.48 3.34
N ALA A 355 10.25 0.17 4.45
CA ALA A 355 10.67 1.58 4.38
C ALA A 355 11.91 1.74 3.54
N ALA A 356 12.89 0.85 3.70
CA ALA A 356 14.12 0.96 2.91
C ALA A 356 13.85 0.80 1.42
N LEU A 357 12.96 -0.14 1.06
CA LEU A 357 12.61 -0.33 -0.34
C LEU A 357 11.90 0.91 -0.90
N GLU A 358 10.99 1.50 -0.12
CA GLU A 358 10.27 2.68 -0.60
C GLU A 358 11.22 3.85 -0.81
N LEU A 359 12.31 3.92 -0.04
CA LEU A 359 13.28 5.00 -0.18
C LEU A 359 14.42 4.65 -1.13
N GLY A 360 14.43 3.44 -1.69
CA GLY A 360 15.45 3.06 -2.64
C GLY A 360 16.74 2.54 -2.05
N ASP A 361 16.72 2.09 -0.80
CA ASP A 361 17.90 1.56 -0.14
C ASP A 361 17.79 0.05 0.04
N LYS A 362 18.93 -0.57 0.28
CA LYS A 362 18.99 -2.02 0.48
C LYS A 362 18.39 -2.38 1.82
N PRO A 363 17.33 -3.19 1.87
CA PRO A 363 16.76 -3.58 3.17
C PRO A 363 17.63 -4.64 3.84
N PHE A 364 17.71 -4.55 5.17
CA PHE A 364 18.41 -5.56 5.94
C PHE A 364 17.53 -6.78 6.14
N ALA A 365 18.13 -7.97 6.03
CA ALA A 365 17.44 -9.20 6.34
C ALA A 365 18.48 -10.21 6.79
N PRO A 366 18.23 -10.94 7.88
CA PRO A 366 19.12 -12.04 8.24
C PRO A 366 19.10 -13.10 7.16
N PRO A 367 20.18 -13.88 7.04
CA PRO A 367 20.26 -14.87 5.95
C PRO A 367 19.08 -15.83 5.89
N GLN A 368 18.47 -16.16 7.03
CA GLN A 368 17.32 -17.06 7.02
C GLN A 368 16.14 -16.51 6.24
N TYR A 369 16.07 -15.19 6.06
CA TYR A 369 14.91 -14.55 5.44
C TYR A 369 15.17 -14.01 4.05
N GLN A 370 16.36 -14.23 3.49
CA GLN A 370 16.75 -13.54 2.26
C GLN A 370 16.08 -14.11 1.02
N ARG A 371 15.39 -15.25 1.09
CA ARG A 371 14.61 -15.72 -0.04
C ARG A 371 13.30 -14.95 -0.21
N ALA A 372 12.95 -14.11 0.76
CA ALA A 372 11.83 -13.18 0.61
C ALA A 372 12.29 -11.80 0.13
N ARG A 373 13.59 -11.62 -0.06
CA ARG A 373 14.13 -10.33 -0.50
C ARG A 373 14.48 -10.35 -1.99
N GLY B 18 -14.62 -14.80 13.08
CA GLY B 18 -14.68 -14.23 11.75
C GLY B 18 -16.03 -14.44 11.08
N SER B 19 -16.38 -13.55 10.16
CA SER B 19 -17.71 -13.59 9.54
C SER B 19 -17.74 -12.88 8.19
N MET B 20 -16.80 -11.95 7.96
CA MET B 20 -16.85 -11.15 6.74
C MET B 20 -16.16 -11.82 5.55
N SER B 21 -15.19 -12.68 5.80
CA SER B 21 -14.48 -13.34 4.71
C SER B 21 -14.31 -14.82 5.03
N LEU B 22 -14.13 -15.62 3.98
CA LEU B 22 -13.82 -17.03 4.17
C LEU B 22 -12.44 -17.22 4.78
N LEU B 23 -11.48 -16.39 4.37
CA LEU B 23 -10.10 -16.58 4.83
C LEU B 23 -10.00 -16.50 6.35
N PHE B 24 -10.81 -15.66 6.98
CA PHE B 24 -10.75 -15.48 8.43
C PHE B 24 -12.02 -16.00 9.12
N SER B 25 -12.75 -16.89 8.48
CA SER B 25 -13.82 -17.61 9.16
C SER B 25 -13.25 -18.88 9.80
N PRO B 26 -13.69 -19.21 11.02
CA PRO B 26 -13.21 -20.44 11.66
C PRO B 26 -13.45 -21.67 10.77
N TYR B 27 -12.54 -22.63 10.88
CA TYR B 27 -12.51 -23.77 9.97
C TYR B 27 -12.19 -25.03 10.76
N GLN B 28 -12.78 -26.14 10.32
CA GLN B 28 -12.59 -27.45 10.95
C GLN B 28 -11.69 -28.30 10.07
N LEU B 29 -10.52 -28.65 10.60
CA LEU B 29 -9.56 -29.51 9.92
C LEU B 29 -9.57 -30.85 10.64
N GLY B 30 -10.39 -31.79 10.18
CA GLY B 30 -10.59 -33.03 10.89
C GLY B 30 -11.24 -32.77 12.24
N SER B 31 -10.60 -33.23 13.31
CA SER B 31 -11.07 -32.96 14.66
C SER B 31 -10.52 -31.66 15.22
N LEU B 32 -9.70 -30.95 14.45
CA LEU B 32 -9.01 -29.76 14.90
C LEU B 32 -9.82 -28.52 14.52
N SER B 33 -10.18 -27.71 15.51
CA SER B 33 -10.84 -26.44 15.28
C SER B 33 -9.79 -25.35 15.08
N LEU B 34 -9.80 -24.72 13.92
CA LEU B 34 -8.84 -23.68 13.59
C LEU B 34 -9.53 -22.32 13.60
N ALA B 35 -8.76 -21.29 13.96
CA ALA B 35 -9.31 -19.94 14.03
C ALA B 35 -9.67 -19.39 12.66
N ASN B 36 -9.04 -19.89 11.59
CA ASN B 36 -9.29 -19.40 10.24
C ASN B 36 -8.73 -20.40 9.25
N ARG B 37 -8.68 -20.00 7.98
CA ARG B 37 -8.22 -20.87 6.90
C ARG B 37 -6.83 -20.48 6.40
N LEU B 38 -6.10 -19.68 7.17
CA LEU B 38 -4.77 -19.24 6.78
C LEU B 38 -3.72 -20.12 7.44
N VAL B 39 -2.77 -20.59 6.64
CA VAL B 39 -1.70 -21.49 7.09
C VAL B 39 -0.36 -20.83 6.81
N ILE B 40 0.56 -20.93 7.76
CA ILE B 40 1.96 -20.57 7.53
C ILE B 40 2.68 -21.83 7.07
N ALA B 41 3.14 -21.83 5.83
CA ALA B 41 3.80 -22.99 5.24
C ALA B 41 5.13 -23.27 5.94
N PRO B 42 5.60 -24.53 5.88
CA PRO B 42 6.88 -24.85 6.51
C PRO B 42 8.03 -24.12 5.83
N MET B 43 8.96 -23.61 6.64
CA MET B 43 10.12 -22.88 6.12
C MET B 43 11.36 -23.24 6.92
N CYS B 44 12.25 -24.00 6.30
CA CYS B 44 13.52 -24.36 6.93
C CYS B 44 14.28 -23.11 7.33
N GLN B 45 14.85 -23.14 8.54
CA GLN B 45 15.61 -22.03 9.05
C GLN B 45 17.11 -22.29 9.09
N TYR B 46 17.53 -23.55 9.03
CA TYR B 46 18.95 -23.92 9.03
C TYR B 46 19.68 -23.31 10.22
N SER B 47 19.03 -23.32 11.38
CA SER B 47 19.57 -22.67 12.57
C SER B 47 19.58 -23.60 13.77
N ALA B 48 19.47 -24.90 13.55
CA ALA B 48 19.47 -25.86 14.64
C ALA B 48 20.88 -26.34 14.92
N VAL B 49 21.07 -26.89 16.12
CA VAL B 49 22.33 -27.51 16.51
C VAL B 49 22.02 -28.95 16.90
N ASP B 50 22.58 -29.90 16.15
CA ASP B 50 22.31 -31.33 16.34
C ASP B 50 20.81 -31.61 16.34
N GLY B 51 20.09 -30.93 15.45
CA GLY B 51 18.66 -31.09 15.33
C GLY B 51 17.83 -30.42 16.40
N ILE B 52 18.46 -29.75 17.37
CA ILE B 52 17.75 -29.16 18.51
C ILE B 52 17.36 -27.73 18.18
N ALA B 53 16.08 -27.41 18.35
CA ALA B 53 15.62 -26.04 18.16
C ALA B 53 16.34 -25.11 19.11
N GLN B 54 16.62 -23.90 18.65
CA GLN B 54 17.44 -22.92 19.36
C GLN B 54 16.60 -21.67 19.65
N ASP B 55 17.26 -20.64 20.19
CA ASP B 55 16.60 -19.37 20.44
C ASP B 55 16.01 -18.81 19.14
N TRP B 56 16.71 -18.98 18.02
CA TRP B 56 16.19 -18.50 16.75
C TRP B 56 14.80 -19.06 16.46
N HIS B 57 14.60 -20.35 16.74
CA HIS B 57 13.31 -20.99 16.45
C HIS B 57 12.22 -20.48 17.38
N LEU B 58 12.54 -20.17 18.63
CA LEU B 58 11.57 -19.55 19.52
C LEU B 58 11.18 -18.17 19.01
N MET B 59 12.17 -17.37 18.61
CA MET B 59 11.89 -16.06 18.03
C MET B 59 11.09 -16.20 16.74
N HIS B 60 11.50 -17.11 15.86
CA HIS B 60 10.87 -17.23 14.55
C HIS B 60 9.48 -17.87 14.67
N LEU B 61 9.39 -19.04 15.27
CA LEU B 61 8.11 -19.74 15.35
C LEU B 61 7.15 -19.07 16.33
N GLY B 62 7.67 -18.50 17.42
CA GLY B 62 6.80 -17.77 18.32
C GLY B 62 6.11 -16.60 17.66
N ARG B 63 6.82 -15.90 16.77
CA ARG B 63 6.21 -14.80 16.03
C ARG B 63 5.11 -15.31 15.11
N LEU B 64 5.37 -16.40 14.39
CA LEU B 64 4.35 -16.97 13.50
C LEU B 64 3.11 -17.41 14.26
N ALA B 65 3.29 -17.89 15.49
CA ALA B 65 2.15 -18.36 16.27
C ALA B 65 1.24 -17.21 16.71
N ILE B 66 1.78 -16.01 16.89
CA ILE B 66 0.99 -14.85 17.27
C ILE B 66 0.64 -13.99 16.06
N SER B 67 0.94 -14.46 14.85
CA SER B 67 0.71 -13.66 13.64
C SER B 67 -0.78 -13.50 13.36
N GLY B 68 -1.61 -14.43 13.82
CA GLY B 68 -3.01 -14.47 13.49
C GLY B 68 -3.41 -15.66 12.68
N ALA B 69 -2.45 -16.34 12.06
CA ALA B 69 -2.75 -17.55 11.29
C ALA B 69 -3.34 -18.62 12.21
N GLY B 70 -4.24 -19.43 11.66
CA GLY B 70 -4.84 -20.49 12.43
C GLY B 70 -3.99 -21.74 12.56
N LEU B 71 -3.01 -21.90 11.68
CA LEU B 71 -2.19 -23.10 11.66
C LEU B 71 -0.77 -22.73 11.24
N VAL B 72 0.21 -23.14 12.03
CA VAL B 72 1.62 -22.93 11.72
C VAL B 72 2.26 -24.31 11.55
N ILE B 73 2.89 -24.54 10.41
CA ILE B 73 3.57 -25.80 10.13
C ILE B 73 5.06 -25.57 10.35
N VAL B 74 5.63 -26.24 11.35
CA VAL B 74 7.05 -26.16 11.61
C VAL B 74 7.82 -26.76 10.44
N GLU B 75 8.98 -26.16 10.12
CA GLU B 75 9.84 -26.57 9.01
C GLU B 75 10.11 -28.07 8.97
N ALA B 76 10.57 -28.55 7.80
CA ALA B 76 10.90 -29.95 7.60
C ALA B 76 11.85 -30.46 8.67
N THR B 77 11.41 -31.48 9.41
CA THR B 77 12.13 -32.01 10.56
C THR B 77 12.52 -33.46 10.25
N GLY B 78 13.82 -33.75 10.31
CA GLY B 78 14.30 -35.07 9.94
C GLY B 78 13.93 -36.12 10.98
N VAL B 79 13.45 -37.28 10.49
CA VAL B 79 13.07 -38.37 11.37
C VAL B 79 14.26 -39.17 11.86
N ASN B 80 15.43 -39.00 11.25
CA ASN B 80 16.68 -39.54 11.77
C ASN B 80 17.80 -38.65 11.28
N PRO B 81 19.00 -38.77 11.86
CA PRO B 81 20.09 -37.84 11.47
C PRO B 81 20.35 -37.75 9.98
N GLU B 82 20.33 -38.89 9.27
CA GLU B 82 20.61 -38.88 7.84
C GLU B 82 19.44 -38.40 7.00
N GLY B 83 18.26 -38.23 7.60
CA GLY B 83 17.13 -37.68 6.88
C GLY B 83 17.05 -36.18 6.87
N ARG B 84 17.89 -35.50 7.65
CA ARG B 84 17.96 -34.05 7.62
C ARG B 84 18.47 -33.58 6.26
N ILE B 85 17.95 -32.44 5.79
CA ILE B 85 18.47 -31.85 4.57
C ILE B 85 19.91 -31.39 4.78
N THR B 86 20.20 -30.75 5.90
CA THR B 86 21.51 -30.18 6.21
C THR B 86 21.89 -30.55 7.65
N PRO B 87 23.16 -30.38 8.03
CA PRO B 87 23.52 -30.57 9.45
C PRO B 87 22.88 -29.56 10.38
N PHE B 88 22.17 -28.56 9.87
CA PHE B 88 21.58 -27.51 10.67
C PHE B 88 20.06 -27.56 10.69
N CYS B 89 19.47 -28.66 10.23
CA CYS B 89 18.03 -28.81 10.22
C CYS B 89 17.52 -29.36 11.55
N LEU B 90 16.23 -29.17 11.78
CA LEU B 90 15.58 -29.75 12.96
C LEU B 90 15.52 -31.27 12.83
N GLY B 91 15.63 -31.94 13.98
CA GLY B 91 15.37 -33.36 14.06
C GLY B 91 14.38 -33.65 15.16
N LEU B 92 13.72 -34.80 15.05
CA LEU B 92 12.79 -35.26 16.08
C LEU B 92 13.00 -36.75 16.31
N TYR B 93 14.20 -37.09 16.82
CA TYR B 93 14.54 -38.49 17.09
C TYR B 93 15.20 -38.71 18.44
N ASN B 94 15.16 -37.72 19.35
CA ASN B 94 15.62 -37.94 20.71
C ASN B 94 14.88 -36.99 21.65
N ASP B 95 15.08 -37.21 22.95
CA ASP B 95 14.32 -36.48 23.97
C ASP B 95 14.67 -35.00 24.02
N GLU B 96 15.93 -34.65 23.75
CA GLU B 96 16.32 -33.24 23.82
C GLU B 96 15.64 -32.44 22.71
N GLN B 97 15.53 -33.00 21.51
CA GLN B 97 14.83 -32.32 20.43
C GLN B 97 13.34 -32.19 20.73
N GLU B 98 12.74 -33.24 21.29
CA GLU B 98 11.32 -33.20 21.61
C GLU B 98 11.03 -32.14 22.68
N ALA B 99 11.89 -32.05 23.70
CA ALA B 99 11.66 -31.08 24.78
C ALA B 99 11.78 -29.66 24.27
N ALA B 100 12.75 -29.40 23.38
CA ALA B 100 12.91 -28.05 22.83
C ALA B 100 11.71 -27.66 21.97
N LEU B 101 11.20 -28.60 21.17
CA LEU B 101 10.01 -28.29 20.37
C LEU B 101 8.78 -28.13 21.27
N GLY B 102 8.69 -28.93 22.33
CA GLY B 102 7.59 -28.79 23.26
C GLY B 102 7.55 -27.42 23.93
N ARG B 103 8.72 -26.85 24.21
N ARG B 103 8.71 -26.84 24.20
CA ARG B 103 8.78 -25.52 24.79
CA ARG B 103 8.73 -25.51 24.81
C ARG B 103 8.19 -24.49 23.83
C ARG B 103 8.26 -24.44 23.83
N ILE B 104 8.44 -24.67 22.53
CA ILE B 104 7.94 -23.72 21.54
C ILE B 104 6.43 -23.88 21.37
N VAL B 105 5.93 -25.11 21.35
CA VAL B 105 4.48 -25.34 21.29
C VAL B 105 3.79 -24.71 22.50
N ALA B 106 4.42 -24.81 23.67
CA ALA B 106 3.82 -24.23 24.88
C ALA B 106 3.76 -22.71 24.79
N PHE B 107 4.80 -22.08 24.24
CA PHE B 107 4.76 -20.64 24.00
C PHE B 107 3.63 -20.29 23.04
N ALA B 108 3.46 -21.08 21.98
CA ALA B 108 2.39 -20.82 21.02
C ALA B 108 1.02 -20.98 21.67
N ARG B 109 0.89 -21.98 22.54
CA ARG B 109 -0.38 -22.22 23.20
C ARG B 109 -0.75 -21.10 24.17
N GLU B 110 0.25 -20.41 24.72
CA GLU B 110 -0.03 -19.39 25.71
C GLU B 110 -0.38 -18.04 25.07
N PHE B 111 0.27 -17.69 23.96
CA PHE B 111 0.15 -16.33 23.43
C PHE B 111 -0.54 -16.23 22.08
N GLY B 112 -0.55 -17.29 21.27
CA GLY B 112 -1.10 -17.23 19.94
C GLY B 112 -2.42 -17.96 19.80
N GLN B 113 -3.05 -17.78 18.64
CA GLN B 113 -4.27 -18.49 18.29
C GLN B 113 -4.04 -19.54 17.21
N ALA B 114 -2.78 -19.82 16.87
CA ALA B 114 -2.45 -20.83 15.89
C ALA B 114 -2.36 -22.21 16.54
N LYS B 115 -2.91 -23.20 15.85
CA LYS B 115 -2.58 -24.58 16.18
C LYS B 115 -1.24 -24.92 15.56
N MET B 116 -0.46 -25.75 16.26
CA MET B 116 0.88 -26.07 15.84
C MET B 116 0.93 -27.43 15.15
N ALA B 117 1.52 -27.46 13.95
CA ALA B 117 1.78 -28.68 13.21
C ALA B 117 3.28 -28.77 12.95
N ILE B 118 3.74 -29.96 12.57
CA ILE B 118 5.14 -30.19 12.24
C ILE B 118 5.21 -31.02 10.97
N GLN B 119 6.17 -30.69 10.12
CA GLN B 119 6.41 -31.44 8.89
C GLN B 119 7.51 -32.47 9.14
N LEU B 120 7.14 -33.75 9.14
CA LEU B 120 8.10 -34.83 9.29
C LEU B 120 8.64 -35.23 7.92
N ALA B 121 9.96 -35.32 7.81
CA ALA B 121 10.60 -35.44 6.51
C ALA B 121 11.79 -36.38 6.57
N HIS B 122 12.16 -36.88 5.40
CA HIS B 122 13.44 -37.53 5.17
C HIS B 122 13.94 -37.03 3.82
N ALA B 123 15.13 -36.43 3.80
CA ALA B 123 15.59 -35.76 2.59
C ALA B 123 16.01 -36.74 1.51
N GLY B 124 16.26 -38.00 1.85
CA GLY B 124 16.65 -38.96 0.82
C GLY B 124 17.94 -38.53 0.15
N ARG B 125 17.96 -38.61 -1.18
CA ARG B 125 19.16 -38.29 -1.95
C ARG B 125 19.52 -36.81 -1.92
N LYS B 126 18.67 -35.95 -1.36
CA LYS B 126 18.96 -34.53 -1.27
C LYS B 126 19.49 -34.13 0.11
N ALA B 127 19.90 -35.10 0.91
CA ALA B 127 20.37 -34.82 2.26
C ALA B 127 21.84 -34.38 2.26
N SER B 128 22.31 -34.00 3.45
CA SER B 128 23.73 -33.73 3.69
C SER B 128 24.23 -32.54 2.86
N THR B 129 23.43 -31.49 2.76
CA THR B 129 23.77 -30.33 1.95
C THR B 129 24.05 -29.12 2.83
N ARG B 130 24.44 -28.02 2.19
CA ARG B 130 24.84 -26.81 2.88
C ARG B 130 23.65 -25.88 3.09
N ARG B 131 23.85 -24.88 3.94
CA ARG B 131 22.87 -23.81 4.06
C ARG B 131 22.70 -23.14 2.71
N PRO B 132 21.48 -22.71 2.36
CA PRO B 132 21.29 -22.08 1.04
C PRO B 132 22.13 -20.84 0.83
N TRP B 133 22.49 -20.11 1.89
CA TRP B 133 23.34 -18.94 1.75
C TRP B 133 24.82 -19.27 1.85
N ASP B 134 25.17 -20.56 1.88
CA ASP B 134 26.56 -21.02 1.78
C ASP B 134 26.62 -21.98 0.59
N PRO B 135 26.65 -21.44 -0.63
CA PRO B 135 26.57 -22.31 -1.81
C PRO B 135 27.81 -23.19 -1.93
N GLY B 136 27.60 -24.37 -2.48
CA GLY B 136 28.66 -25.33 -2.63
C GLY B 136 28.13 -26.74 -2.77
N SER B 137 29.06 -27.67 -2.89
CA SER B 137 28.70 -29.08 -3.02
C SER B 137 28.18 -29.60 -1.69
N PRO B 138 27.40 -30.69 -1.71
CA PRO B 138 26.99 -31.33 -0.46
C PRO B 138 28.21 -31.69 0.39
N TYR B 139 28.01 -31.70 1.71
CA TYR B 139 29.06 -32.13 2.62
C TYR B 139 29.41 -33.59 2.35
N SER B 140 30.68 -33.85 2.08
CA SER B 140 31.13 -35.23 1.97
C SER B 140 31.20 -35.86 3.36
N PRO B 141 31.23 -37.20 3.43
CA PRO B 141 31.29 -37.84 4.76
C PRO B 141 32.47 -37.41 5.62
N GLU B 142 33.63 -37.12 5.02
CA GLU B 142 34.77 -36.68 5.81
C GLU B 142 34.69 -35.21 6.22
N GLU B 143 33.85 -34.42 5.56
CA GLU B 143 33.62 -33.03 5.95
C GLU B 143 32.55 -32.88 7.02
N GLY B 144 32.06 -33.99 7.57
CA GLY B 144 30.93 -33.96 8.49
C GLY B 144 29.60 -34.29 7.87
N GLY B 145 29.55 -34.61 6.58
CA GLY B 145 28.33 -35.01 5.91
C GLY B 145 28.09 -36.49 6.03
N TRP B 146 27.26 -37.01 5.14
CA TRP B 146 26.92 -38.42 5.15
C TRP B 146 26.42 -38.84 3.77
N GLN B 147 26.61 -40.11 3.46
CA GLN B 147 26.06 -40.66 2.23
C GLN B 147 24.55 -40.83 2.37
N THR B 148 23.82 -40.51 1.31
CA THR B 148 22.37 -40.44 1.35
C THR B 148 21.74 -41.79 1.01
N TRP B 149 20.45 -41.89 1.32
CA TRP B 149 19.65 -43.05 1.00
C TRP B 149 18.56 -42.64 0.02
N ALA B 150 18.12 -43.57 -0.82
CA ALA B 150 17.18 -43.25 -1.89
C ALA B 150 16.53 -44.55 -2.35
N PRO B 151 15.39 -44.47 -3.04
CA PRO B 151 14.83 -45.70 -3.63
C PRO B 151 15.74 -46.35 -4.65
N SER B 152 16.46 -45.55 -5.44
CA SER B 152 17.36 -46.06 -6.46
C SER B 152 18.67 -45.28 -6.40
N ALA B 153 19.73 -45.89 -6.92
CA ALA B 153 21.07 -45.29 -6.89
C ALA B 153 21.19 -44.28 -8.03
N ILE B 154 20.42 -43.21 -7.91
CA ILE B 154 20.39 -42.15 -8.91
C ILE B 154 20.65 -40.83 -8.20
N LYS B 155 21.64 -40.09 -8.69
CA LYS B 155 22.11 -38.88 -8.04
C LYS B 155 21.24 -37.69 -8.40
N PHE B 156 21.03 -36.81 -7.42
CA PHE B 156 20.53 -35.46 -7.70
C PHE B 156 21.70 -34.51 -7.91
N TYR B 157 22.67 -34.54 -7.00
CA TYR B 157 23.92 -33.78 -7.12
C TYR B 157 24.98 -34.68 -7.74
N GLU B 158 25.48 -34.30 -8.92
CA GLU B 158 26.46 -35.13 -9.61
C GLU B 158 27.81 -35.15 -8.90
N GLU B 159 28.10 -34.17 -8.05
CA GLU B 159 29.41 -34.06 -7.42
C GLU B 159 29.54 -34.89 -6.15
N SER B 160 28.46 -35.47 -5.64
CA SER B 160 28.47 -36.18 -4.37
C SER B 160 28.38 -37.68 -4.59
N LEU B 161 28.36 -38.42 -3.49
CA LEU B 161 28.32 -39.87 -3.54
C LEU B 161 26.97 -40.37 -4.07
N THR B 162 27.01 -41.45 -4.84
CA THR B 162 25.79 -42.10 -5.28
C THR B 162 24.99 -42.60 -4.07
N PRO B 163 23.70 -42.29 -3.98
CA PRO B 163 22.92 -42.72 -2.81
C PRO B 163 22.82 -44.23 -2.71
N HIS B 164 22.66 -44.69 -1.47
CA HIS B 164 22.41 -46.12 -1.23
C HIS B 164 21.00 -46.46 -1.70
N PRO B 165 20.83 -47.49 -2.54
CA PRO B 165 19.47 -47.98 -2.81
C PRO B 165 18.95 -48.73 -1.58
N MET B 166 17.75 -48.34 -1.13
CA MET B 166 17.25 -48.82 0.15
C MET B 166 16.78 -50.27 0.05
N SER B 167 17.25 -51.09 0.97
CA SER B 167 16.82 -52.47 1.09
C SER B 167 15.47 -52.55 1.82
N ILE B 168 14.96 -53.77 1.94
CA ILE B 168 13.68 -53.97 2.62
C ILE B 168 13.77 -53.55 4.09
N GLU B 169 14.89 -53.86 4.74
CA GLU B 169 15.05 -53.43 6.12
C GLU B 169 15.22 -51.90 6.21
N ASP B 170 15.84 -51.29 5.20
CA ASP B 170 15.91 -49.83 5.17
C ASP B 170 14.52 -49.21 5.12
N LEU B 171 13.65 -49.76 4.28
CA LEU B 171 12.27 -49.27 4.22
C LEU B 171 11.60 -49.39 5.58
N GLU B 172 11.75 -50.55 6.22
CA GLU B 172 11.14 -50.78 7.53
C GLU B 172 11.74 -49.87 8.59
N THR B 173 13.05 -49.61 8.51
CA THR B 173 13.71 -48.77 9.49
C THR B 173 13.24 -47.32 9.37
N VAL B 174 13.25 -46.78 8.16
CA VAL B 174 12.83 -45.38 7.96
C VAL B 174 11.34 -45.23 8.28
N LYS B 175 10.53 -46.22 7.92
CA LYS B 175 9.11 -46.16 8.25
C LYS B 175 8.92 -46.10 9.76
N GLN B 176 9.69 -46.88 10.50
CA GLN B 176 9.61 -46.83 11.96
C GLN B 176 10.09 -45.49 12.50
N ASP B 177 11.08 -44.87 11.84
CA ASP B 177 11.54 -43.55 12.25
C ASP B 177 10.44 -42.51 12.08
N PHE B 178 9.68 -42.58 10.98
CA PHE B 178 8.52 -41.71 10.82
C PHE B 178 7.52 -41.94 11.94
N VAL B 179 7.26 -43.20 12.28
CA VAL B 179 6.32 -43.51 13.35
C VAL B 179 6.79 -42.94 14.68
N ASN B 180 8.08 -43.13 15.01
CA ASN B 180 8.60 -42.66 16.28
C ASN B 180 8.58 -41.14 16.37
N SER B 181 8.96 -40.45 15.30
CA SER B 181 8.91 -38.99 15.30
C SER B 181 7.48 -38.49 15.48
N ALA B 182 6.52 -39.15 14.84
CA ALA B 182 5.12 -38.76 14.99
C ALA B 182 4.67 -38.88 16.44
N ILE B 183 5.07 -39.96 17.11
CA ILE B 183 4.71 -40.15 18.52
C ILE B 183 5.34 -39.05 19.37
N ARG B 184 6.59 -38.69 19.09
CA ARG B 184 7.23 -37.59 19.80
C ARG B 184 6.50 -36.27 19.55
N ALA B 185 6.08 -36.04 18.30
CA ALA B 185 5.39 -34.79 17.97
C ALA B 185 4.08 -34.66 18.73
N GLU B 186 3.29 -35.75 18.75
CA GLU B 186 2.03 -35.73 19.50
C GLU B 186 2.28 -35.48 20.98
N ARG B 187 3.34 -36.08 21.53
CA ARG B 187 3.66 -35.91 22.94
C ARG B 187 4.13 -34.50 23.25
N ALA B 188 4.79 -33.84 22.28
CA ALA B 188 5.27 -32.48 22.45
C ALA B 188 4.17 -31.42 22.30
N GLY B 189 2.98 -31.80 21.88
CA GLY B 189 1.86 -30.89 21.82
C GLY B 189 1.41 -30.51 20.43
N PHE B 190 2.05 -31.03 19.39
CA PHE B 190 1.59 -30.76 18.04
C PHE B 190 0.24 -31.44 17.81
N LYS B 191 -0.67 -30.70 17.17
CA LYS B 191 -2.01 -31.19 16.92
C LYS B 191 -2.18 -31.73 15.50
N ALA B 192 -1.21 -31.52 14.63
CA ALA B 192 -1.27 -32.03 13.28
C ALA B 192 0.14 -32.36 12.81
N ILE B 193 0.23 -33.30 11.89
CA ILE B 193 1.50 -33.71 11.29
C ILE B 193 1.35 -33.63 9.78
N GLU B 194 2.37 -33.11 9.12
CA GLU B 194 2.44 -33.10 7.67
C GLU B 194 3.60 -33.99 7.25
N LEU B 195 3.30 -35.04 6.48
CA LEU B 195 4.33 -35.88 5.91
C LEU B 195 4.86 -35.22 4.64
N HIS B 196 6.18 -35.12 4.53
CA HIS B 196 6.80 -34.38 3.43
C HIS B 196 6.96 -35.30 2.23
N GLY B 197 5.95 -35.31 1.37
CA GLY B 197 6.03 -36.10 0.16
C GLY B 197 6.30 -35.26 -1.08
N ALA B 198 6.94 -34.10 -0.89
CA ALA B 198 7.09 -33.14 -1.97
C ALA B 198 8.56 -32.72 -2.10
N HIS B 199 8.80 -31.85 -3.08
CA HIS B 199 10.04 -31.10 -3.23
C HIS B 199 11.28 -32.00 -3.33
N GLY B 200 11.10 -33.20 -3.89
CA GLY B 200 12.22 -34.04 -4.26
C GLY B 200 12.85 -34.82 -3.12
N TYR B 201 12.22 -34.92 -1.97
CA TYR B 201 12.79 -35.67 -0.87
C TYR B 201 12.32 -37.12 -0.94
N LEU B 202 12.54 -37.89 0.14
CA LEU B 202 12.52 -39.34 0.03
C LEU B 202 11.19 -39.85 -0.51
N ILE B 203 10.08 -39.45 0.12
CA ILE B 203 8.77 -39.95 -0.31
C ILE B 203 8.50 -39.56 -1.76
N HIS B 204 8.80 -38.32 -2.12
CA HIS B 204 8.66 -37.89 -3.51
C HIS B 204 9.56 -38.71 -4.43
N GLN B 205 10.76 -39.06 -3.97
CA GLN B 205 11.66 -39.87 -4.78
C GLN B 205 11.05 -41.23 -5.12
N PHE B 206 10.27 -41.80 -4.20
CA PHE B 206 9.60 -43.07 -4.48
C PHE B 206 8.45 -42.88 -5.48
N LEU B 207 7.75 -41.75 -5.40
CA LEU B 207 6.55 -41.57 -6.21
C LEU B 207 6.87 -41.38 -7.68
N SER B 208 8.01 -40.75 -7.99
CA SER B 208 8.24 -40.35 -9.37
C SER B 208 9.09 -41.37 -10.12
N PRO B 209 8.75 -41.64 -11.38
CA PRO B 209 9.55 -42.58 -12.18
C PRO B 209 10.93 -42.05 -12.53
N LEU B 210 11.16 -40.74 -12.45
CA LEU B 210 12.48 -40.20 -12.75
C LEU B 210 13.51 -40.56 -11.69
N SER B 211 13.07 -40.83 -10.46
CA SER B 211 13.97 -41.17 -9.37
C SER B 211 13.79 -42.59 -8.86
N ASN B 212 12.63 -43.22 -9.08
CA ASN B 212 12.36 -44.57 -8.63
C ASN B 212 12.47 -45.49 -9.85
N GLN B 213 13.55 -46.28 -9.91
CA GLN B 213 13.76 -47.27 -10.95
C GLN B 213 13.85 -48.67 -10.36
N ARG B 214 13.23 -48.88 -9.20
CA ARG B 214 13.26 -50.17 -8.53
C ARG B 214 12.54 -51.23 -9.35
N GLN B 215 12.93 -52.49 -9.13
CA GLN B 215 12.35 -53.63 -9.82
C GLN B 215 11.54 -54.54 -8.90
N ASP B 216 11.43 -54.20 -7.62
CA ASP B 216 10.63 -54.98 -6.68
C ASP B 216 9.22 -54.41 -6.64
N GLN B 217 8.48 -54.70 -5.56
CA GLN B 217 7.10 -54.24 -5.46
C GLN B 217 6.98 -52.78 -5.05
N TYR B 218 8.09 -52.04 -4.98
CA TYR B 218 8.08 -50.62 -4.64
C TYR B 218 8.47 -49.73 -5.81
N GLY B 219 8.63 -50.31 -7.01
CA GLY B 219 8.90 -49.51 -8.19
C GLY B 219 8.20 -50.09 -9.40
N GLY B 220 8.14 -49.28 -10.46
CA GLY B 220 7.48 -49.68 -11.69
C GLY B 220 6.12 -49.02 -11.88
N SER B 221 5.06 -49.79 -11.65
CA SER B 221 3.69 -49.28 -11.79
C SER B 221 3.43 -48.17 -10.76
N LEU B 222 2.35 -47.42 -11.00
CA LEU B 222 1.91 -46.39 -10.05
C LEU B 222 1.59 -47.00 -8.70
N GLU B 223 0.94 -48.17 -8.69
CA GLU B 223 0.61 -48.87 -7.46
C GLU B 223 1.87 -49.20 -6.67
N ASN B 224 2.94 -49.57 -7.37
CA ASN B 224 4.19 -49.88 -6.69
C ASN B 224 4.87 -48.62 -6.16
N ARG B 225 4.89 -47.56 -6.96
CA ARG B 225 5.55 -46.33 -6.52
C ARG B 225 4.84 -45.68 -5.35
N MET B 226 3.52 -45.84 -5.26
CA MET B 226 2.77 -45.32 -4.11
C MET B 226 2.87 -46.21 -2.88
N ARG B 227 3.36 -47.44 -3.03
CA ARG B 227 3.21 -48.44 -1.98
C ARG B 227 3.93 -48.04 -0.70
N TYR B 228 5.21 -47.65 -0.81
CA TYR B 228 5.95 -47.29 0.40
C TYR B 228 5.46 -46.00 1.03
N PRO B 229 5.21 -44.90 0.28
CA PRO B 229 4.62 -43.72 0.92
C PRO B 229 3.30 -44.00 1.62
N LEU B 230 2.45 -44.85 1.03
CA LEU B 230 1.18 -45.19 1.68
C LEU B 230 1.40 -46.03 2.94
N GLU B 231 2.44 -46.86 2.96
CA GLU B 231 2.76 -47.60 4.18
C GLU B 231 3.17 -46.64 5.30
N ILE B 232 3.99 -45.64 4.99
CA ILE B 232 4.41 -44.66 5.99
C ILE B 232 3.19 -43.94 6.56
N LEU B 233 2.28 -43.50 5.69
CA LEU B 233 1.08 -42.81 6.14
C LEU B 233 0.23 -43.69 7.05
N SER B 234 -0.04 -44.93 6.63
CA SER B 234 -0.85 -45.84 7.44
C SER B 234 -0.19 -46.15 8.78
N ALA B 235 1.13 -46.37 8.76
CA ALA B 235 1.83 -46.68 10.01
C ALA B 235 1.83 -45.49 10.95
N VAL B 236 2.03 -44.27 10.42
CA VAL B 236 1.97 -43.08 11.26
C VAL B 236 0.57 -42.88 11.80
N LYS B 237 -0.44 -43.03 10.93
CA LYS B 237 -1.82 -42.83 11.36
C LYS B 237 -2.23 -43.84 12.43
N HIS B 238 -1.72 -45.07 12.35
CA HIS B 238 -2.09 -46.11 13.30
C HIS B 238 -1.42 -45.92 14.65
N ALA B 239 -0.25 -45.29 14.70
CA ALA B 239 0.48 -45.12 15.94
C ALA B 239 0.02 -43.93 16.76
N LEU B 240 -0.82 -43.06 16.21
CA LEU B 240 -1.28 -41.86 16.88
C LEU B 240 -2.73 -42.02 17.32
N SER B 241 -3.15 -41.16 18.24
CA SER B 241 -4.56 -41.11 18.62
C SER B 241 -5.41 -40.69 17.43
N ALA B 242 -6.71 -41.02 17.51
CA ALA B 242 -7.59 -40.82 16.36
C ALA B 242 -7.82 -39.34 16.06
N GLU B 243 -7.71 -38.48 17.07
CA GLU B 243 -7.93 -37.05 16.88
C GLU B 243 -6.73 -36.32 16.31
N MET B 244 -5.56 -36.96 16.24
CA MET B 244 -4.42 -36.33 15.57
C MET B 244 -4.68 -36.24 14.06
N VAL B 245 -4.32 -35.10 13.49
CA VAL B 245 -4.47 -34.87 12.05
C VAL B 245 -3.13 -35.18 11.39
N VAL B 246 -3.16 -36.05 10.39
CA VAL B 246 -1.97 -36.37 9.59
C VAL B 246 -2.29 -36.05 8.14
N GLY B 247 -1.51 -35.12 7.55
CA GLY B 247 -1.68 -34.74 6.18
C GLY B 247 -0.47 -35.10 5.33
N MET B 248 -0.59 -34.82 4.05
CA MET B 248 0.47 -35.12 3.08
C MET B 248 0.72 -33.87 2.25
N ARG B 249 1.97 -33.42 2.22
CA ARG B 249 2.37 -32.40 1.26
C ARG B 249 2.92 -33.10 0.02
N ILE B 250 2.41 -32.73 -1.15
CA ILE B 250 2.78 -33.41 -2.39
C ILE B 250 3.36 -32.40 -3.36
N SER B 251 4.16 -32.93 -4.28
CA SER B 251 4.52 -32.24 -5.51
C SER B 251 3.64 -32.82 -6.60
N ALA B 252 2.62 -32.06 -7.02
CA ALA B 252 1.61 -32.58 -7.94
C ALA B 252 2.20 -32.90 -9.30
N VAL B 253 3.21 -32.15 -9.74
CA VAL B 253 3.91 -32.40 -11.00
C VAL B 253 5.39 -32.17 -10.78
N ASP B 254 6.21 -32.72 -11.68
CA ASP B 254 7.66 -32.62 -11.58
C ASP B 254 8.26 -31.52 -12.47
N TRP B 255 7.47 -30.92 -13.36
CA TRP B 255 7.96 -29.91 -14.31
C TRP B 255 9.11 -30.43 -15.15
N ALA B 256 9.13 -31.74 -15.41
CA ALA B 256 10.16 -32.38 -16.22
C ALA B 256 9.51 -33.48 -17.03
N PRO B 257 10.02 -33.74 -18.24
CA PRO B 257 9.42 -34.79 -19.08
C PRO B 257 9.59 -36.15 -18.41
N GLY B 258 8.50 -36.92 -18.41
CA GLY B 258 8.53 -38.25 -17.84
C GLY B 258 8.32 -38.33 -16.34
N GLY B 259 7.92 -37.23 -15.70
CA GLY B 259 7.75 -37.19 -14.27
C GLY B 259 6.31 -37.42 -13.86
N LEU B 260 6.01 -37.07 -12.60
CA LEU B 260 4.67 -37.22 -12.08
C LEU B 260 3.69 -36.33 -12.83
N THR B 261 2.50 -36.86 -13.06
CA THR B 261 1.42 -36.13 -13.72
C THR B 261 0.34 -35.79 -12.69
N ILE B 262 -0.51 -34.82 -13.03
CA ILE B 262 -1.59 -34.47 -12.13
C ILE B 262 -2.54 -35.65 -11.94
N GLU B 263 -2.70 -36.47 -12.99
CA GLU B 263 -3.54 -37.66 -12.87
C GLU B 263 -2.96 -38.62 -11.84
N GLU B 264 -1.64 -38.82 -11.84
CA GLU B 264 -1.02 -39.70 -10.86
C GLU B 264 -1.11 -39.09 -9.45
N SER B 265 -0.91 -37.78 -9.34
CA SER B 265 -1.01 -37.13 -8.02
C SER B 265 -2.44 -37.13 -7.49
N ILE B 266 -3.43 -37.04 -8.38
CA ILE B 266 -4.82 -37.20 -7.96
C ILE B 266 -5.03 -38.58 -7.37
N THR B 267 -4.52 -39.62 -8.05
CA THR B 267 -4.66 -40.97 -7.55
C THR B 267 -3.97 -41.14 -6.20
N PHE B 268 -2.74 -40.64 -6.07
CA PHE B 268 -2.04 -40.74 -4.79
C PHE B 268 -2.78 -40.01 -3.69
N SER B 269 -3.33 -38.84 -3.99
CA SER B 269 -4.07 -38.08 -2.98
C SER B 269 -5.33 -38.82 -2.55
N GLN B 270 -6.01 -39.49 -3.50
CA GLN B 270 -7.18 -40.28 -3.16
C GLN B 270 -6.79 -41.50 -2.31
N GLU B 271 -5.67 -42.14 -2.62
CA GLU B 271 -5.20 -43.25 -1.80
C GLU B 271 -4.82 -42.78 -0.40
N CYS B 272 -4.27 -41.57 -0.29
CA CYS B 272 -3.97 -41.03 1.03
C CYS B 272 -5.25 -40.82 1.84
N GLU B 273 -6.29 -40.31 1.20
CA GLU B 273 -7.56 -40.10 1.90
C GLU B 273 -8.14 -41.41 2.42
N LYS B 274 -8.04 -42.49 1.62
CA LYS B 274 -8.56 -43.77 2.07
C LYS B 274 -7.84 -44.27 3.32
N ARG B 275 -6.54 -43.98 3.44
N ARG B 275 -6.54 -43.98 3.44
CA ARG B 275 -5.75 -44.43 4.59
CA ARG B 275 -5.77 -44.44 4.58
C ARG B 275 -5.75 -43.44 5.74
C ARG B 275 -5.75 -43.44 5.74
N GLY B 276 -6.64 -42.46 5.73
CA GLY B 276 -6.83 -41.56 6.85
C GLY B 276 -6.12 -40.23 6.82
N ALA B 277 -5.56 -39.83 5.67
CA ALA B 277 -4.95 -38.51 5.58
C ALA B 277 -5.99 -37.42 5.83
N GLY B 278 -5.59 -36.40 6.58
CA GLY B 278 -6.51 -35.36 6.98
C GLY B 278 -6.55 -34.16 6.06
N PHE B 279 -5.54 -34.00 5.22
CA PHE B 279 -5.51 -32.90 4.26
C PHE B 279 -4.41 -33.19 3.23
N ILE B 280 -4.51 -32.50 2.10
CA ILE B 280 -3.48 -32.52 1.06
C ILE B 280 -2.96 -31.11 0.89
N HIS B 281 -1.65 -30.94 1.05
CA HIS B 281 -0.97 -29.67 0.84
C HIS B 281 -0.28 -29.74 -0.52
N VAL B 282 -0.72 -28.92 -1.46
CA VAL B 282 -0.40 -29.10 -2.87
C VAL B 282 0.70 -28.13 -3.28
N SER B 283 1.90 -28.66 -3.48
CA SER B 283 3.03 -27.96 -4.05
C SER B 283 3.43 -28.65 -5.35
N THR B 284 4.56 -28.24 -5.94
CA THR B 284 5.07 -28.85 -7.16
C THR B 284 6.59 -28.80 -7.14
N GLY B 285 7.20 -29.60 -8.03
CA GLY B 285 8.61 -29.46 -8.34
C GLY B 285 9.55 -30.00 -7.28
N GLY B 286 10.85 -29.80 -7.53
CA GLY B 286 11.90 -30.11 -6.58
C GLY B 286 12.61 -31.44 -6.81
N LEU B 287 12.17 -32.25 -7.77
CA LEU B 287 12.72 -33.60 -7.88
C LEU B 287 14.03 -33.62 -8.65
N VAL B 288 14.10 -32.92 -9.79
CA VAL B 288 15.27 -32.94 -10.65
C VAL B 288 15.73 -31.52 -10.91
N ALA B 289 17.04 -31.36 -11.14
CA ALA B 289 17.61 -30.04 -11.34
C ALA B 289 17.21 -29.43 -12.67
N HIS B 290 16.97 -30.25 -13.69
CA HIS B 290 16.60 -29.76 -15.01
C HIS B 290 15.11 -29.45 -15.14
N GLN B 291 14.45 -29.16 -14.03
CA GLN B 291 13.05 -28.75 -14.08
C GLN B 291 12.93 -27.34 -14.64
N GLN B 292 11.80 -27.07 -15.30
CA GLN B 292 11.47 -25.73 -15.80
C GLN B 292 10.10 -25.36 -15.24
N ILE B 293 10.08 -24.48 -14.25
CA ILE B 293 8.88 -24.16 -13.49
C ILE B 293 8.35 -22.80 -13.97
N PRO B 294 7.11 -22.72 -14.47
CA PRO B 294 6.52 -21.42 -14.89
C PRO B 294 6.03 -20.61 -13.69
N VAL B 295 6.99 -20.04 -12.97
CA VAL B 295 6.70 -19.34 -11.73
C VAL B 295 5.90 -18.07 -12.00
N GLY B 296 4.93 -17.80 -11.13
CA GLY B 296 4.09 -16.63 -11.23
C GLY B 296 3.03 -16.64 -10.14
N PRO B 297 2.33 -15.52 -9.95
CA PRO B 297 1.29 -15.45 -8.92
C PRO B 297 0.26 -16.57 -9.05
N GLY B 298 0.17 -17.43 -8.03
CA GLY B 298 -0.79 -18.51 -8.05
C GLY B 298 -0.52 -19.59 -9.09
N TYR B 299 0.76 -19.86 -9.39
CA TYR B 299 1.07 -20.81 -10.45
C TYR B 299 0.84 -22.27 -10.07
N GLN B 300 0.55 -22.56 -8.79
CA GLN B 300 0.24 -23.90 -8.34
C GLN B 300 -1.22 -24.04 -7.90
N VAL B 301 -2.02 -22.99 -8.09
CA VAL B 301 -3.41 -23.03 -7.64
C VAL B 301 -4.24 -23.96 -8.51
N GLU B 302 -3.96 -24.00 -9.82
CA GLU B 302 -4.66 -24.93 -10.71
C GLU B 302 -4.45 -26.37 -10.25
N HIS B 303 -3.23 -26.72 -9.82
CA HIS B 303 -2.98 -28.06 -9.32
C HIS B 303 -3.76 -28.33 -8.04
N ALA B 304 -3.89 -27.33 -7.18
CA ALA B 304 -4.67 -27.51 -5.96
C ALA B 304 -6.14 -27.75 -6.27
N GLN B 305 -6.68 -27.04 -7.27
CA GLN B 305 -8.09 -27.24 -7.63
C GLN B 305 -8.32 -28.62 -8.21
N ALA B 306 -7.36 -29.13 -8.99
CA ALA B 306 -7.49 -30.49 -9.52
C ALA B 306 -7.55 -31.51 -8.39
N ILE B 307 -6.74 -31.33 -7.34
CA ILE B 307 -6.80 -32.23 -6.20
C ILE B 307 -8.11 -32.06 -5.44
N LYS B 308 -8.51 -30.81 -5.20
CA LYS B 308 -9.70 -30.54 -4.41
C LYS B 308 -10.95 -31.14 -5.06
N GLN B 309 -11.02 -31.11 -6.39
CA GLN B 309 -12.18 -31.65 -7.10
C GLN B 309 -12.25 -33.17 -7.09
N ASN B 310 -11.23 -33.85 -6.55
CA ASN B 310 -11.20 -35.30 -6.57
C ASN B 310 -11.00 -35.94 -5.21
N VAL B 311 -10.94 -35.16 -4.13
CA VAL B 311 -10.87 -35.68 -2.77
C VAL B 311 -11.89 -34.97 -1.91
N ASN B 312 -12.21 -35.59 -0.77
CA ASN B 312 -13.15 -35.01 0.20
C ASN B 312 -12.46 -34.59 1.48
N ILE B 313 -11.14 -34.35 1.43
CA ILE B 313 -10.41 -33.81 2.57
C ILE B 313 -9.93 -32.42 2.18
N PRO B 314 -9.63 -31.54 3.15
CA PRO B 314 -9.23 -30.17 2.81
C PRO B 314 -7.96 -30.14 1.95
N THR B 315 -7.92 -29.20 1.02
CA THR B 315 -6.80 -28.98 0.12
C THR B 315 -6.20 -27.61 0.40
N MET B 316 -4.88 -27.56 0.57
CA MET B 316 -4.16 -26.31 0.81
C MET B 316 -3.44 -25.86 -0.46
N ALA B 317 -3.70 -24.63 -0.87
CA ALA B 317 -2.99 -24.02 -1.99
C ALA B 317 -1.82 -23.18 -1.47
N VAL B 318 -0.76 -23.12 -2.27
CA VAL B 318 0.45 -22.39 -1.89
C VAL B 318 1.16 -21.97 -3.17
N GLY B 319 1.96 -20.91 -3.07
CA GLY B 319 2.81 -20.53 -4.17
C GLY B 319 2.54 -19.12 -4.68
N LEU B 320 3.32 -18.16 -4.19
CA LEU B 320 3.19 -16.75 -4.58
C LEU B 320 1.78 -16.22 -4.32
N ILE B 321 1.21 -16.61 -3.19
CA ILE B 321 -0.01 -16.00 -2.68
C ILE B 321 0.42 -14.91 -1.69
N THR B 322 0.26 -13.65 -2.08
CA THR B 322 0.84 -12.54 -1.35
C THR B 322 -0.16 -11.47 -0.92
N HIS B 323 -1.41 -11.52 -1.42
CA HIS B 323 -2.36 -10.47 -1.12
C HIS B 323 -3.70 -11.08 -0.70
N SER B 324 -4.39 -10.38 0.20
CA SER B 324 -5.63 -10.88 0.79
C SER B 324 -6.71 -11.10 -0.27
N ALA B 325 -6.82 -10.18 -1.23
CA ALA B 325 -7.85 -10.33 -2.27
C ALA B 325 -7.55 -11.55 -3.15
N GLN B 326 -6.27 -11.81 -3.42
CA GLN B 326 -5.91 -13.01 -4.15
C GLN B 326 -6.25 -14.26 -3.35
N ALA B 327 -5.91 -14.27 -2.06
CA ALA B 327 -6.19 -15.42 -1.22
C ALA B 327 -7.68 -15.68 -1.10
N GLU B 328 -8.47 -14.62 -0.88
CA GLU B 328 -9.91 -14.79 -0.72
C GLU B 328 -10.58 -15.24 -2.02
N THR B 329 -10.06 -14.79 -3.16
CA THR B 329 -10.60 -15.25 -4.45
C THR B 329 -10.36 -16.74 -4.65
N ILE B 330 -9.18 -17.23 -4.24
CA ILE B 330 -8.88 -18.65 -4.35
C ILE B 330 -9.89 -19.47 -3.55
N LEU B 331 -10.25 -18.99 -2.36
CA LEU B 331 -11.22 -19.71 -1.54
C LEU B 331 -12.63 -19.57 -2.09
N LYS B 332 -13.03 -18.34 -2.44
CA LYS B 332 -14.41 -18.11 -2.85
C LYS B 332 -14.72 -18.80 -4.17
N SER B 333 -13.77 -18.82 -5.11
CA SER B 333 -13.96 -19.53 -6.36
C SER B 333 -13.70 -21.03 -6.23
N GLU B 334 -13.43 -21.51 -5.01
CA GLU B 334 -13.33 -22.93 -4.69
C GLU B 334 -12.17 -23.62 -5.40
N GLN B 335 -11.05 -22.93 -5.51
CA GLN B 335 -9.84 -23.58 -5.97
C GLN B 335 -9.12 -24.34 -4.87
N ALA B 336 -9.40 -24.02 -3.60
CA ALA B 336 -8.77 -24.68 -2.48
C ALA B 336 -9.63 -24.43 -1.24
N ASP B 337 -9.31 -25.15 -0.17
CA ASP B 337 -10.03 -24.98 1.09
C ASP B 337 -9.27 -24.13 2.09
N MET B 338 -7.94 -24.06 1.97
CA MET B 338 -7.10 -23.30 2.88
C MET B 338 -5.98 -22.65 2.09
N ILE B 339 -5.47 -21.54 2.60
CA ILE B 339 -4.43 -20.76 1.95
C ILE B 339 -3.16 -20.85 2.78
N ALA B 340 -2.06 -21.25 2.17
CA ALA B 340 -0.76 -21.29 2.82
C ALA B 340 0.16 -20.23 2.25
N ILE B 341 0.89 -19.56 3.13
CA ILE B 341 1.86 -18.54 2.75
C ILE B 341 3.19 -18.83 3.42
N ALA B 342 4.27 -18.48 2.72
CA ALA B 342 5.60 -18.63 3.28
C ALA B 342 6.39 -17.34 3.17
N ARG B 343 6.85 -17.00 1.95
CA ARG B 343 7.72 -15.84 1.79
C ARG B 343 7.01 -14.54 2.17
N ALA B 344 5.70 -14.45 1.95
CA ALA B 344 4.98 -13.26 2.39
C ALA B 344 5.01 -13.12 3.91
N ALA B 345 5.09 -14.24 4.64
CA ALA B 345 5.19 -14.19 6.09
C ALA B 345 6.59 -13.89 6.57
N LEU B 346 7.61 -14.19 5.76
CA LEU B 346 8.96 -13.73 6.10
C LEU B 346 9.08 -12.22 5.92
N LYS B 347 8.52 -11.69 4.82
CA LYS B 347 8.58 -10.25 4.58
C LYS B 347 7.80 -9.49 5.64
N ASN B 348 6.58 -9.92 5.93
CA ASN B 348 5.74 -9.29 6.96
C ASN B 348 5.16 -10.39 7.83
N PRO B 349 5.78 -10.68 8.98
CA PRO B 349 5.24 -11.74 9.85
C PRO B 349 3.87 -11.42 10.42
N HIS B 350 3.39 -10.18 10.27
CA HIS B 350 2.03 -9.83 10.66
C HIS B 350 1.13 -9.64 9.43
N TRP B 351 1.47 -10.35 8.35
CA TRP B 351 0.60 -10.40 7.16
C TRP B 351 -0.86 -10.66 7.50
N PRO B 352 -1.22 -11.61 8.38
CA PRO B 352 -2.65 -11.83 8.67
C PRO B 352 -3.34 -10.61 9.28
N TRP B 353 -2.59 -9.78 10.00
CA TRP B 353 -3.15 -8.56 10.56
C TRP B 353 -3.62 -7.62 9.46
N THR B 354 -2.73 -7.28 8.53
CA THR B 354 -3.11 -6.44 7.40
C THR B 354 -4.19 -7.08 6.54
N ALA B 355 -4.07 -8.39 6.30
CA ALA B 355 -5.04 -9.07 5.45
C ALA B 355 -6.45 -9.01 6.04
N ALA B 356 -6.57 -9.21 7.35
CA ALA B 356 -7.89 -9.18 7.98
C ALA B 356 -8.54 -7.81 7.85
N LEU B 357 -7.75 -6.74 8.03
CA LEU B 357 -8.29 -5.39 7.89
C LEU B 357 -8.74 -5.11 6.45
N GLU B 358 -7.94 -5.53 5.48
CA GLU B 358 -8.30 -5.32 4.08
C GLU B 358 -9.58 -6.06 3.69
N LEU B 359 -9.86 -7.19 4.34
CA LEU B 359 -11.06 -7.96 4.07
C LEU B 359 -12.22 -7.59 5.00
N GLY B 360 -12.01 -6.66 5.93
CA GLY B 360 -13.09 -6.24 6.79
C GLY B 360 -13.33 -7.09 8.01
N ASP B 361 -12.36 -7.90 8.42
CA ASP B 361 -12.47 -8.73 9.62
C ASP B 361 -11.57 -8.19 10.72
N LYS B 362 -11.88 -8.60 11.95
CA LYS B 362 -11.10 -8.14 13.10
C LYS B 362 -9.76 -8.86 13.13
N PRO B 363 -8.64 -8.15 13.11
CA PRO B 363 -7.34 -8.82 13.17
C PRO B 363 -7.01 -9.30 14.58
N PHE B 364 -6.30 -10.43 14.63
CA PHE B 364 -5.83 -10.96 15.89
C PHE B 364 -4.57 -10.23 16.34
N ALA B 365 -4.49 -9.95 17.63
CA ALA B 365 -3.29 -9.37 18.20
C ALA B 365 -3.22 -9.78 19.66
N PRO B 366 -2.05 -10.22 20.13
CA PRO B 366 -1.89 -10.49 21.56
C PRO B 366 -2.04 -9.20 22.35
N PRO B 367 -2.43 -9.28 23.62
CA PRO B 367 -2.68 -8.06 24.41
C PRO B 367 -1.51 -7.09 24.43
N GLN B 368 -0.28 -7.59 24.37
CA GLN B 368 0.89 -6.70 24.36
C GLN B 368 0.90 -5.77 23.15
N TYR B 369 0.23 -6.12 22.06
CA TYR B 369 0.30 -5.35 20.81
C TYR B 369 -0.98 -4.59 20.50
N GLN B 370 -1.98 -4.62 21.38
CA GLN B 370 -3.30 -4.11 21.02
C GLN B 370 -3.38 -2.59 21.00
N ARG B 371 -2.36 -1.88 21.47
CA ARG B 371 -2.34 -0.43 21.32
C ARG B 371 -1.97 0.00 19.90
N ALA B 372 -1.54 -0.92 19.04
CA ALA B 372 -1.33 -0.66 17.63
C ALA B 372 -2.54 -1.03 16.78
N ARG B 373 -3.60 -1.53 17.38
CA ARG B 373 -4.79 -1.97 16.66
C ARG B 373 -5.90 -0.91 16.73
N GLY C 18 -14.33 19.11 7.32
CA GLY C 18 -13.21 18.36 7.87
C GLY C 18 -13.05 18.53 9.37
N SER C 19 -12.47 17.53 10.03
CA SER C 19 -12.36 17.57 11.48
C SER C 19 -11.22 16.71 12.00
N MET C 20 -10.84 15.68 11.25
CA MET C 20 -9.84 14.73 11.73
C MET C 20 -8.42 15.14 11.38
N SER C 21 -8.20 15.88 10.29
CA SER C 21 -6.86 16.28 9.90
C SER C 21 -6.84 17.74 9.46
N LEU C 22 -5.66 18.35 9.55
CA LEU C 22 -5.48 19.70 9.03
C LEU C 22 -5.56 19.71 7.50
N LEU C 23 -5.01 18.69 6.85
CA LEU C 23 -4.91 18.69 5.40
C LEU C 23 -6.28 18.81 4.73
N PHE C 24 -7.30 18.21 5.32
CA PHE C 24 -8.63 18.22 4.72
C PHE C 24 -9.63 19.04 5.53
N SER C 25 -9.14 19.98 6.34
CA SER C 25 -9.99 20.98 6.97
C SER C 25 -10.10 22.21 6.06
N PRO C 26 -11.30 22.77 5.92
CA PRO C 26 -11.46 23.96 5.06
C PRO C 26 -10.52 25.09 5.46
N TYR C 27 -10.11 25.86 4.46
CA TYR C 27 -9.09 26.88 4.64
C TYR C 27 -9.48 28.12 3.84
N GLN C 28 -9.14 29.29 4.39
CA GLN C 28 -9.43 30.57 3.75
C GLN C 28 -8.11 31.13 3.21
N LEU C 29 -8.05 31.30 1.88
CA LEU C 29 -6.90 31.89 1.21
C LEU C 29 -7.31 33.28 0.74
N GLY C 30 -7.04 34.29 1.56
CA GLY C 30 -7.52 35.63 1.28
C GLY C 30 -9.04 35.68 1.35
N SER C 31 -9.69 36.13 0.28
CA SER C 31 -11.15 36.12 0.21
C SER C 31 -11.67 34.80 -0.33
N LEU C 32 -10.79 33.84 -0.59
CA LEU C 32 -11.14 32.61 -1.27
C LEU C 32 -11.30 31.50 -0.23
N SER C 33 -12.51 30.95 -0.14
CA SER C 33 -12.80 29.83 0.76
C SER C 33 -12.49 28.53 0.04
N LEU C 34 -11.55 27.76 0.58
CA LEU C 34 -11.12 26.50 -0.01
C LEU C 34 -11.64 25.32 0.80
N ALA C 35 -11.89 24.21 0.10
CA ALA C 35 -12.40 23.01 0.77
C ALA C 35 -11.36 22.35 1.66
N ASN C 36 -10.08 22.57 1.40
CA ASN C 36 -9.02 21.95 2.19
C ASN C 36 -7.71 22.69 1.90
N ARG C 37 -6.62 22.16 2.45
N ARG C 37 -6.62 22.16 2.45
CA ARG C 37 -5.29 22.75 2.29
CA ARG C 37 -5.29 22.74 2.30
C ARG C 37 -4.44 22.01 1.26
C ARG C 37 -4.45 22.05 1.24
N LEU C 38 -5.05 21.23 0.38
CA LEU C 38 -4.33 20.48 -0.63
C LEU C 38 -4.40 21.21 -1.97
N VAL C 39 -3.24 21.37 -2.61
CA VAL C 39 -3.12 22.08 -3.88
C VAL C 39 -2.52 21.14 -4.92
N ILE C 40 -3.03 21.20 -6.14
CA ILE C 40 -2.39 20.55 -7.28
C ILE C 40 -1.47 21.60 -7.92
N ALA C 41 -0.17 21.34 -7.88
CA ALA C 41 0.80 22.27 -8.43
C ALA C 41 0.68 22.36 -9.95
N PRO C 42 1.09 23.48 -10.56
CA PRO C 42 1.01 23.59 -12.02
C PRO C 42 1.92 22.59 -12.71
N MET C 43 1.41 22.01 -13.79
CA MET C 43 2.16 21.01 -14.56
C MET C 43 1.91 21.23 -16.05
N CYS C 44 2.92 21.73 -16.75
CA CYS C 44 2.84 21.92 -18.19
C CYS C 44 2.51 20.60 -18.88
N GLN C 45 1.61 20.67 -19.86
CA GLN C 45 1.19 19.51 -20.64
C GLN C 45 1.71 19.52 -22.07
N TYR C 46 2.18 20.66 -22.57
CA TYR C 46 2.77 20.76 -23.91
C TYR C 46 1.82 20.20 -24.97
N SER C 47 0.52 20.49 -24.81
CA SER C 47 -0.50 19.91 -25.66
C SER C 47 -1.43 20.96 -26.24
N ALA C 48 -1.03 22.22 -26.24
CA ALA C 48 -1.84 23.30 -26.77
C ALA C 48 -1.50 23.55 -28.24
N VAL C 49 -2.43 24.20 -28.92
CA VAL C 49 -2.24 24.62 -30.31
C VAL C 49 -2.43 26.13 -30.35
N ASP C 50 -1.36 26.85 -30.70
CA ASP C 50 -1.35 28.32 -30.72
C ASP C 50 -1.81 28.88 -29.37
N GLY C 51 -1.37 28.24 -28.29
CA GLY C 51 -1.72 28.65 -26.96
C GLY C 51 -3.13 28.31 -26.52
N ILE C 52 -3.93 27.67 -27.37
CA ILE C 52 -5.32 27.39 -27.07
C ILE C 52 -5.41 26.01 -26.41
N ALA C 53 -6.09 25.96 -25.27
CA ALA C 53 -6.31 24.68 -24.59
C ALA C 53 -7.11 23.73 -25.47
N GLN C 54 -6.78 22.44 -25.38
CA GLN C 54 -7.33 21.41 -26.25
C GLN C 54 -8.13 20.40 -25.44
N ASP C 55 -8.61 19.36 -26.13
CA ASP C 55 -9.33 18.28 -25.45
C ASP C 55 -8.48 17.66 -24.35
N TRP C 56 -7.17 17.56 -24.57
CA TRP C 56 -6.29 17.01 -23.53
C TRP C 56 -6.43 17.78 -22.23
N HIS C 57 -6.50 19.12 -22.30
CA HIS C 57 -6.57 19.92 -21.09
C HIS C 57 -7.91 19.76 -20.37
N LEU C 58 -9.00 19.59 -21.11
CA LEU C 58 -10.27 19.32 -20.46
C LEU C 58 -10.23 17.99 -19.73
N MET C 59 -9.67 16.96 -20.37
CA MET C 59 -9.49 15.67 -19.72
C MET C 59 -8.55 15.79 -18.53
N HIS C 60 -7.43 16.49 -18.71
CA HIS C 60 -6.41 16.56 -17.66
C HIS C 60 -6.86 17.44 -16.50
N LEU C 61 -7.26 18.69 -16.80
CA LEU C 61 -7.64 19.61 -15.73
C LEU C 61 -8.98 19.25 -15.12
N GLY C 62 -9.91 18.72 -15.92
CA GLY C 62 -11.19 18.29 -15.38
C GLY C 62 -11.04 17.19 -14.33
N ARG C 63 -10.11 16.26 -14.56
CA ARG C 63 -9.86 15.21 -13.59
C ARG C 63 -9.29 15.79 -12.30
N LEU C 64 -8.30 16.70 -12.41
CA LEU C 64 -7.73 17.32 -11.22
C LEU C 64 -8.79 18.09 -10.44
N ALA C 65 -9.75 18.69 -11.15
CA ALA C 65 -10.78 19.47 -10.48
C ALA C 65 -11.71 18.61 -9.65
N ILE C 66 -11.92 17.34 -10.03
CA ILE C 66 -12.76 16.42 -9.28
C ILE C 66 -11.94 15.50 -8.39
N SER C 67 -10.63 15.73 -8.30
CA SER C 67 -9.76 14.84 -7.52
C SER C 67 -10.04 14.93 -6.02
N GLY C 68 -10.57 16.07 -5.56
CA GLY C 68 -10.76 16.32 -4.15
C GLY C 68 -9.92 17.46 -3.62
N ALA C 69 -8.89 17.86 -4.36
CA ALA C 69 -8.06 18.99 -3.95
C ALA C 69 -8.89 20.26 -3.91
N GLY C 70 -8.55 21.15 -2.97
CA GLY C 70 -9.27 22.41 -2.86
C GLY C 70 -8.84 23.47 -3.85
N LEU C 71 -7.67 23.32 -4.45
CA LEU C 71 -7.13 24.32 -5.35
C LEU C 71 -6.32 23.61 -6.44
N VAL C 72 -6.61 23.93 -7.70
CA VAL C 72 -5.88 23.42 -8.85
C VAL C 72 -5.25 24.60 -9.56
N ILE C 73 -3.94 24.57 -9.74
CA ILE C 73 -3.21 25.64 -10.41
C ILE C 73 -2.91 25.17 -11.83
N VAL C 74 -3.52 25.85 -12.81
CA VAL C 74 -3.27 25.52 -14.21
C VAL C 74 -1.81 25.84 -14.54
N GLU C 75 -1.24 25.01 -15.43
CA GLU C 75 0.15 25.11 -15.89
C GLU C 75 0.58 26.52 -16.30
N ALA C 76 1.89 26.73 -16.36
CA ALA C 76 2.46 28.01 -16.78
C ALA C 76 1.88 28.45 -18.10
N THR C 77 1.26 29.64 -18.10
CA THR C 77 0.57 30.18 -19.25
C THR C 77 1.26 31.47 -19.68
N GLY C 78 1.70 31.50 -20.95
CA GLY C 78 2.47 32.65 -21.42
C GLY C 78 1.60 33.88 -21.59
N VAL C 79 2.14 35.02 -21.14
CA VAL C 79 1.41 36.29 -21.26
C VAL C 79 1.53 36.90 -22.64
N ASN C 80 2.46 36.43 -23.45
CA ASN C 80 2.55 36.81 -24.87
C ASN C 80 3.21 35.68 -25.60
N PRO C 81 3.14 35.67 -26.94
CA PRO C 81 3.68 34.51 -27.70
C PRO C 81 5.12 34.16 -27.37
N GLU C 82 5.99 35.15 -27.18
CA GLU C 82 7.40 34.90 -26.91
C GLU C 82 7.66 34.47 -25.48
N GLY C 83 6.68 34.57 -24.59
CA GLY C 83 6.83 34.14 -23.22
C GLY C 83 6.52 32.69 -22.97
N ARG C 84 5.97 31.99 -23.96
CA ARG C 84 5.75 30.55 -23.83
C ARG C 84 7.08 29.82 -23.72
N ILE C 85 7.09 28.74 -22.92
CA ILE C 85 8.26 27.89 -22.86
C ILE C 85 8.47 27.19 -24.21
N THR C 86 7.40 26.70 -24.82
CA THR C 86 7.44 25.94 -26.07
C THR C 86 6.33 26.43 -26.99
N PRO C 87 6.37 26.10 -28.29
CA PRO C 87 5.23 26.42 -29.15
C PRO C 87 3.96 25.67 -28.79
N PHE C 88 4.01 24.76 -27.82
CA PHE C 88 2.85 23.96 -27.43
C PHE C 88 2.33 24.29 -26.05
N CYS C 89 2.76 25.41 -25.46
CA CYS C 89 2.31 25.82 -24.15
C CYS C 89 1.02 26.63 -24.24
N LEU C 90 0.31 26.71 -23.12
CA LEU C 90 -0.87 27.55 -23.05
C LEU C 90 -0.48 29.02 -23.13
N GLY C 91 -1.35 29.82 -23.75
CA GLY C 91 -1.23 31.25 -23.74
C GLY C 91 -2.53 31.87 -23.29
N LEU C 92 -2.43 33.12 -22.81
CA LEU C 92 -3.62 33.88 -22.42
C LEU C 92 -3.46 35.32 -22.89
N TYR C 93 -3.43 35.51 -24.21
CA TYR C 93 -3.29 36.83 -24.80
C TYR C 93 -4.25 37.10 -25.96
N ASN C 94 -5.28 36.28 -26.15
CA ASN C 94 -6.32 36.59 -27.11
C ASN C 94 -7.63 35.96 -26.65
N ASP C 95 -8.71 36.32 -27.34
CA ASP C 95 -10.05 35.89 -26.93
C ASP C 95 -10.26 34.40 -27.11
N GLU C 96 -9.63 33.80 -28.12
CA GLU C 96 -9.82 32.36 -28.35
C GLU C 96 -9.21 31.53 -27.23
N GLN C 97 -8.02 31.93 -26.76
CA GLN C 97 -7.41 31.23 -25.63
C GLN C 97 -8.21 31.44 -24.35
N GLU C 98 -8.74 32.65 -24.14
CA GLU C 98 -9.51 32.93 -22.95
C GLU C 98 -10.80 32.11 -22.90
N ALA C 99 -11.47 31.98 -24.05
CA ALA C 99 -12.72 31.24 -24.10
C ALA C 99 -12.49 29.75 -23.83
N ALA C 100 -11.41 29.19 -24.38
CA ALA C 100 -11.13 27.77 -24.16
C ALA C 100 -10.84 27.48 -22.69
N LEU C 101 -10.09 28.37 -22.03
CA LEU C 101 -9.82 28.20 -20.60
C LEU C 101 -11.08 28.41 -19.77
N GLY C 102 -11.93 29.37 -20.16
CA GLY C 102 -13.17 29.57 -19.44
C GLY C 102 -14.09 28.37 -19.51
N ARG C 103 -14.04 27.61 -20.61
CA ARG C 103 -14.83 26.39 -20.71
C ARG C 103 -14.38 25.34 -19.70
N ILE C 104 -13.07 25.26 -19.47
CA ILE C 104 -12.54 24.30 -18.49
C ILE C 104 -12.88 24.74 -17.08
N VAL C 105 -12.78 26.04 -16.80
CA VAL C 105 -13.16 26.55 -15.49
C VAL C 105 -14.63 26.28 -15.20
N ALA C 106 -15.48 26.37 -16.24
CA ALA C 106 -16.90 26.11 -16.06
C ALA C 106 -17.15 24.65 -15.72
N PHE C 107 -16.38 23.74 -16.34
CA PHE C 107 -16.47 22.32 -15.99
C PHE C 107 -16.12 22.11 -14.52
N ALA C 108 -15.07 22.78 -14.04
CA ALA C 108 -14.65 22.64 -12.64
C ALA C 108 -15.72 23.16 -11.69
N ARG C 109 -16.39 24.25 -12.06
CA ARG C 109 -17.42 24.82 -11.20
C ARG C 109 -18.61 23.88 -11.07
N GLU C 110 -18.89 23.09 -12.10
N GLU C 110 -18.90 23.11 -12.10
CA GLU C 110 -20.07 22.25 -12.09
CA GLU C 110 -20.09 22.26 -12.09
C GLU C 110 -19.84 20.92 -11.37
C GLU C 110 -19.84 20.92 -11.39
N PHE C 111 -18.66 20.33 -11.52
CA PHE C 111 -18.43 18.95 -11.06
C PHE C 111 -17.46 18.79 -9.91
N GLY C 112 -16.52 19.71 -9.71
CA GLY C 112 -15.51 19.56 -8.68
C GLY C 112 -15.71 20.51 -7.51
N GLN C 113 -14.92 20.28 -6.47
CA GLN C 113 -14.89 21.17 -5.30
C GLN C 113 -13.61 22.00 -5.25
N ALA C 114 -12.80 21.96 -6.31
CA ALA C 114 -11.58 22.75 -6.38
C ALA C 114 -11.86 24.14 -6.91
N LYS C 115 -11.24 25.13 -6.30
CA LYS C 115 -11.12 26.44 -6.95
C LYS C 115 -10.01 26.37 -7.99
N MET C 116 -10.21 27.09 -9.09
CA MET C 116 -9.27 27.08 -10.20
C MET C 116 -8.39 28.32 -10.14
N ALA C 117 -7.09 28.10 -10.20
CA ALA C 117 -6.10 29.16 -10.31
C ALA C 117 -5.30 28.94 -11.59
N ILE C 118 -4.59 29.97 -12.02
CA ILE C 118 -3.76 29.87 -13.21
C ILE C 118 -2.41 30.54 -12.92
N GLN C 119 -1.35 29.92 -13.42
CA GLN C 119 0.00 30.47 -13.27
C GLN C 119 0.33 31.29 -14.52
N LEU C 120 0.46 32.60 -14.34
CA LEU C 120 0.84 33.48 -15.42
C LEU C 120 2.36 33.57 -15.47
N ALA C 121 2.93 33.36 -16.66
CA ALA C 121 4.37 33.17 -16.77
C ALA C 121 4.91 33.86 -18.01
N HIS C 122 6.22 34.10 -17.96
CA HIS C 122 7.02 34.47 -19.13
C HIS C 122 8.32 33.69 -19.01
N ALA C 123 8.63 32.87 -20.02
CA ALA C 123 9.75 31.95 -19.90
C ALA C 123 11.11 32.65 -19.98
N GLY C 124 11.15 33.88 -20.47
CA GLY C 124 12.42 34.58 -20.55
C GLY C 124 13.42 33.85 -21.43
N ARG C 125 14.66 33.76 -20.95
CA ARG C 125 15.73 33.14 -21.74
C ARG C 125 15.54 31.64 -21.92
N LYS C 126 14.56 31.03 -21.25
CA LYS C 126 14.30 29.61 -21.38
C LYS C 126 13.15 29.33 -22.35
N ALA C 127 12.75 30.32 -23.15
CA ALA C 127 11.63 30.17 -24.06
C ALA C 127 12.07 29.48 -25.35
N SER C 128 11.08 29.19 -26.19
CA SER C 128 11.31 28.69 -27.55
C SER C 128 12.03 27.34 -27.53
N THR C 129 11.63 26.45 -26.63
CA THR C 129 12.23 25.14 -26.48
C THR C 129 11.26 24.05 -26.93
N ARG C 130 11.75 22.81 -26.92
CA ARG C 130 10.98 21.66 -27.39
C ARG C 130 10.20 21.01 -26.25
N ARG C 131 9.30 20.11 -26.62
CA ARG C 131 8.66 19.26 -25.63
C ARG C 131 9.71 18.43 -24.89
N PRO C 132 9.54 18.19 -23.60
CA PRO C 132 10.56 17.42 -22.86
C PRO C 132 10.77 16.01 -23.39
N TRP C 133 9.76 15.40 -24.00
CA TRP C 133 9.90 14.07 -24.59
C TRP C 133 10.33 14.11 -26.05
N ASP C 134 10.71 15.30 -26.55
CA ASP C 134 11.32 15.48 -27.86
C ASP C 134 12.66 16.18 -27.63
N PRO C 135 13.68 15.45 -27.20
CA PRO C 135 14.94 16.12 -26.83
C PRO C 135 15.63 16.74 -28.04
N GLY C 136 16.33 17.84 -27.76
CA GLY C 136 17.02 18.57 -28.80
C GLY C 136 17.27 20.00 -28.37
N SER C 137 17.91 20.74 -29.27
CA SER C 137 18.21 22.14 -29.01
C SER C 137 16.94 22.97 -29.09
N PRO C 138 16.93 24.15 -28.47
CA PRO C 138 15.78 25.06 -28.65
C PRO C 138 15.53 25.34 -30.12
N TYR C 139 14.26 25.57 -30.45
CA TYR C 139 13.89 25.92 -31.82
C TYR C 139 14.55 27.22 -32.24
N SER C 140 15.30 27.17 -33.34
CA SER C 140 15.85 28.37 -33.93
C SER C 140 14.75 29.16 -34.64
N PRO C 141 14.99 30.45 -34.92
CA PRO C 141 13.97 31.24 -35.63
C PRO C 141 13.52 30.65 -36.96
N GLU C 142 14.40 29.98 -37.70
CA GLU C 142 13.99 29.41 -38.98
C GLU C 142 13.18 28.14 -38.81
N GLU C 143 13.30 27.47 -37.66
CA GLU C 143 12.55 26.26 -37.36
C GLU C 143 11.17 26.56 -36.77
N GLY C 144 10.76 27.82 -36.74
CA GLY C 144 9.52 28.21 -36.10
C GLY C 144 9.68 28.76 -34.69
N GLY C 145 10.91 28.87 -34.20
CA GLY C 145 11.17 29.42 -32.88
C GLY C 145 11.29 30.93 -32.90
N TRP C 146 11.92 31.45 -31.84
CA TRP C 146 12.05 32.90 -31.70
C TRP C 146 13.21 33.21 -30.76
N GLN C 147 13.78 34.40 -30.94
CA GLN C 147 14.77 34.88 -30.00
C GLN C 147 14.11 35.24 -28.67
N THR C 148 14.75 34.89 -27.57
CA THR C 148 14.16 35.07 -26.26
C THR C 148 14.52 36.44 -25.69
N TRP C 149 13.79 36.83 -24.64
CA TRP C 149 14.05 38.04 -23.89
C TRP C 149 14.53 37.68 -22.49
N ALA C 150 15.32 38.56 -21.90
CA ALA C 150 15.93 38.29 -20.61
C ALA C 150 16.37 39.61 -20.01
N PRO C 151 16.60 39.67 -18.69
CA PRO C 151 17.16 40.91 -18.12
C PRO C 151 18.54 41.23 -18.66
N SER C 152 19.35 40.21 -18.92
CA SER C 152 20.69 40.39 -19.45
C SER C 152 20.92 39.40 -20.59
N ALA C 153 21.89 39.73 -21.45
CA ALA C 153 22.23 38.90 -22.60
C ALA C 153 23.14 37.74 -22.15
N ILE C 154 22.56 36.86 -21.34
CA ILE C 154 23.26 35.70 -20.78
C ILE C 154 22.47 34.46 -21.13
N LYS C 155 23.13 33.48 -21.74
CA LYS C 155 22.44 32.31 -22.26
C LYS C 155 22.22 31.27 -21.19
N PHE C 156 21.06 30.59 -21.27
CA PHE C 156 20.89 29.33 -20.56
C PHE C 156 21.31 28.16 -21.44
N TYR C 157 20.81 28.13 -22.68
CA TYR C 157 21.21 27.15 -23.68
C TYR C 157 22.31 27.75 -24.55
N GLU C 158 23.49 27.14 -24.53
CA GLU C 158 24.61 27.67 -25.29
C GLU C 158 24.45 27.49 -26.80
N GLU C 159 23.58 26.57 -27.23
CA GLU C 159 23.43 26.27 -28.65
C GLU C 159 22.46 27.20 -29.37
N SER C 160 21.74 28.04 -28.65
CA SER C 160 20.71 28.90 -29.22
C SER C 160 21.18 30.35 -29.24
N LEU C 161 20.30 31.23 -29.70
CA LEU C 161 20.63 32.64 -29.80
C LEU C 161 20.78 33.27 -28.42
N THR C 162 21.73 34.20 -28.32
CA THR C 162 21.86 34.99 -27.11
C THR C 162 20.58 35.78 -26.88
N PRO C 163 20.00 35.75 -25.68
CA PRO C 163 18.72 36.43 -25.46
C PRO C 163 18.84 37.94 -25.65
N HIS C 164 17.73 38.55 -26.05
CA HIS C 164 17.67 39.99 -26.21
C HIS C 164 17.53 40.65 -24.84
N PRO C 165 18.50 41.46 -24.41
CA PRO C 165 18.36 42.14 -23.11
C PRO C 165 17.28 43.20 -23.16
N MET C 166 16.38 43.16 -22.18
CA MET C 166 15.16 43.96 -22.22
C MET C 166 15.46 45.42 -21.90
N SER C 167 14.96 46.32 -22.75
CA SER C 167 15.05 47.75 -22.48
C SER C 167 13.96 48.14 -21.48
N ILE C 168 13.95 49.42 -21.10
CA ILE C 168 12.94 49.90 -20.16
C ILE C 168 11.55 49.77 -20.75
N GLU C 169 11.41 50.07 -22.04
CA GLU C 169 10.11 49.90 -22.69
C GLU C 169 9.71 48.43 -22.80
N ASP C 170 10.69 47.54 -22.98
CA ASP C 170 10.39 46.11 -22.95
C ASP C 170 9.81 45.71 -21.60
N LEU C 171 10.37 46.25 -20.50
CA LEU C 171 9.82 45.98 -19.17
C LEU C 171 8.35 46.37 -19.08
N GLU C 172 8.00 47.55 -19.60
N GLU C 172 8.00 47.54 -19.61
CA GLU C 172 6.62 48.00 -19.54
CA GLU C 172 6.62 47.99 -19.52
C GLU C 172 5.71 47.17 -20.43
C GLU C 172 5.70 47.18 -20.43
N THR C 173 6.23 46.66 -21.54
CA THR C 173 5.42 45.83 -22.43
C THR C 173 5.05 44.52 -21.78
N VAL C 174 6.05 43.82 -21.20
CA VAL C 174 5.79 42.54 -20.56
C VAL C 174 4.92 42.74 -19.33
N LYS C 175 5.15 43.81 -18.57
CA LYS C 175 4.32 44.10 -17.40
C LYS C 175 2.86 44.30 -17.79
N GLN C 176 2.61 45.04 -18.88
CA GLN C 176 1.25 45.21 -19.35
C GLN C 176 0.68 43.91 -19.87
N ASP C 177 1.51 43.04 -20.46
CA ASP C 177 1.04 41.73 -20.89
C ASP C 177 0.60 40.87 -19.71
N PHE C 178 1.35 40.93 -18.60
CA PHE C 178 0.92 40.27 -17.37
C PHE C 178 -0.43 40.82 -16.91
N VAL C 179 -0.59 42.14 -16.94
CA VAL C 179 -1.85 42.77 -16.54
C VAL C 179 -2.99 42.28 -17.43
N ASN C 180 -2.77 42.28 -18.75
CA ASN C 180 -3.84 41.87 -19.65
C ASN C 180 -4.20 40.40 -19.47
N SER C 181 -3.20 39.53 -19.29
CA SER C 181 -3.50 38.13 -19.05
C SER C 181 -4.25 37.96 -17.73
N ALA C 182 -3.88 38.75 -16.71
CA ALA C 182 -4.56 38.68 -15.42
C ALA C 182 -6.03 39.08 -15.56
N ILE C 183 -6.30 40.13 -16.32
CA ILE C 183 -7.68 40.55 -16.53
C ILE C 183 -8.46 39.47 -17.28
N ARG C 184 -7.84 38.87 -18.30
CA ARG C 184 -8.47 37.77 -19.02
C ARG C 184 -8.75 36.59 -18.09
N ALA C 185 -7.80 36.27 -17.21
CA ALA C 185 -7.97 35.14 -16.29
C ALA C 185 -9.15 35.37 -15.36
N GLU C 186 -9.25 36.57 -14.77
CA GLU C 186 -10.38 36.89 -13.91
C GLU C 186 -11.69 36.80 -14.68
N ARG C 187 -11.70 37.24 -15.93
CA ARG C 187 -12.92 37.21 -16.73
C ARG C 187 -13.30 35.77 -17.08
N ALA C 188 -12.32 34.89 -17.24
CA ALA C 188 -12.59 33.49 -17.57
C ALA C 188 -13.06 32.68 -16.37
N GLY C 189 -13.02 33.24 -15.17
CA GLY C 189 -13.54 32.58 -13.98
C GLY C 189 -12.50 32.11 -12.99
N PHE C 190 -11.21 32.33 -13.26
CA PHE C 190 -10.20 31.95 -12.29
C PHE C 190 -10.31 32.81 -11.04
N LYS C 191 -10.22 32.16 -9.89
CA LYS C 191 -10.35 32.86 -8.61
C LYS C 191 -9.01 33.20 -7.99
N ALA C 192 -7.91 32.68 -8.53
CA ALA C 192 -6.59 33.00 -8.03
C ALA C 192 -5.61 33.00 -9.18
N ILE C 193 -4.55 33.80 -9.03
CA ILE C 193 -3.47 33.88 -10.01
C ILE C 193 -2.16 33.67 -9.28
N GLU C 194 -1.28 32.87 -9.88
CA GLU C 194 0.07 32.69 -9.38
C GLU C 194 1.04 33.27 -10.41
N LEU C 195 1.84 34.24 -9.97
CA LEU C 195 2.89 34.79 -10.82
C LEU C 195 4.11 33.87 -10.74
N HIS C 196 4.62 33.48 -11.91
CA HIS C 196 5.69 32.49 -11.98
C HIS C 196 7.03 33.18 -11.81
N GLY C 197 7.49 33.25 -10.56
CA GLY C 197 8.79 33.82 -10.27
C GLY C 197 9.85 32.78 -9.93
N ALA C 198 9.67 31.56 -10.43
CA ALA C 198 10.50 30.43 -10.05
C ALA C 198 11.05 29.74 -11.29
N HIS C 199 11.83 28.69 -11.04
CA HIS C 199 12.23 27.69 -12.04
C HIS C 199 12.94 28.31 -13.25
N GLY C 200 13.62 29.43 -13.02
CA GLY C 200 14.51 29.99 -14.02
C GLY C 200 13.87 30.78 -15.13
N TYR C 201 12.60 31.16 -15.00
CA TYR C 201 11.93 31.93 -16.04
C TYR C 201 12.12 33.42 -15.77
N LEU C 202 11.38 34.27 -16.47
CA LEU C 202 11.74 35.69 -16.60
C LEU C 202 11.87 36.37 -15.24
N ILE C 203 10.84 36.26 -14.39
CA ILE C 203 10.88 36.93 -13.09
C ILE C 203 12.04 36.42 -12.26
N HIS C 204 12.24 35.09 -12.24
CA HIS C 204 13.39 34.54 -11.53
C HIS C 204 14.70 35.04 -12.11
N GLN C 205 14.75 35.21 -13.44
CA GLN C 205 15.95 35.73 -14.08
C GLN C 205 16.30 37.14 -13.58
N PHE C 206 15.28 37.96 -13.29
CA PHE C 206 15.54 39.28 -12.73
C PHE C 206 16.02 39.19 -11.28
N LEU C 207 15.48 38.23 -10.51
CA LEU C 207 15.77 38.19 -9.08
C LEU C 207 17.19 37.75 -8.79
N SER C 208 17.76 36.88 -9.62
CA SER C 208 19.02 36.25 -9.26
C SER C 208 20.21 36.95 -9.90
N PRO C 209 21.30 37.09 -9.15
CA PRO C 209 22.51 37.72 -9.71
C PRO C 209 23.21 36.88 -10.76
N LEU C 210 22.93 35.57 -10.84
CA LEU C 210 23.59 34.75 -11.87
C LEU C 210 23.07 35.06 -13.26
N SER C 211 21.84 35.56 -13.36
CA SER C 211 21.22 35.87 -14.65
C SER C 211 20.95 37.35 -14.86
N ASN C 212 20.89 38.15 -13.79
CA ASN C 212 20.66 39.58 -13.87
C ASN C 212 21.98 40.30 -13.63
N GLN C 213 22.56 40.85 -14.70
CA GLN C 213 23.77 41.65 -14.63
C GLN C 213 23.51 43.08 -15.12
N ARG C 214 22.26 43.53 -15.02
CA ARG C 214 21.91 44.87 -15.51
C ARG C 214 22.64 45.95 -14.71
N GLN C 215 22.89 47.08 -15.38
N GLN C 215 22.87 47.07 -15.39
CA GLN C 215 23.59 48.19 -14.75
CA GLN C 215 23.59 48.21 -14.82
C GLN C 215 22.66 49.36 -14.42
C GLN C 215 22.67 49.35 -14.41
N ASP C 216 21.37 49.22 -14.62
CA ASP C 216 20.41 50.24 -14.26
C ASP C 216 19.79 49.91 -12.88
N GLN C 217 18.65 50.51 -12.57
CA GLN C 217 18.04 50.31 -11.26
C GLN C 217 17.29 48.98 -11.15
N TYR C 218 17.41 48.11 -12.14
CA TYR C 218 16.76 46.80 -12.11
C TYR C 218 17.76 45.65 -11.96
N GLY C 219 19.03 45.97 -11.74
CA GLY C 219 20.03 44.95 -11.47
C GLY C 219 21.02 45.45 -10.44
N GLY C 220 21.80 44.52 -9.89
CA GLY C 220 22.78 44.85 -8.88
C GLY C 220 22.35 44.45 -7.48
N SER C 221 21.94 45.44 -6.69
CA SER C 221 21.49 45.17 -5.32
C SER C 221 20.24 44.30 -5.32
N LEU C 222 19.94 43.74 -4.15
CA LEU C 222 18.70 42.98 -3.99
C LEU C 222 17.48 43.83 -4.28
N GLU C 223 17.46 45.07 -3.77
CA GLU C 223 16.32 45.95 -4.02
C GLU C 223 16.14 46.22 -5.52
N ASN C 224 17.25 46.32 -6.26
CA ASN C 224 17.13 46.51 -7.70
C ASN C 224 16.62 45.24 -8.39
N ARG C 225 17.13 44.08 -7.97
CA ARG C 225 16.71 42.84 -8.58
C ARG C 225 15.24 42.53 -8.28
N MET C 226 14.73 42.97 -7.13
CA MET C 226 13.33 42.80 -6.80
C MET C 226 12.41 43.80 -7.48
N ARG C 227 12.97 44.89 -8.02
CA ARG C 227 12.16 46.04 -8.38
C ARG C 227 11.15 45.71 -9.47
N TYR C 228 11.60 45.08 -10.57
CA TYR C 228 10.68 44.77 -11.66
C TYR C 228 9.68 43.68 -11.28
N PRO C 229 10.06 42.56 -10.66
CA PRO C 229 9.04 41.60 -10.21
C PRO C 229 7.99 42.22 -9.31
N LEU C 230 8.39 43.12 -8.41
CA LEU C 230 7.41 43.77 -7.53
C LEU C 230 6.50 44.71 -8.32
N GLU C 231 7.01 45.33 -9.39
CA GLU C 231 6.15 46.16 -10.24
C GLU C 231 5.07 45.32 -10.91
N ILE C 232 5.43 44.15 -11.44
CA ILE C 232 4.43 43.29 -12.08
C ILE C 232 3.35 42.91 -11.08
N LEU C 233 3.75 42.50 -9.87
CA LEU C 233 2.79 42.13 -8.85
C LEU C 233 1.84 43.27 -8.53
N SER C 234 2.38 44.47 -8.29
CA SER C 234 1.55 45.63 -7.96
C SER C 234 0.63 45.98 -9.13
N ALA C 235 1.13 45.92 -10.35
CA ALA C 235 0.30 46.23 -11.51
C ALA C 235 -0.81 45.20 -11.67
N VAL C 236 -0.50 43.91 -11.46
CA VAL C 236 -1.54 42.89 -11.55
C VAL C 236 -2.57 43.06 -10.45
N LYS C 237 -2.11 43.27 -9.21
CA LYS C 237 -3.03 43.42 -8.10
C LYS C 237 -3.93 44.65 -8.27
N HIS C 238 -3.40 45.71 -8.88
CA HIS C 238 -4.18 46.93 -9.08
C HIS C 238 -5.20 46.79 -10.20
N ALA C 239 -4.93 45.95 -11.19
CA ALA C 239 -5.82 45.80 -12.34
C ALA C 239 -6.99 44.85 -12.08
N LEU C 240 -6.95 44.11 -10.99
CA LEU C 240 -7.99 43.13 -10.68
C LEU C 240 -8.86 43.63 -9.54
N SER C 241 -10.04 43.03 -9.40
CA SER C 241 -10.85 43.31 -8.22
C SER C 241 -10.13 42.84 -6.96
N ALA C 242 -10.51 43.44 -5.83
CA ALA C 242 -9.79 43.19 -4.59
C ALA C 242 -9.96 41.77 -4.08
N GLU C 243 -11.05 41.10 -4.44
CA GLU C 243 -11.31 39.75 -3.95
C GLU C 243 -10.51 38.69 -4.71
N MET C 244 -9.89 39.05 -5.83
CA MET C 244 -8.98 38.14 -6.53
C MET C 244 -7.73 37.90 -5.70
N VAL C 245 -7.30 36.64 -5.65
CA VAL C 245 -6.08 36.26 -4.94
C VAL C 245 -4.94 36.21 -5.95
N VAL C 246 -3.85 36.93 -5.65
CA VAL C 246 -2.66 36.93 -6.47
C VAL C 246 -1.50 36.47 -5.60
N GLY C 247 -0.87 35.35 -5.98
CA GLY C 247 0.26 34.81 -5.26
C GLY C 247 1.52 34.82 -6.11
N MET C 248 2.61 34.41 -5.47
CA MET C 248 3.92 34.38 -6.10
C MET C 248 4.55 33.01 -5.86
N ARG C 249 4.95 32.33 -6.93
CA ARG C 249 5.77 31.14 -6.81
C ARG C 249 7.24 31.55 -6.94
N ILE C 250 8.05 31.13 -5.98
CA ILE C 250 9.45 31.55 -5.93
C ILE C 250 10.35 30.33 -5.98
N SER C 251 11.59 30.57 -6.40
CA SER C 251 12.69 29.64 -6.17
C SER C 251 13.51 30.24 -5.03
N ALA C 252 13.39 29.65 -3.84
CA ALA C 252 14.00 30.25 -2.66
C ALA C 252 15.52 30.24 -2.74
N VAL C 253 16.12 29.26 -3.42
CA VAL C 253 17.56 29.18 -3.64
C VAL C 253 17.81 28.72 -5.06
N ASP C 254 19.03 28.96 -5.53
CA ASP C 254 19.42 28.60 -6.89
C ASP C 254 20.20 27.29 -6.98
N TRP C 255 20.64 26.74 -5.84
CA TRP C 255 21.46 25.52 -5.82
C TRP C 255 22.74 25.68 -6.63
N ALA C 256 23.24 26.91 -6.73
CA ALA C 256 24.46 27.22 -7.45
C ALA C 256 25.21 28.30 -6.69
N PRO C 257 26.55 28.28 -6.73
CA PRO C 257 27.32 29.28 -5.99
C PRO C 257 27.06 30.69 -6.52
N GLY C 258 26.85 31.63 -5.60
CA GLY C 258 26.66 33.01 -5.97
C GLY C 258 25.25 33.38 -6.35
N GLY C 259 24.29 32.48 -6.15
CA GLY C 259 22.92 32.70 -6.56
C GLY C 259 22.05 33.22 -5.43
N LEU C 260 20.74 33.10 -5.62
CA LEU C 260 19.78 33.54 -4.64
C LEU C 260 19.95 32.76 -3.33
N THR C 261 19.85 33.46 -2.21
CA THR C 261 19.92 32.87 -0.89
C THR C 261 18.56 32.92 -0.21
N ILE C 262 18.39 32.11 0.84
CA ILE C 262 17.13 32.10 1.56
C ILE C 262 16.84 33.45 2.21
N GLU C 263 17.89 34.16 2.64
CA GLU C 263 17.70 35.50 3.21
C GLU C 263 17.09 36.45 2.20
N GLU C 264 17.57 36.41 0.95
CA GLU C 264 17.01 37.27 -0.09
C GLU C 264 15.60 36.85 -0.47
N SER C 265 15.33 35.55 -0.51
CA SER C 265 13.98 35.09 -0.83
C SER C 265 12.98 35.42 0.27
N ILE C 266 13.44 35.41 1.53
CA ILE C 266 12.60 35.90 2.63
C ILE C 266 12.26 37.37 2.42
N THR C 267 13.27 38.18 2.08
CA THR C 267 13.03 39.61 1.87
C THR C 267 12.07 39.82 0.71
N PHE C 268 12.29 39.12 -0.41
CA PHE C 268 11.40 39.25 -1.55
C PHE C 268 9.98 38.82 -1.20
N SER C 269 9.84 37.75 -0.42
CA SER C 269 8.51 37.30 -0.01
C SER C 269 7.84 38.32 0.89
N GLN C 270 8.61 38.96 1.78
CA GLN C 270 8.04 40.02 2.62
C GLN C 270 7.62 41.22 1.78
N GLU C 271 8.43 41.58 0.78
CA GLU C 271 8.04 42.67 -0.10
C GLU C 271 6.81 42.33 -0.92
N CYS C 272 6.66 41.05 -1.31
CA CYS C 272 5.46 40.63 -2.02
C CYS C 272 4.22 40.79 -1.14
N GLU C 273 4.33 40.42 0.13
CA GLU C 273 3.19 40.57 1.04
C GLU C 273 2.76 42.03 1.16
N LYS C 274 3.74 42.95 1.24
CA LYS C 274 3.41 44.37 1.35
C LYS C 274 2.68 44.87 0.11
N ARG C 275 2.95 44.28 -1.06
CA ARG C 275 2.28 44.67 -2.29
C ARG C 275 0.93 43.98 -2.48
N GLY C 276 0.48 43.18 -1.52
CA GLY C 276 -0.80 42.52 -1.63
C GLY C 276 -0.78 41.08 -2.11
N ALA C 277 0.37 40.42 -2.13
CA ALA C 277 0.41 39.01 -2.51
C ALA C 277 -0.40 38.18 -1.52
N GLY C 278 -1.14 37.22 -2.05
CA GLY C 278 -2.04 36.42 -1.23
C GLY C 278 -1.45 35.13 -0.69
N PHE C 279 -0.35 34.68 -1.28
CA PHE C 279 0.34 33.49 -0.82
C PHE C 279 1.73 33.44 -1.46
N ILE C 280 2.60 32.64 -0.85
CA ILE C 280 3.93 32.37 -1.39
C ILE C 280 4.02 30.87 -1.62
N HIS C 281 4.29 30.48 -2.87
CA HIS C 281 4.48 29.09 -3.25
C HIS C 281 5.98 28.86 -3.38
N VAL C 282 6.53 28.01 -2.51
CA VAL C 282 7.97 27.93 -2.31
C VAL C 282 8.52 26.71 -3.03
N SER C 283 9.23 26.95 -4.13
CA SER C 283 10.00 25.95 -4.86
C SER C 283 11.47 26.38 -4.83
N THR C 284 12.31 25.67 -5.58
CA THR C 284 13.73 26.00 -5.68
C THR C 284 14.24 25.65 -7.07
N GLY C 285 15.43 26.19 -7.40
CA GLY C 285 16.18 25.74 -8.55
C GLY C 285 15.64 26.22 -9.89
N GLY C 286 16.30 25.72 -10.95
CA GLY C 286 15.86 25.94 -12.31
C GLY C 286 16.57 27.05 -13.06
N LEU C 287 17.44 27.81 -12.41
CA LEU C 287 18.00 29.00 -13.05
C LEU C 287 19.17 28.69 -13.99
N VAL C 288 20.09 27.84 -13.54
CA VAL C 288 21.30 27.52 -14.29
C VAL C 288 21.43 26.02 -14.44
N ALA C 289 22.06 25.59 -15.54
CA ALA C 289 22.17 24.16 -15.82
C ALA C 289 23.14 23.47 -14.88
N HIS C 290 24.16 24.19 -14.38
CA HIS C 290 25.15 23.61 -13.48
C HIS C 290 24.69 23.58 -12.02
N GLN C 291 23.38 23.58 -11.78
CA GLN C 291 22.86 23.44 -10.43
C GLN C 291 23.04 22.01 -9.93
N GLN C 292 23.20 21.88 -8.61
CA GLN C 292 23.29 20.58 -7.94
C GLN C 292 22.23 20.55 -6.85
N ILE C 293 21.15 19.81 -7.10
CA ILE C 293 19.97 19.82 -6.23
C ILE C 293 19.96 18.54 -5.40
N PRO C 294 19.97 18.63 -4.07
CA PRO C 294 19.90 17.41 -3.22
C PRO C 294 18.47 16.89 -3.09
N VAL C 295 17.98 16.29 -4.18
CA VAL C 295 16.60 15.86 -4.25
C VAL C 295 16.34 14.71 -3.27
N GLY C 296 15.17 14.73 -2.66
CA GLY C 296 14.75 13.72 -1.71
C GLY C 296 13.41 14.12 -1.13
N PRO C 297 12.75 13.20 -0.41
CA PRO C 297 11.44 13.51 0.18
C PRO C 297 11.44 14.78 1.03
N GLY C 298 10.64 15.76 0.61
CA GLY C 298 10.53 17.01 1.35
C GLY C 298 11.76 17.88 1.35
N TYR C 299 12.54 17.88 0.27
CA TYR C 299 13.80 18.63 0.25
C TYR C 299 13.61 20.14 0.15
N GLN C 300 12.39 20.62 -0.10
CA GLN C 300 12.12 22.05 -0.15
C GLN C 300 11.25 22.51 1.01
N VAL C 301 10.95 21.62 1.95
CA VAL C 301 10.05 21.96 3.06
C VAL C 301 10.74 22.90 4.04
N GLU C 302 12.04 22.73 4.26
CA GLU C 302 12.78 23.67 5.11
C GLU C 302 12.70 25.09 4.56
N HIS C 303 12.78 25.24 3.23
CA HIS C 303 12.66 26.56 2.64
C HIS C 303 11.27 27.16 2.86
N ALA C 304 10.24 26.32 2.79
CA ALA C 304 8.89 26.81 3.05
C ALA C 304 8.75 27.29 4.49
N GLN C 305 9.36 26.57 5.44
CA GLN C 305 9.28 26.98 6.84
C GLN C 305 10.00 28.31 7.07
N ALA C 306 11.14 28.52 6.39
CA ALA C 306 11.84 29.79 6.51
C ALA C 306 10.98 30.94 6.03
N ILE C 307 10.26 30.76 4.93
CA ILE C 307 9.36 31.80 4.43
C ILE C 307 8.19 31.99 5.39
N LYS C 308 7.59 30.88 5.83
CA LYS C 308 6.40 30.95 6.68
C LYS C 308 6.70 31.67 7.99
N GLN C 309 7.90 31.50 8.54
CA GLN C 309 8.25 32.15 9.79
C GLN C 309 8.51 33.65 9.65
N ASN C 310 8.52 34.18 8.43
CA ASN C 310 8.83 35.59 8.24
C ASN C 310 7.79 36.36 7.44
N VAL C 311 6.67 35.74 7.07
CA VAL C 311 5.56 36.40 6.40
C VAL C 311 4.28 36.02 7.12
N ASN C 312 3.24 36.83 6.89
CA ASN C 312 1.92 36.57 7.46
C ASN C 312 0.89 36.20 6.40
N ILE C 313 1.33 35.71 5.25
CA ILE C 313 0.41 35.18 4.24
C ILE C 313 0.65 33.68 4.12
N PRO C 314 -0.31 32.90 3.62
CA PRO C 314 -0.11 31.44 3.56
C PRO C 314 1.08 31.05 2.70
N THR C 315 1.76 29.99 3.13
CA THR C 315 2.92 29.44 2.44
C THR C 315 2.60 28.03 1.96
N MET C 316 2.88 27.75 0.69
CA MET C 316 2.66 26.43 0.10
C MET C 316 3.98 25.69 -0.01
N ALA C 317 4.03 24.49 0.54
CA ALA C 317 5.19 23.62 0.39
C ALA C 317 4.97 22.65 -0.77
N VAL C 318 6.07 22.29 -1.42
CA VAL C 318 6.03 21.40 -2.58
C VAL C 318 7.36 20.68 -2.69
N GLY C 319 7.35 19.50 -3.31
CA GLY C 319 8.58 18.81 -3.63
C GLY C 319 8.69 17.42 -3.03
N LEU C 320 8.34 16.41 -3.82
CA LEU C 320 8.40 15.01 -3.39
C LEU C 320 7.60 14.78 -2.11
N ILE C 321 6.44 15.43 -2.04
CA ILE C 321 5.44 15.14 -1.01
C ILE C 321 4.48 14.13 -1.62
N THR C 322 4.55 12.88 -1.15
CA THR C 322 3.86 11.78 -1.81
C THR C 322 2.92 10.99 -0.91
N HIS C 323 2.94 11.19 0.40
CA HIS C 323 2.13 10.41 1.31
C HIS C 323 1.39 11.31 2.29
N SER C 324 0.18 10.89 2.65
CA SER C 324 -0.69 11.72 3.49
C SER C 324 -0.06 12.00 4.85
N ALA C 325 0.58 11.01 5.45
CA ALA C 325 1.20 11.21 6.76
C ALA C 325 2.35 12.20 6.69
N GLN C 326 3.10 12.19 5.57
CA GLN C 326 4.13 13.19 5.35
C GLN C 326 3.52 14.59 5.20
N ALA C 327 2.43 14.69 4.42
CA ALA C 327 1.79 15.99 4.21
C ALA C 327 1.24 16.54 5.52
N GLU C 328 0.58 15.70 6.32
CA GLU C 328 -0.03 16.16 7.56
C GLU C 328 1.01 16.57 8.60
N THR C 329 2.16 15.89 8.63
CA THR C 329 3.23 16.27 9.54
C THR C 329 3.79 17.65 9.20
N ILE C 330 3.90 17.95 7.90
CA ILE C 330 4.37 19.26 7.47
C ILE C 330 3.44 20.35 7.99
N LEU C 331 2.13 20.12 7.93
CA LEU C 331 1.18 21.11 8.43
C LEU C 331 1.19 21.16 9.96
N LYS C 332 1.16 20.00 10.61
CA LYS C 332 1.06 19.99 12.07
C LYS C 332 2.31 20.55 12.73
N SER C 333 3.49 20.26 12.18
CA SER C 333 4.71 20.84 12.73
C SER C 333 4.94 22.27 12.24
N GLU C 334 3.99 22.83 11.48
CA GLU C 334 3.98 24.23 11.08
C GLU C 334 5.17 24.57 10.19
N GLN C 335 5.53 23.66 9.30
CA GLN C 335 6.51 23.97 8.27
C GLN C 335 5.88 24.71 7.09
N ALA C 336 4.57 24.61 6.93
CA ALA C 336 3.88 25.28 5.85
C ALA C 336 2.40 25.34 6.21
N ASP C 337 1.65 26.11 5.42
CA ASP C 337 0.22 26.24 5.61
C ASP C 337 -0.60 25.43 4.62
N MET C 338 -0.03 25.10 3.46
CA MET C 338 -0.73 24.35 2.43
C MET C 338 0.25 23.39 1.78
N ILE C 339 -0.27 22.28 1.26
CA ILE C 339 0.52 21.23 0.63
C ILE C 339 0.19 21.19 -0.85
N ALA C 340 1.23 21.27 -1.68
CA ALA C 340 1.09 21.14 -3.12
C ALA C 340 1.73 19.85 -3.58
N ILE C 341 1.05 19.16 -4.50
CA ILE C 341 1.56 17.93 -5.10
C ILE C 341 1.45 18.04 -6.61
N ALA C 342 2.41 17.42 -7.30
CA ALA C 342 2.38 17.39 -8.76
C ALA C 342 2.49 15.96 -9.26
N ARG C 343 3.68 15.37 -9.16
CA ARG C 343 3.91 14.05 -9.75
C ARG C 343 3.06 12.97 -9.08
N ALA C 344 2.78 13.10 -7.78
CA ALA C 344 1.89 12.13 -7.15
C ALA C 344 0.50 12.18 -7.73
N ALA C 345 0.07 13.34 -8.24
CA ALA C 345 -1.23 13.47 -8.88
C ALA C 345 -1.22 13.00 -10.33
N LEU C 346 -0.07 12.98 -10.99
CA LEU C 346 0.02 12.35 -12.31
C LEU C 346 -0.06 10.83 -12.18
N LYS C 347 0.64 10.26 -11.21
CA LYS C 347 0.61 8.83 -10.98
C LYS C 347 -0.78 8.38 -10.54
N ASN C 348 -1.37 9.08 -9.57
CA ASN C 348 -2.72 8.77 -9.08
C ASN C 348 -3.51 10.06 -9.04
N PRO C 349 -4.32 10.34 -10.06
CA PRO C 349 -5.13 11.58 -10.05
C PRO C 349 -6.18 11.61 -8.95
N HIS C 350 -6.43 10.49 -8.26
CA HIS C 350 -7.30 10.46 -7.10
C HIS C 350 -6.51 10.30 -5.80
N TRP C 351 -5.26 10.78 -5.79
CA TRP C 351 -4.47 10.84 -4.56
C TRP C 351 -5.23 11.42 -3.36
N PRO C 352 -5.99 12.52 -3.49
CA PRO C 352 -6.70 13.04 -2.30
C PRO C 352 -7.73 12.08 -1.74
N TRP C 353 -8.28 11.20 -2.58
CA TRP C 353 -9.24 10.19 -2.12
C TRP C 353 -8.57 9.23 -1.15
N THR C 354 -7.46 8.62 -1.58
CA THR C 354 -6.71 7.72 -0.71
C THR C 354 -6.18 8.45 0.52
N ALA C 355 -5.67 9.67 0.31
CA ALA C 355 -5.08 10.43 1.41
C ALA C 355 -6.11 10.74 2.49
N ALA C 356 -7.32 11.13 2.08
CA ALA C 356 -8.36 11.46 3.06
C ALA C 356 -8.75 10.23 3.88
N LEU C 357 -8.84 9.07 3.23
CA LEU C 357 -9.18 7.84 3.94
C LEU C 357 -8.10 7.47 4.96
N GLU C 358 -6.83 7.60 4.56
CA GLU C 358 -5.73 7.26 5.47
C GLU C 358 -5.69 8.16 6.68
N LEU C 359 -6.13 9.41 6.55
CA LEU C 359 -6.14 10.35 7.67
C LEU C 359 -7.45 10.35 8.44
N GLY C 360 -8.42 9.54 8.03
CA GLY C 360 -9.67 9.44 8.74
C GLY C 360 -10.72 10.46 8.38
N ASP C 361 -10.61 11.08 7.21
CA ASP C 361 -11.58 12.07 6.76
C ASP C 361 -12.40 11.51 5.61
N LYS C 362 -13.55 12.13 5.37
CA LYS C 362 -14.43 11.70 4.29
C LYS C 362 -13.85 12.15 2.95
N PRO C 363 -13.58 11.23 2.03
CA PRO C 363 -13.04 11.65 0.72
C PRO C 363 -14.12 12.25 -0.16
N PHE C 364 -13.70 13.22 -0.97
CA PHE C 364 -14.60 13.81 -1.95
C PHE C 364 -14.67 12.91 -3.17
N ALA C 365 -15.89 12.77 -3.70
CA ALA C 365 -16.09 12.05 -4.94
C ALA C 365 -17.32 12.64 -5.61
N PRO C 366 -17.27 12.91 -6.91
CA PRO C 366 -18.49 13.32 -7.60
C PRO C 366 -19.50 12.21 -7.57
N PRO C 367 -20.79 12.54 -7.65
CA PRO C 367 -21.83 11.50 -7.55
C PRO C 367 -21.66 10.35 -8.53
N GLN C 368 -21.11 10.61 -9.73
CA GLN C 368 -20.91 9.54 -10.69
C GLN C 368 -19.98 8.45 -10.18
N TYR C 369 -19.13 8.77 -9.20
CA TYR C 369 -18.10 7.85 -8.71
C TYR C 369 -18.38 7.33 -7.32
N GLN C 370 -19.52 7.67 -6.72
CA GLN C 370 -19.72 7.36 -5.31
C GLN C 370 -20.03 5.90 -5.03
N ARG C 371 -20.28 5.08 -6.06
CA ARG C 371 -20.43 3.65 -5.84
C ARG C 371 -19.09 2.96 -5.63
N ALA C 372 -17.98 3.66 -5.83
CA ALA C 372 -16.67 3.16 -5.45
C ALA C 372 -16.23 3.66 -4.07
N ARG C 373 -17.06 4.48 -3.43
CA ARG C 373 -16.74 5.03 -2.12
C ARG C 373 -17.48 4.26 -1.03
N GLY D 18 4.80 -6.94 -23.50
CA GLY D 18 4.77 -7.56 -22.18
C GLY D 18 5.45 -8.90 -22.18
N SER D 19 5.96 -9.30 -21.01
CA SER D 19 6.73 -10.54 -20.93
C SER D 19 6.72 -11.12 -19.51
N MET D 20 6.53 -10.27 -18.50
CA MET D 20 6.63 -10.74 -17.12
C MET D 20 5.33 -11.30 -16.57
N SER D 21 4.19 -10.83 -17.06
CA SER D 21 2.90 -11.31 -16.57
C SER D 21 1.97 -11.56 -17.75
N LEU D 22 0.98 -12.42 -17.51
CA LEU D 22 -0.07 -12.63 -18.50
C LEU D 22 -0.95 -11.39 -18.62
N LEU D 23 -1.23 -10.72 -17.50
CA LEU D 23 -2.16 -9.60 -17.50
C LEU D 23 -1.73 -8.51 -18.47
N PHE D 24 -0.42 -8.29 -18.59
CA PHE D 24 0.11 -7.23 -19.45
C PHE D 24 0.86 -7.76 -20.65
N SER D 25 0.61 -9.01 -21.04
CA SER D 25 1.10 -9.52 -22.32
C SER D 25 0.09 -9.23 -23.42
N PRO D 26 0.56 -8.84 -24.60
CA PRO D 26 -0.36 -8.56 -25.72
C PRO D 26 -1.28 -9.74 -25.98
N TYR D 27 -2.51 -9.43 -26.40
CA TYR D 27 -3.55 -10.43 -26.56
C TYR D 27 -4.35 -10.15 -27.83
N GLN D 28 -4.77 -11.21 -28.49
CA GLN D 28 -5.55 -11.12 -29.72
C GLN D 28 -6.99 -11.48 -29.40
N LEU D 29 -7.90 -10.51 -29.59
CA LEU D 29 -9.32 -10.71 -29.38
C LEU D 29 -9.98 -10.70 -30.76
N GLY D 30 -10.14 -11.89 -31.33
CA GLY D 30 -10.60 -12.00 -32.70
C GLY D 30 -9.60 -11.40 -33.65
N SER D 31 -10.02 -10.43 -34.45
CA SER D 31 -9.12 -9.72 -35.35
C SER D 31 -8.48 -8.50 -34.68
N LEU D 32 -8.78 -8.25 -33.41
N LEU D 32 -8.84 -8.22 -33.43
CA LEU D 32 -8.35 -7.05 -32.72
CA LEU D 32 -8.33 -7.07 -32.70
C LEU D 32 -7.12 -7.36 -31.86
C LEU D 32 -7.07 -7.45 -31.93
N SER D 33 -6.00 -6.70 -32.16
CA SER D 33 -4.79 -6.84 -31.37
C SER D 33 -4.86 -5.88 -30.18
N LEU D 34 -4.82 -6.43 -28.98
CA LEU D 34 -4.91 -5.63 -27.76
C LEU D 34 -3.54 -5.57 -27.10
N ALA D 35 -3.29 -4.44 -26.41
CA ALA D 35 -2.01 -4.26 -25.74
C ALA D 35 -1.83 -5.19 -24.55
N ASN D 36 -2.92 -5.66 -23.95
CA ASN D 36 -2.86 -6.52 -22.78
C ASN D 36 -4.22 -7.18 -22.60
N ARG D 37 -4.41 -7.85 -21.47
N ARG D 37 -4.42 -7.85 -21.46
CA ARG D 37 -5.63 -8.59 -21.16
CA ARG D 37 -5.65 -8.59 -21.17
C ARG D 37 -6.53 -7.86 -20.17
C ARG D 37 -6.52 -7.86 -20.15
N LEU D 38 -6.27 -6.58 -19.91
CA LEU D 38 -7.03 -5.80 -18.94
C LEU D 38 -8.14 -5.02 -19.64
N VAL D 39 -9.34 -5.09 -19.08
CA VAL D 39 -10.52 -4.44 -19.63
C VAL D 39 -11.10 -3.51 -18.58
N ILE D 40 -11.55 -2.33 -18.99
CA ILE D 40 -12.35 -1.47 -18.14
C ILE D 40 -13.82 -1.79 -18.42
N ALA D 41 -14.51 -2.34 -17.42
CA ALA D 41 -15.90 -2.73 -17.59
C ALA D 41 -16.78 -1.50 -17.82
N PRO D 42 -17.93 -1.67 -18.50
CA PRO D 42 -18.81 -0.52 -18.72
C PRO D 42 -19.36 0.03 -17.41
N MET D 43 -19.43 1.36 -17.32
CA MET D 43 -19.92 2.03 -16.12
C MET D 43 -20.77 3.24 -16.52
N CYS D 44 -22.08 3.13 -16.33
CA CYS D 44 -22.98 4.24 -16.60
C CYS D 44 -22.59 5.46 -15.79
N GLN D 45 -22.63 6.63 -16.45
CA GLN D 45 -22.29 7.90 -15.82
C GLN D 45 -23.50 8.80 -15.57
N TYR D 46 -24.63 8.54 -16.24
CA TYR D 46 -25.86 9.31 -16.03
C TYR D 46 -25.62 10.80 -16.21
N SER D 47 -24.83 11.15 -17.23
CA SER D 47 -24.41 12.53 -17.44
C SER D 47 -24.65 13.00 -18.87
N ALA D 48 -25.48 12.28 -19.62
CA ALA D 48 -25.77 12.63 -21.00
C ALA D 48 -26.99 13.54 -21.08
N VAL D 49 -27.12 14.24 -22.20
CA VAL D 49 -28.27 15.07 -22.49
C VAL D 49 -28.89 14.59 -23.80
N ASP D 50 -30.13 14.10 -23.72
CA ASP D 50 -30.82 13.51 -24.87
C ASP D 50 -29.95 12.43 -25.52
N GLY D 51 -29.28 11.63 -24.70
CA GLY D 51 -28.42 10.57 -25.17
C GLY D 51 -27.08 11.01 -25.72
N ILE D 52 -26.80 12.31 -25.72
CA ILE D 52 -25.58 12.84 -26.33
C ILE D 52 -24.48 12.89 -25.27
N ALA D 53 -23.32 12.32 -25.60
CA ALA D 53 -22.18 12.40 -24.70
C ALA D 53 -21.75 13.85 -24.49
N GLN D 54 -21.31 14.15 -23.28
CA GLN D 54 -21.02 15.50 -22.84
C GLN D 54 -19.54 15.63 -22.48
N ASP D 55 -19.16 16.81 -21.97
CA ASP D 55 -17.78 17.02 -21.53
C ASP D 55 -17.38 16.00 -20.46
N TRP D 56 -18.31 15.62 -19.60
CA TRP D 56 -18.00 14.62 -18.57
C TRP D 56 -17.48 13.33 -19.19
N HIS D 57 -18.10 12.89 -20.29
CA HIS D 57 -17.69 11.64 -20.91
C HIS D 57 -16.32 11.74 -21.56
N LEU D 58 -15.97 12.90 -22.12
CA LEU D 58 -14.62 13.08 -22.65
C LEU D 58 -13.59 13.02 -21.53
N MET D 59 -13.87 13.68 -20.41
CA MET D 59 -13.00 13.61 -19.25
C MET D 59 -12.93 12.20 -18.70
N HIS D 60 -14.09 11.54 -18.55
CA HIS D 60 -14.14 10.22 -17.93
C HIS D 60 -13.57 9.15 -18.85
N LEU D 61 -14.08 9.05 -20.08
CA LEU D 61 -13.61 8.00 -20.99
C LEU D 61 -12.20 8.28 -21.50
N GLY D 62 -11.85 9.55 -21.70
CA GLY D 62 -10.49 9.88 -22.11
C GLY D 62 -9.47 9.43 -21.10
N ARG D 63 -9.77 9.56 -19.81
CA ARG D 63 -8.87 9.09 -18.76
C ARG D 63 -8.72 7.58 -18.80
N LEU D 64 -9.84 6.85 -18.93
CA LEU D 64 -9.77 5.40 -19.01
C LEU D 64 -8.98 4.94 -20.23
N ALA D 65 -9.06 5.70 -21.32
CA ALA D 65 -8.35 5.32 -22.54
C ALA D 65 -6.84 5.46 -22.39
N ILE D 66 -6.37 6.36 -21.53
CA ILE D 66 -4.94 6.52 -21.28
C ILE D 66 -4.49 5.80 -20.02
N SER D 67 -5.39 5.02 -19.39
CA SER D 67 -5.06 4.36 -18.13
C SER D 67 -4.01 3.28 -18.31
N GLY D 68 -3.91 2.69 -19.50
CA GLY D 68 -3.06 1.55 -19.76
C GLY D 68 -3.81 0.29 -20.14
N ALA D 69 -5.11 0.24 -19.85
CA ALA D 69 -5.91 -0.92 -20.25
C ALA D 69 -5.93 -1.06 -21.77
N GLY D 70 -6.00 -2.30 -22.23
CA GLY D 70 -6.05 -2.57 -23.65
C GLY D 70 -7.42 -2.40 -24.28
N LEU D 71 -8.48 -2.40 -23.47
CA LEU D 71 -9.84 -2.32 -23.97
C LEU D 71 -10.69 -1.56 -22.97
N VAL D 72 -11.40 -0.55 -23.46
CA VAL D 72 -12.34 0.23 -22.65
C VAL D 72 -13.73 0.04 -23.23
N ILE D 73 -14.66 -0.41 -22.41
CA ILE D 73 -16.03 -0.65 -22.86
C ILE D 73 -16.88 0.52 -22.37
N VAL D 74 -17.41 1.30 -23.33
CA VAL D 74 -18.28 2.42 -22.99
C VAL D 74 -19.57 1.89 -22.35
N GLU D 75 -20.09 2.66 -21.40
CA GLU D 75 -21.30 2.35 -20.64
C GLU D 75 -22.48 1.92 -21.51
N ALA D 76 -23.48 1.30 -20.89
CA ALA D 76 -24.70 0.87 -21.56
C ALA D 76 -25.32 2.01 -22.35
N THR D 77 -25.46 1.80 -23.66
CA THR D 77 -25.96 2.81 -24.59
C THR D 77 -27.27 2.33 -25.19
N GLY D 78 -28.32 3.13 -25.03
CA GLY D 78 -29.64 2.71 -25.49
C GLY D 78 -29.74 2.74 -27.00
N VAL D 79 -30.32 1.67 -27.56
CA VAL D 79 -30.49 1.58 -29.01
C VAL D 79 -31.68 2.37 -29.52
N ASN D 80 -32.59 2.78 -28.63
CA ASN D 80 -33.67 3.70 -28.95
C ASN D 80 -34.03 4.45 -27.67
N PRO D 81 -34.77 5.56 -27.77
CA PRO D 81 -35.05 6.36 -26.57
C PRO D 81 -35.64 5.57 -25.41
N GLU D 82 -36.55 4.64 -25.68
CA GLU D 82 -37.19 3.88 -24.62
C GLU D 82 -36.30 2.79 -24.05
N GLY D 83 -35.15 2.50 -24.68
CA GLY D 83 -34.21 1.54 -24.17
C GLY D 83 -33.19 2.08 -23.19
N ARG D 84 -33.11 3.40 -23.02
CA ARG D 84 -32.24 3.97 -22.01
C ARG D 84 -32.69 3.58 -20.62
N ILE D 85 -31.71 3.38 -19.73
CA ILE D 85 -32.04 3.13 -18.33
C ILE D 85 -32.68 4.36 -17.71
N THR D 86 -32.14 5.55 -18.00
CA THR D 86 -32.57 6.81 -17.44
C THR D 86 -32.64 7.86 -18.55
N PRO D 87 -33.29 9.01 -18.33
CA PRO D 87 -33.24 10.09 -19.32
C PRO D 87 -31.84 10.68 -19.50
N PHE D 88 -30.89 10.23 -18.69
CA PHE D 88 -29.53 10.76 -18.73
C PHE D 88 -28.51 9.77 -19.26
N CYS D 89 -28.96 8.68 -19.86
CA CYS D 89 -28.05 7.67 -20.40
C CYS D 89 -27.63 8.03 -21.82
N LEU D 90 -26.52 7.43 -22.26
CA LEU D 90 -26.10 7.58 -23.64
C LEU D 90 -27.07 6.87 -24.57
N GLY D 91 -27.24 7.45 -25.77
CA GLY D 91 -27.97 6.80 -26.83
C GLY D 91 -27.14 6.77 -28.09
N LEU D 92 -27.48 5.84 -28.98
CA LEU D 92 -26.84 5.74 -30.28
C LEU D 92 -27.90 5.45 -31.34
N TYR D 93 -28.80 6.41 -31.53
CA TYR D 93 -29.88 6.28 -32.50
C TYR D 93 -30.08 7.52 -33.36
N ASN D 94 -29.14 8.47 -33.35
CA ASN D 94 -29.18 9.59 -34.28
C ASN D 94 -27.77 10.07 -34.55
N ASP D 95 -27.64 10.97 -35.53
CA ASP D 95 -26.33 11.43 -35.99
C ASP D 95 -25.61 12.26 -34.95
N GLU D 96 -26.33 13.03 -34.15
CA GLU D 96 -25.67 13.89 -33.17
C GLU D 96 -25.02 13.07 -32.07
N GLN D 97 -25.69 12.00 -31.61
CA GLN D 97 -25.08 11.10 -30.64
C GLN D 97 -23.89 10.37 -31.24
N GLU D 98 -23.99 9.96 -32.50
CA GLU D 98 -22.90 9.26 -33.16
C GLU D 98 -21.67 10.14 -33.28
N ALA D 99 -21.87 11.42 -33.62
CA ALA D 99 -20.74 12.33 -33.79
C ALA D 99 -20.04 12.59 -32.47
N ALA D 100 -20.80 12.74 -31.37
CA ALA D 100 -20.19 12.97 -30.07
C ALA D 100 -19.36 11.78 -29.62
N LEU D 101 -19.85 10.56 -29.84
CA LEU D 101 -19.08 9.37 -29.48
C LEU D 101 -17.84 9.22 -30.37
N GLY D 102 -17.97 9.54 -31.66
CA GLY D 102 -16.82 9.49 -32.54
C GLY D 102 -15.72 10.44 -32.12
N ARG D 103 -16.08 11.58 -31.56
CA ARG D 103 -15.09 12.52 -31.04
C ARG D 103 -14.29 11.91 -29.90
N ILE D 104 -14.97 11.21 -28.98
CA ILE D 104 -14.30 10.58 -27.86
C ILE D 104 -13.40 9.45 -28.34
N VAL D 105 -13.88 8.66 -29.30
CA VAL D 105 -13.06 7.60 -29.87
C VAL D 105 -11.81 8.17 -30.53
N ALA D 106 -11.94 9.34 -31.17
CA ALA D 106 -10.78 9.96 -31.80
C ALA D 106 -9.74 10.39 -30.77
N PHE D 107 -10.20 10.90 -29.62
CA PHE D 107 -9.28 11.23 -28.53
C PHE D 107 -8.55 9.97 -28.06
N ALA D 108 -9.27 8.86 -27.92
CA ALA D 108 -8.64 7.62 -27.47
C ALA D 108 -7.60 7.13 -28.47
N ARG D 109 -7.87 7.30 -29.77
CA ARG D 109 -6.95 6.84 -30.79
C ARG D 109 -5.64 7.62 -30.75
N GLU D 110 -5.68 8.90 -30.37
CA GLU D 110 -4.50 9.75 -30.43
C GLU D 110 -3.61 9.61 -29.19
N PHE D 111 -4.20 9.37 -28.01
CA PHE D 111 -3.43 9.46 -26.78
C PHE D 111 -3.28 8.16 -26.01
N GLY D 112 -4.20 7.20 -26.17
CA GLY D 112 -4.17 5.98 -25.39
C GLY D 112 -3.76 4.76 -26.22
N GLN D 113 -3.57 3.65 -25.50
CA GLN D 113 -3.30 2.37 -26.13
C GLN D 113 -4.48 1.42 -26.03
N ALA D 114 -5.64 1.92 -25.58
CA ALA D 114 -6.85 1.13 -25.46
C ALA D 114 -7.60 1.10 -26.77
N LYS D 115 -8.11 -0.07 -27.14
CA LYS D 115 -9.14 -0.16 -28.17
C LYS D 115 -10.46 0.22 -27.53
N MET D 116 -11.32 0.87 -28.30
CA MET D 116 -12.60 1.33 -27.78
C MET D 116 -13.72 0.39 -28.21
N ALA D 117 -14.50 -0.06 -27.23
CA ALA D 117 -15.70 -0.85 -27.46
C ALA D 117 -16.89 -0.11 -26.86
N ILE D 118 -18.09 -0.51 -27.26
CA ILE D 118 -19.31 0.09 -26.74
C ILE D 118 -20.31 -1.01 -26.41
N GLN D 119 -21.03 -0.83 -25.30
CA GLN D 119 -22.06 -1.75 -24.88
C GLN D 119 -23.41 -1.25 -25.39
N LEU D 120 -24.00 -1.97 -26.34
CA LEU D 120 -25.32 -1.64 -26.85
C LEU D 120 -26.36 -2.34 -26.00
N ALA D 121 -27.38 -1.58 -25.57
CA ALA D 121 -28.29 -2.08 -24.55
C ALA D 121 -29.71 -1.63 -24.83
N HIS D 122 -30.64 -2.37 -24.24
CA HIS D 122 -32.03 -1.95 -24.09
C HIS D 122 -32.44 -2.32 -22.68
N ALA D 123 -32.87 -1.33 -21.89
CA ALA D 123 -33.10 -1.57 -20.48
C ALA D 123 -34.36 -2.39 -20.21
N GLY D 124 -35.25 -2.51 -21.19
CA GLY D 124 -36.45 -3.30 -20.97
C GLY D 124 -37.28 -2.75 -19.83
N ARG D 125 -37.75 -3.66 -18.96
CA ARG D 125 -38.62 -3.27 -17.86
C ARG D 125 -37.91 -2.45 -16.79
N LYS D 126 -36.60 -2.29 -16.87
CA LYS D 126 -35.85 -1.49 -15.91
C LYS D 126 -35.55 -0.08 -16.43
N ALA D 127 -36.22 0.34 -17.49
CA ALA D 127 -35.98 1.64 -18.10
C ALA D 127 -36.74 2.75 -17.36
N SER D 128 -36.48 3.98 -17.77
CA SER D 128 -37.23 5.16 -17.31
C SER D 128 -37.09 5.37 -15.80
N THR D 129 -35.87 5.18 -15.28
CA THR D 129 -35.58 5.31 -13.86
C THR D 129 -34.72 6.53 -13.60
N ARG D 130 -34.46 6.78 -12.32
CA ARG D 130 -33.72 7.96 -11.88
C ARG D 130 -32.23 7.66 -11.79
N ARG D 131 -31.45 8.73 -11.63
CA ARG D 131 -30.04 8.57 -11.32
C ARG D 131 -29.89 7.82 -10.01
N PRO D 132 -28.88 6.95 -9.88
CA PRO D 132 -28.72 6.20 -8.62
C PRO D 132 -28.54 7.08 -7.39
N TRP D 133 -27.97 8.27 -7.55
CA TRP D 133 -27.80 9.18 -6.41
C TRP D 133 -28.99 10.11 -6.23
N ASP D 134 -30.09 9.88 -6.96
CA ASP D 134 -31.37 10.54 -6.76
C ASP D 134 -32.41 9.45 -6.55
N PRO D 135 -32.46 8.85 -5.36
CA PRO D 135 -33.34 7.71 -5.14
C PRO D 135 -34.82 8.09 -5.25
N GLY D 136 -35.61 7.13 -5.71
CA GLY D 136 -37.03 7.36 -5.91
C GLY D 136 -37.60 6.36 -6.89
N SER D 137 -38.91 6.50 -7.13
CA SER D 137 -39.60 5.64 -8.05
C SER D 137 -39.23 5.98 -9.49
N PRO D 138 -39.40 5.03 -10.42
CA PRO D 138 -39.19 5.35 -11.84
C PRO D 138 -40.04 6.52 -12.29
N TYR D 139 -39.52 7.28 -13.26
CA TYR D 139 -40.27 8.40 -13.83
C TYR D 139 -41.54 7.90 -14.50
N SER D 140 -42.68 8.45 -14.07
CA SER D 140 -43.92 8.18 -14.76
C SER D 140 -43.98 8.95 -16.07
N PRO D 141 -44.86 8.56 -17.01
CA PRO D 141 -44.94 9.30 -18.28
C PRO D 141 -45.21 10.78 -18.13
N GLU D 142 -45.96 11.18 -17.10
CA GLU D 142 -46.25 12.59 -16.88
C GLU D 142 -45.09 13.35 -16.26
N GLU D 143 -44.15 12.64 -15.63
CA GLU D 143 -42.94 13.25 -15.09
C GLU D 143 -41.82 13.34 -16.11
N GLY D 144 -42.08 12.99 -17.37
CA GLY D 144 -41.05 12.91 -18.38
C GLY D 144 -40.53 11.51 -18.66
N GLY D 145 -41.07 10.50 -17.99
CA GLY D 145 -40.68 9.13 -18.21
C GLY D 145 -41.46 8.48 -19.34
N TRP D 146 -41.47 7.16 -19.35
CA TRP D 146 -42.13 6.41 -20.41
C TRP D 146 -42.46 5.01 -19.93
N GLN D 147 -43.48 4.42 -20.56
CA GLN D 147 -43.79 3.03 -20.29
C GLN D 147 -42.73 2.12 -20.90
N THR D 148 -42.35 1.08 -20.16
CA THR D 148 -41.26 0.22 -20.58
C THR D 148 -41.79 -0.94 -21.42
N TRP D 149 -40.86 -1.60 -22.11
CA TRP D 149 -41.13 -2.81 -22.88
C TRP D 149 -40.43 -3.98 -22.23
N ALA D 150 -40.99 -5.17 -22.42
CA ALA D 150 -40.48 -6.36 -21.77
C ALA D 150 -41.01 -7.57 -22.52
N PRO D 151 -40.38 -8.74 -22.37
CA PRO D 151 -40.96 -9.95 -22.98
C PRO D 151 -42.34 -10.29 -22.41
N SER D 152 -42.55 -10.05 -21.12
CA SER D 152 -43.81 -10.31 -20.46
C SER D 152 -44.17 -9.12 -19.57
N ALA D 153 -45.46 -9.00 -19.27
CA ALA D 153 -45.97 -7.91 -18.45
C ALA D 153 -45.73 -8.22 -16.98
N ILE D 154 -44.45 -8.26 -16.60
CA ILE D 154 -44.02 -8.55 -15.25
C ILE D 154 -43.13 -7.41 -14.77
N LYS D 155 -43.47 -6.85 -13.62
CA LYS D 155 -42.81 -5.64 -13.14
C LYS D 155 -41.53 -5.97 -12.38
N PHE D 156 -40.52 -5.10 -12.55
CA PHE D 156 -39.38 -5.07 -11.64
C PHE D 156 -39.64 -4.09 -10.50
N TYR D 157 -40.07 -2.88 -10.82
CA TYR D 157 -40.46 -1.87 -9.83
C TYR D 157 -41.97 -1.95 -9.64
N GLU D 158 -42.40 -2.28 -8.43
CA GLU D 158 -43.82 -2.44 -8.17
C GLU D 158 -44.59 -1.12 -8.22
N GLU D 159 -43.88 0.00 -8.07
CA GLU D 159 -44.51 1.31 -8.00
C GLU D 159 -44.77 1.95 -9.36
N SER D 160 -44.27 1.37 -10.45
CA SER D 160 -44.37 1.98 -11.77
C SER D 160 -45.38 1.21 -12.63
N LEU D 161 -45.52 1.65 -13.88
CA LEU D 161 -46.46 1.05 -14.81
C LEU D 161 -46.04 -0.37 -15.17
N THR D 162 -47.03 -1.24 -15.35
CA THR D 162 -46.78 -2.59 -15.84
C THR D 162 -46.15 -2.50 -17.24
N PRO D 163 -45.06 -3.22 -17.50
CA PRO D 163 -44.39 -3.12 -18.80
C PRO D 163 -45.29 -3.59 -19.93
N HIS D 164 -45.08 -3.00 -21.10
CA HIS D 164 -45.76 -3.40 -22.32
C HIS D 164 -45.16 -4.70 -22.84
N PRO D 165 -45.92 -5.79 -22.92
CA PRO D 165 -45.36 -7.05 -23.47
C PRO D 165 -45.14 -6.92 -24.97
N MET D 166 -43.93 -7.26 -25.41
CA MET D 166 -43.52 -7.00 -26.77
C MET D 166 -44.19 -7.98 -27.74
N SER D 167 -44.79 -7.44 -28.80
CA SER D 167 -45.34 -8.27 -29.86
C SER D 167 -44.22 -8.74 -30.78
N ILE D 168 -44.57 -9.56 -31.77
CA ILE D 168 -43.59 -10.04 -32.73
C ILE D 168 -43.01 -8.88 -33.52
N GLU D 169 -43.85 -7.90 -33.87
CA GLU D 169 -43.35 -6.73 -34.57
C GLU D 169 -42.46 -5.88 -33.67
N ASP D 170 -42.76 -5.83 -32.37
CA ASP D 170 -41.87 -5.14 -31.42
C ASP D 170 -40.50 -5.80 -31.39
N LEU D 171 -40.45 -7.13 -31.40
CA LEU D 171 -39.17 -7.83 -31.43
C LEU D 171 -38.34 -7.41 -32.63
N GLU D 172 -38.97 -7.27 -33.80
N GLU D 172 -38.98 -7.26 -33.78
CA GLU D 172 -38.25 -6.87 -35.00
CA GLU D 172 -38.25 -6.87 -35.00
C GLU D 172 -37.83 -5.42 -34.94
C GLU D 172 -37.85 -5.41 -34.97
N THR D 173 -38.63 -4.55 -34.32
CA THR D 173 -38.28 -3.15 -34.22
C THR D 173 -37.03 -2.96 -33.36
N VAL D 174 -37.02 -3.59 -32.17
CA VAL D 174 -35.88 -3.47 -31.28
C VAL D 174 -34.63 -4.12 -31.89
N LYS D 175 -34.81 -5.26 -32.56
CA LYS D 175 -33.69 -5.93 -33.21
C LYS D 175 -33.08 -5.05 -34.29
N GLN D 176 -33.93 -4.38 -35.09
CA GLN D 176 -33.40 -3.45 -36.10
C GLN D 176 -32.73 -2.25 -35.45
N ASP D 177 -33.22 -1.81 -34.29
CA ASP D 177 -32.56 -0.73 -33.57
C ASP D 177 -31.17 -1.15 -33.11
N PHE D 178 -31.02 -2.40 -32.64
CA PHE D 178 -29.69 -2.91 -32.31
C PHE D 178 -28.78 -2.89 -33.53
N VAL D 179 -29.30 -3.34 -34.69
CA VAL D 179 -28.52 -3.34 -35.92
C VAL D 179 -28.08 -1.93 -36.29
N ASN D 180 -29.01 -0.97 -36.22
CA ASN D 180 -28.69 0.40 -36.61
C ASN D 180 -27.67 1.02 -35.65
N SER D 181 -27.82 0.79 -34.34
CA SER D 181 -26.84 1.29 -33.39
C SER D 181 -25.47 0.66 -33.64
N ALA D 182 -25.43 -0.63 -33.97
CA ALA D 182 -24.16 -1.29 -34.27
C ALA D 182 -23.48 -0.67 -35.47
N ILE D 183 -24.25 -0.38 -36.53
CA ILE D 183 -23.67 0.24 -37.72
C ILE D 183 -23.13 1.62 -37.39
N ARG D 184 -23.86 2.39 -36.58
CA ARG D 184 -23.36 3.70 -36.14
C ARG D 184 -22.07 3.56 -35.34
N ALA D 185 -22.00 2.55 -34.47
CA ALA D 185 -20.82 2.37 -33.63
C ALA D 185 -19.58 2.09 -34.47
N GLU D 186 -19.69 1.19 -35.45
CA GLU D 186 -18.57 0.90 -36.34
C GLU D 186 -18.14 2.15 -37.10
N ARG D 187 -19.11 2.95 -37.54
CA ARG D 187 -18.81 4.18 -38.28
C ARG D 187 -18.14 5.22 -37.39
N ALA D 188 -18.47 5.24 -36.10
CA ALA D 188 -17.87 6.17 -35.16
C ALA D 188 -16.47 5.77 -34.72
N GLY D 189 -16.01 4.56 -35.08
CA GLY D 189 -14.65 4.14 -34.80
C GLY D 189 -14.51 3.07 -33.75
N PHE D 190 -15.60 2.58 -33.17
CA PHE D 190 -15.50 1.49 -32.22
C PHE D 190 -15.05 0.20 -32.91
N LYS D 191 -14.12 -0.50 -32.27
CA LYS D 191 -13.57 -1.73 -32.81
C LYS D 191 -14.24 -2.98 -32.26
N ALA D 192 -15.06 -2.84 -31.22
CA ALA D 192 -15.78 -3.99 -30.67
C ALA D 192 -17.11 -3.51 -30.14
N ILE D 193 -18.07 -4.42 -30.12
CA ILE D 193 -19.40 -4.15 -29.59
C ILE D 193 -19.72 -5.25 -28.57
N GLU D 194 -20.28 -4.84 -27.44
CA GLU D 194 -20.76 -5.78 -26.43
C GLU D 194 -22.28 -5.65 -26.34
N LEU D 195 -22.98 -6.74 -26.60
CA LEU D 195 -24.42 -6.76 -26.42
C LEU D 195 -24.76 -7.01 -24.95
N HIS D 196 -25.60 -6.17 -24.38
CA HIS D 196 -25.89 -6.21 -22.95
C HIS D 196 -26.97 -7.24 -22.67
N GLY D 197 -26.55 -8.47 -22.38
CA GLY D 197 -27.49 -9.51 -22.01
C GLY D 197 -27.49 -9.83 -20.54
N ALA D 198 -27.11 -8.88 -19.70
CA ALA D 198 -26.91 -9.12 -18.28
C ALA D 198 -27.69 -8.11 -17.45
N HIS D 199 -27.58 -8.25 -16.13
CA HIS D 199 -27.98 -7.24 -15.15
C HIS D 199 -29.45 -6.85 -15.27
N GLY D 200 -30.28 -7.78 -15.74
CA GLY D 200 -31.72 -7.62 -15.70
C GLY D 200 -32.32 -6.77 -16.78
N TYR D 201 -31.59 -6.45 -17.84
CA TYR D 201 -32.13 -5.63 -18.92
C TYR D 201 -32.77 -6.55 -19.97
N LEU D 202 -33.08 -5.99 -21.15
CA LEU D 202 -34.05 -6.62 -22.04
C LEU D 202 -33.62 -8.03 -22.44
N ILE D 203 -32.39 -8.19 -22.92
CA ILE D 203 -31.94 -9.52 -23.34
C ILE D 203 -31.97 -10.49 -22.18
N HIS D 204 -31.48 -10.07 -21.01
CA HIS D 204 -31.56 -10.92 -19.83
C HIS D 204 -32.99 -11.26 -19.47
N GLN D 205 -33.91 -10.29 -19.65
CA GLN D 205 -35.31 -10.55 -19.36
C GLN D 205 -35.87 -11.65 -20.25
N PHE D 206 -35.41 -11.75 -21.49
CA PHE D 206 -35.84 -12.84 -22.36
C PHE D 206 -35.23 -14.18 -21.92
N LEU D 207 -33.98 -14.15 -21.45
CA LEU D 207 -33.28 -15.41 -21.18
C LEU D 207 -33.82 -16.11 -19.95
N SER D 208 -34.29 -15.37 -18.95
CA SER D 208 -34.59 -15.99 -17.67
C SER D 208 -36.08 -16.30 -17.51
N PRO D 209 -36.39 -17.46 -16.92
CA PRO D 209 -37.80 -17.81 -16.72
C PRO D 209 -38.52 -16.96 -15.68
N LEU D 210 -37.77 -16.24 -14.82
CA LEU D 210 -38.43 -15.39 -13.83
C LEU D 210 -39.07 -14.17 -14.46
N SER D 211 -38.56 -13.74 -15.61
CA SER D 211 -39.07 -12.56 -16.30
C SER D 211 -39.74 -12.86 -17.62
N ASN D 212 -39.44 -14.01 -18.24
CA ASN D 212 -40.01 -14.40 -19.52
C ASN D 212 -41.09 -15.46 -19.28
N GLN D 213 -42.35 -15.07 -19.42
CA GLN D 213 -43.46 -16.00 -19.34
C GLN D 213 -44.25 -16.04 -20.65
N ARG D 214 -43.60 -15.73 -21.76
CA ARG D 214 -44.26 -15.72 -23.06
C ARG D 214 -44.72 -17.13 -23.42
N GLN D 215 -45.83 -17.20 -24.17
N GLN D 215 -45.82 -17.18 -24.17
CA GLN D 215 -46.39 -18.48 -24.58
CA GLN D 215 -46.42 -18.44 -24.58
C GLN D 215 -46.21 -18.74 -26.07
C GLN D 215 -46.09 -18.82 -26.03
N ASP D 216 -45.38 -17.96 -26.75
CA ASP D 216 -45.02 -18.23 -28.14
C ASP D 216 -43.65 -18.91 -28.18
N GLN D 217 -42.98 -18.86 -29.33
CA GLN D 217 -41.70 -19.54 -29.49
C GLN D 217 -40.52 -18.76 -28.90
N TYR D 218 -40.79 -17.66 -28.18
CA TYR D 218 -39.73 -16.87 -27.56
C TYR D 218 -39.75 -16.96 -26.04
N GLY D 219 -40.58 -17.85 -25.48
CA GLY D 219 -40.58 -18.09 -24.05
C GLY D 219 -40.84 -19.56 -23.77
N GLY D 220 -40.56 -19.96 -22.53
CA GLY D 220 -40.73 -21.34 -22.13
C GLY D 220 -39.44 -22.11 -22.01
N SER D 221 -39.16 -22.97 -22.99
CA SER D 221 -37.94 -23.76 -22.98
C SER D 221 -36.71 -22.87 -23.08
N LEU D 222 -35.55 -23.44 -22.75
CA LEU D 222 -34.30 -22.72 -22.91
C LEU D 222 -34.09 -22.28 -24.35
N GLU D 223 -34.34 -23.18 -25.30
CA GLU D 223 -34.18 -22.84 -26.71
C GLU D 223 -35.08 -21.69 -27.13
N ASN D 224 -36.29 -21.62 -26.56
CA ASN D 224 -37.18 -20.50 -26.87
C ASN D 224 -36.69 -19.21 -26.23
N ARG D 225 -36.23 -19.30 -24.97
CA ARG D 225 -35.75 -18.10 -24.28
C ARG D 225 -34.47 -17.55 -24.91
N MET D 226 -33.64 -18.42 -25.50
CA MET D 226 -32.45 -17.96 -26.20
C MET D 226 -32.75 -17.41 -27.59
N ARG D 227 -33.94 -17.68 -28.13
CA ARG D 227 -34.16 -17.48 -29.56
C ARG D 227 -34.02 -16.02 -29.96
N TYR D 228 -34.69 -15.11 -29.24
CA TYR D 228 -34.62 -13.70 -29.61
C TYR D 228 -33.24 -13.09 -29.35
N PRO D 229 -32.59 -13.30 -28.20
CA PRO D 229 -31.21 -12.81 -28.06
C PRO D 229 -30.27 -13.31 -29.14
N LEU D 230 -30.39 -14.57 -29.55
CA LEU D 230 -29.53 -15.08 -30.61
C LEU D 230 -29.84 -14.42 -31.96
N GLU D 231 -31.11 -14.06 -32.20
CA GLU D 231 -31.44 -13.32 -33.41
C GLU D 231 -30.76 -11.96 -33.44
N ILE D 232 -30.78 -11.25 -32.32
CA ILE D 232 -30.13 -9.94 -32.24
C ILE D 232 -28.64 -10.08 -32.56
N LEU D 233 -27.98 -11.06 -31.94
CA LEU D 233 -26.56 -11.28 -32.17
C LEU D 233 -26.26 -11.55 -33.65
N SER D 234 -27.01 -12.48 -34.24
CA SER D 234 -26.78 -12.82 -35.65
C SER D 234 -27.05 -11.63 -36.56
N ALA D 235 -28.13 -10.88 -36.28
CA ALA D 235 -28.44 -9.72 -37.10
C ALA D 235 -27.37 -8.64 -36.97
N VAL D 236 -26.86 -8.42 -35.75
CA VAL D 236 -25.78 -7.45 -35.56
C VAL D 236 -24.51 -7.92 -36.27
N LYS D 237 -24.17 -9.19 -36.12
CA LYS D 237 -22.96 -9.72 -36.74
C LYS D 237 -23.04 -9.63 -38.26
N HIS D 238 -24.24 -9.81 -38.83
CA HIS D 238 -24.42 -9.82 -40.28
C HIS D 238 -24.34 -8.42 -40.86
N ALA D 239 -24.71 -7.39 -40.08
CA ALA D 239 -24.74 -6.02 -40.58
C ALA D 239 -23.38 -5.33 -40.50
N LEU D 240 -22.40 -5.92 -39.83
CA LEU D 240 -21.09 -5.30 -39.64
C LEU D 240 -20.06 -5.99 -40.53
N SER D 241 -18.94 -5.30 -40.74
CA SER D 241 -17.82 -5.92 -41.43
C SER D 241 -17.29 -7.10 -40.61
N ALA D 242 -16.60 -8.01 -41.31
CA ALA D 242 -16.21 -9.27 -40.69
C ALA D 242 -15.17 -9.08 -39.59
N GLU D 243 -14.38 -8.00 -39.64
CA GLU D 243 -13.35 -7.78 -38.64
C GLU D 243 -13.89 -7.18 -37.35
N MET D 244 -15.14 -6.70 -37.33
CA MET D 244 -15.72 -6.20 -36.10
C MET D 244 -15.91 -7.33 -35.10
N VAL D 245 -15.59 -7.04 -33.85
CA VAL D 245 -15.75 -7.99 -32.75
C VAL D 245 -17.07 -7.68 -32.06
N VAL D 246 -17.92 -8.68 -31.94
CA VAL D 246 -19.20 -8.55 -31.24
C VAL D 246 -19.22 -9.59 -30.12
N GLY D 247 -19.34 -9.11 -28.89
CA GLY D 247 -19.39 -9.98 -27.73
C GLY D 247 -20.73 -9.89 -27.01
N MET D 248 -20.85 -10.73 -25.99
CA MET D 248 -22.07 -10.82 -25.20
C MET D 248 -21.70 -10.75 -23.73
N ARG D 249 -22.29 -9.81 -23.01
CA ARG D 249 -22.20 -9.80 -21.56
C ARG D 249 -23.41 -10.53 -21.00
N ILE D 250 -23.16 -11.49 -20.11
CA ILE D 250 -24.22 -12.34 -19.58
C ILE D 250 -24.28 -12.22 -18.07
N SER D 251 -25.45 -12.54 -17.52
CA SER D 251 -25.59 -12.87 -16.10
C SER D 251 -25.71 -14.39 -16.02
N ALA D 252 -24.65 -15.05 -15.58
CA ALA D 252 -24.61 -16.52 -15.62
C ALA D 252 -25.64 -17.15 -14.69
N VAL D 253 -25.97 -16.47 -13.58
CA VAL D 253 -27.00 -16.94 -12.66
C VAL D 253 -27.81 -15.74 -12.20
N ASP D 254 -29.01 -16.01 -11.67
CA ASP D 254 -29.90 -14.96 -11.22
C ASP D 254 -29.86 -14.73 -9.72
N TRP D 255 -29.22 -15.61 -8.95
CA TRP D 255 -29.19 -15.52 -7.48
C TRP D 255 -30.58 -15.51 -6.87
N ALA D 256 -31.54 -16.14 -7.55
CA ALA D 256 -32.92 -16.23 -7.08
C ALA D 256 -33.46 -17.60 -7.44
N PRO D 257 -34.34 -18.17 -6.62
CA PRO D 257 -34.88 -19.50 -6.91
C PRO D 257 -35.67 -19.52 -8.21
N GLY D 258 -35.41 -20.54 -9.03
CA GLY D 258 -36.12 -20.72 -10.26
C GLY D 258 -35.59 -19.93 -11.43
N GLY D 259 -34.43 -19.28 -11.29
CA GLY D 259 -33.88 -18.43 -12.32
C GLY D 259 -32.86 -19.14 -13.19
N LEU D 260 -32.08 -18.34 -13.90
CA LEU D 260 -31.05 -18.87 -14.79
C LEU D 260 -30.01 -19.68 -14.00
N THR D 261 -29.60 -20.80 -14.58
CA THR D 261 -28.57 -21.66 -14.02
C THR D 261 -27.31 -21.58 -14.85
N ILE D 262 -26.20 -22.02 -14.26
CA ILE D 262 -24.93 -22.00 -14.98
C ILE D 262 -24.97 -22.93 -16.18
N GLU D 263 -25.71 -24.04 -16.09
CA GLU D 263 -25.85 -24.94 -17.24
C GLU D 263 -26.53 -24.25 -18.41
N GLU D 264 -27.59 -23.49 -18.15
CA GLU D 264 -28.26 -22.78 -19.23
C GLU D 264 -27.39 -21.66 -19.79
N SER D 265 -26.64 -20.97 -18.92
CA SER D 265 -25.75 -19.91 -19.39
C SER D 265 -24.59 -20.48 -20.18
N ILE D 266 -24.11 -21.67 -19.84
CA ILE D 266 -23.13 -22.36 -20.67
C ILE D 266 -23.71 -22.62 -22.06
N THR D 267 -24.93 -23.15 -22.11
CA THR D 267 -25.57 -23.44 -23.39
C THR D 267 -25.73 -22.16 -24.22
N PHE D 268 -26.20 -21.09 -23.58
CA PHE D 268 -26.37 -19.82 -24.29
C PHE D 268 -25.03 -19.30 -24.81
N SER D 269 -23.98 -19.41 -24.00
CA SER D 269 -22.66 -18.94 -24.43
C SER D 269 -22.14 -19.75 -25.61
N GLN D 270 -22.41 -21.07 -25.62
CA GLN D 270 -22.03 -21.88 -26.77
C GLN D 270 -22.83 -21.50 -28.01
N GLU D 271 -24.12 -21.23 -27.85
CA GLU D 271 -24.93 -20.79 -28.98
C GLU D 271 -24.47 -19.43 -29.49
N CYS D 272 -24.03 -18.54 -28.59
CA CYS D 272 -23.49 -17.26 -29.02
C CYS D 272 -22.23 -17.44 -29.85
N GLU D 273 -21.35 -18.35 -29.42
CA GLU D 273 -20.13 -18.61 -30.18
C GLU D 273 -20.43 -19.13 -31.58
N LYS D 274 -21.42 -20.02 -31.71
CA LYS D 274 -21.75 -20.57 -33.02
C LYS D 274 -22.20 -19.50 -33.98
N ARG D 275 -22.82 -18.44 -33.47
CA ARG D 275 -23.32 -17.35 -34.32
C ARG D 275 -22.31 -16.22 -34.46
N GLY D 276 -21.07 -16.41 -34.04
CA GLY D 276 -20.01 -15.48 -34.32
C GLY D 276 -19.64 -14.52 -33.20
N ALA D 277 -20.11 -14.77 -31.98
CA ALA D 277 -19.71 -13.92 -30.86
C ALA D 277 -18.21 -14.01 -30.63
N GLY D 278 -17.58 -12.87 -30.34
CA GLY D 278 -16.15 -12.81 -30.20
C GLY D 278 -15.62 -12.98 -28.79
N PHE D 279 -16.49 -12.82 -27.80
CA PHE D 279 -16.12 -13.00 -26.40
C PHE D 279 -17.38 -13.12 -25.55
N ILE D 280 -17.22 -13.67 -24.35
CA ILE D 280 -18.28 -13.72 -23.35
C ILE D 280 -17.78 -12.97 -22.12
N HIS D 281 -18.53 -11.95 -21.72
CA HIS D 281 -18.24 -11.17 -20.52
C HIS D 281 -19.19 -11.65 -19.43
N VAL D 282 -18.64 -12.26 -18.38
CA VAL D 282 -19.41 -13.07 -17.44
C VAL D 282 -19.67 -12.27 -16.17
N SER D 283 -20.91 -11.82 -16.00
CA SER D 283 -21.40 -11.21 -14.78
C SER D 283 -22.53 -12.08 -14.22
N THR D 284 -23.21 -11.59 -13.18
CA THR D 284 -24.33 -12.30 -12.58
C THR D 284 -25.35 -11.29 -12.07
N GLY D 285 -26.56 -11.78 -11.78
CA GLY D 285 -27.55 -11.02 -11.03
C GLY D 285 -28.21 -9.89 -11.81
N GLY D 286 -29.05 -9.14 -11.09
CA GLY D 286 -29.68 -7.94 -11.60
C GLY D 286 -31.10 -8.11 -12.10
N LEU D 287 -31.63 -9.34 -12.14
CA LEU D 287 -32.93 -9.56 -12.76
C LEU D 287 -34.09 -9.23 -11.84
N VAL D 288 -34.01 -9.66 -10.56
CA VAL D 288 -35.10 -9.48 -9.61
C VAL D 288 -34.58 -8.81 -8.35
N ALA D 289 -35.46 -8.06 -7.69
CA ALA D 289 -35.04 -7.31 -6.50
C ALA D 289 -34.78 -8.23 -5.32
N HIS D 290 -35.45 -9.38 -5.25
CA HIS D 290 -35.28 -10.31 -4.14
C HIS D 290 -34.08 -11.24 -4.32
N GLN D 291 -33.08 -10.82 -5.11
CA GLN D 291 -31.86 -11.61 -5.25
C GLN D 291 -31.03 -11.56 -3.98
N GLN D 292 -30.29 -12.64 -3.74
CA GLN D 292 -29.34 -12.73 -2.63
C GLN D 292 -27.98 -13.07 -3.21
N ILE D 293 -27.11 -12.08 -3.29
CA ILE D 293 -25.82 -12.22 -3.98
C ILE D 293 -24.73 -12.36 -2.92
N PRO D 294 -23.96 -13.45 -2.92
CA PRO D 294 -22.85 -13.61 -1.95
C PRO D 294 -21.63 -12.80 -2.39
N VAL D 295 -21.74 -11.48 -2.23
CA VAL D 295 -20.72 -10.57 -2.72
C VAL D 295 -19.43 -10.76 -1.94
N GLY D 296 -18.30 -10.72 -2.64
CA GLY D 296 -17.00 -10.89 -2.06
C GLY D 296 -15.94 -10.89 -3.14
N PRO D 297 -14.67 -10.80 -2.76
CA PRO D 297 -13.59 -10.79 -3.76
C PRO D 297 -13.66 -11.98 -4.71
N GLY D 298 -13.83 -11.71 -6.00
CA GLY D 298 -13.85 -12.76 -7.00
C GLY D 298 -15.06 -13.68 -6.94
N TYR D 299 -16.23 -13.16 -6.53
CA TYR D 299 -17.40 -14.01 -6.36
C TYR D 299 -18.03 -14.45 -7.68
N GLN D 300 -17.60 -13.90 -8.81
CA GLN D 300 -18.10 -14.31 -10.11
C GLN D 300 -17.04 -15.01 -10.94
N VAL D 301 -15.87 -15.29 -10.36
CA VAL D 301 -14.78 -15.91 -11.11
C VAL D 301 -15.09 -17.37 -11.41
N GLU D 302 -15.74 -18.07 -10.46
CA GLU D 302 -16.14 -19.45 -10.71
C GLU D 302 -17.08 -19.55 -11.91
N HIS D 303 -17.99 -18.60 -12.05
CA HIS D 303 -18.89 -18.59 -13.20
C HIS D 303 -18.13 -18.36 -14.50
N ALA D 304 -17.10 -17.50 -14.47
CA ALA D 304 -16.30 -17.30 -15.67
C ALA D 304 -15.56 -18.56 -16.06
N GLN D 305 -15.05 -19.31 -15.08
CA GLN D 305 -14.33 -20.54 -15.39
C GLN D 305 -15.24 -21.59 -15.99
N ALA D 306 -16.48 -21.67 -15.49
CA ALA D 306 -17.44 -22.61 -16.08
C ALA D 306 -17.71 -22.29 -17.54
N ILE D 307 -17.80 -21.00 -17.87
CA ILE D 307 -18.00 -20.61 -19.27
C ILE D 307 -16.75 -20.89 -20.09
N LYS D 308 -15.58 -20.53 -19.56
CA LYS D 308 -14.33 -20.68 -20.31
C LYS D 308 -14.06 -22.14 -20.67
N GLN D 309 -14.40 -23.07 -19.78
CA GLN D 309 -14.16 -24.49 -20.03
C GLN D 309 -15.10 -25.09 -21.06
N ASN D 310 -16.11 -24.35 -21.53
CA ASN D 310 -17.08 -24.89 -22.47
C ASN D 310 -17.23 -24.09 -23.75
N VAL D 311 -16.43 -23.04 -23.94
CA VAL D 311 -16.41 -22.27 -25.18
C VAL D 311 -14.96 -22.11 -25.62
N ASN D 312 -14.78 -21.77 -26.90
CA ASN D 312 -13.46 -21.52 -27.45
C ASN D 312 -13.25 -20.06 -27.84
N ILE D 313 -14.02 -19.15 -27.25
CA ILE D 313 -13.80 -17.71 -27.46
C ILE D 313 -13.37 -17.12 -26.12
N PRO D 314 -12.69 -15.98 -26.10
CA PRO D 314 -12.19 -15.43 -24.82
C PRO D 314 -13.32 -15.13 -23.85
N THR D 315 -13.04 -15.37 -22.57
CA THR D 315 -13.97 -15.12 -21.47
C THR D 315 -13.40 -14.06 -20.56
N MET D 316 -14.20 -13.05 -20.23
CA MET D 316 -13.80 -11.96 -19.35
C MET D 316 -14.40 -12.17 -17.96
N ALA D 317 -13.54 -12.15 -16.95
CA ALA D 317 -13.99 -12.21 -15.56
C ALA D 317 -14.09 -10.82 -14.98
N VAL D 318 -15.04 -10.64 -14.06
CA VAL D 318 -15.29 -9.34 -13.44
C VAL D 318 -15.92 -9.58 -12.07
N GLY D 319 -15.75 -8.61 -11.18
CA GLY D 319 -16.45 -8.64 -9.91
C GLY D 319 -15.53 -8.61 -8.71
N LEU D 320 -15.31 -7.41 -8.16
CA LEU D 320 -14.45 -7.22 -7.00
C LEU D 320 -13.05 -7.78 -7.25
N ILE D 321 -12.54 -7.56 -8.45
CA ILE D 321 -11.14 -7.79 -8.78
C ILE D 321 -10.42 -6.47 -8.59
N THR D 322 -9.60 -6.38 -7.53
CA THR D 322 -9.03 -5.12 -7.10
C THR D 322 -7.51 -5.10 -7.01
N HIS D 323 -6.84 -6.24 -7.12
CA HIS D 323 -5.39 -6.28 -6.96
C HIS D 323 -4.75 -7.08 -8.08
N SER D 324 -3.55 -6.65 -8.49
CA SER D 324 -2.87 -7.26 -9.63
C SER D 324 -2.58 -8.73 -9.39
N ALA D 325 -2.14 -9.08 -8.17
CA ALA D 325 -1.82 -10.47 -7.87
C ALA D 325 -3.07 -11.34 -7.95
N GLN D 326 -4.21 -10.80 -7.53
CA GLN D 326 -5.49 -11.49 -7.71
C GLN D 326 -5.83 -11.65 -9.19
N ALA D 327 -5.64 -10.57 -9.96
CA ALA D 327 -5.95 -10.61 -11.38
C ALA D 327 -5.06 -11.61 -12.12
N GLU D 328 -3.75 -11.62 -11.80
CA GLU D 328 -2.84 -12.51 -12.49
C GLU D 328 -3.07 -13.97 -12.14
N THR D 329 -3.48 -14.24 -10.89
CA THR D 329 -3.80 -15.62 -10.50
C THR D 329 -5.00 -16.15 -11.27
N ILE D 330 -6.02 -15.30 -11.47
CA ILE D 330 -7.19 -15.71 -12.24
C ILE D 330 -6.80 -16.11 -13.66
N LEU D 331 -5.86 -15.37 -14.26
CA LEU D 331 -5.41 -15.72 -15.60
C LEU D 331 -4.50 -16.95 -15.57
N LYS D 332 -3.55 -16.98 -14.64
CA LYS D 332 -2.56 -18.05 -14.64
C LYS D 332 -3.20 -19.40 -14.33
N SER D 333 -4.17 -19.43 -13.41
CA SER D 333 -4.89 -20.65 -13.10
C SER D 333 -6.00 -20.95 -14.09
N GLU D 334 -6.10 -20.15 -15.17
CA GLU D 334 -7.00 -20.41 -16.29
C GLU D 334 -8.46 -20.38 -15.90
N GLN D 335 -8.81 -19.47 -14.99
CA GLN D 335 -10.22 -19.24 -14.69
C GLN D 335 -10.87 -18.31 -15.70
N ALA D 336 -10.07 -17.54 -16.44
CA ALA D 336 -10.60 -16.62 -17.43
C ALA D 336 -9.47 -16.25 -18.38
N ASP D 337 -9.83 -15.59 -19.47
CA ASP D 337 -8.86 -15.14 -20.46
C ASP D 337 -8.53 -13.66 -20.35
N MET D 338 -9.45 -12.87 -19.79
CA MET D 338 -9.28 -11.44 -19.64
C MET D 338 -9.86 -11.00 -18.32
N ILE D 339 -9.32 -9.90 -17.78
CA ILE D 339 -9.73 -9.36 -16.50
C ILE D 339 -10.40 -8.02 -16.74
N ALA D 340 -11.62 -7.86 -16.23
CA ALA D 340 -12.34 -6.60 -16.29
C ALA D 340 -12.45 -6.00 -14.90
N ILE D 341 -12.26 -4.69 -14.81
CA ILE D 341 -12.37 -3.96 -13.57
C ILE D 341 -13.28 -2.75 -13.79
N ALA D 342 -14.02 -2.40 -12.76
CA ALA D 342 -14.87 -1.21 -12.82
C ALA D 342 -14.60 -0.29 -11.64
N ARG D 343 -15.06 -0.67 -10.45
CA ARG D 343 -14.96 0.23 -9.30
C ARG D 343 -13.51 0.52 -8.92
N ALA D 344 -12.60 -0.44 -9.11
CA ALA D 344 -11.19 -0.17 -8.86
C ALA D 344 -10.66 0.92 -9.77
N ALA D 345 -11.24 1.04 -10.97
CA ALA D 345 -10.86 2.10 -11.90
C ALA D 345 -11.51 3.44 -11.57
N LEU D 346 -12.65 3.44 -10.88
CA LEU D 346 -13.19 4.70 -10.38
C LEU D 346 -12.35 5.26 -9.24
N LYS D 347 -11.93 4.40 -8.31
CA LYS D 347 -11.08 4.83 -7.22
C LYS D 347 -9.72 5.29 -7.71
N ASN D 348 -9.09 4.49 -8.57
CA ASN D 348 -7.78 4.82 -9.13
C ASN D 348 -7.83 4.64 -10.63
N PRO D 349 -8.08 5.70 -11.39
CA PRO D 349 -8.12 5.55 -12.86
C PRO D 349 -6.77 5.17 -13.47
N HIS D 350 -5.69 5.22 -12.69
CA HIS D 350 -4.40 4.71 -13.14
C HIS D 350 -4.03 3.40 -12.45
N TRP D 351 -5.06 2.63 -12.07
CA TRP D 351 -4.85 1.27 -11.57
C TRP D 351 -3.91 0.44 -12.45
N PRO D 352 -4.01 0.44 -13.79
CA PRO D 352 -3.07 -0.38 -14.59
C PRO D 352 -1.62 0.03 -14.43
N TRP D 353 -1.37 1.30 -14.12
CA TRP D 353 -0.02 1.78 -13.88
C TRP D 353 0.59 1.09 -12.67
N THR D 354 -0.09 1.17 -11.53
CA THR D 354 0.36 0.50 -10.32
C THR D 354 0.42 -1.01 -10.51
N ALA D 355 -0.59 -1.59 -11.17
CA ALA D 355 -0.66 -3.03 -11.35
C ALA D 355 0.54 -3.54 -12.16
N ALA D 356 0.90 -2.84 -13.24
CA ALA D 356 2.01 -3.28 -14.06
C ALA D 356 3.32 -3.26 -13.28
N LEU D 357 3.54 -2.23 -12.46
CA LEU D 357 4.76 -2.18 -11.66
C LEU D 357 4.82 -3.32 -10.65
N GLU D 358 3.69 -3.64 -10.00
CA GLU D 358 3.66 -4.71 -9.02
C GLU D 358 3.96 -6.06 -9.66
N LEU D 359 3.59 -6.25 -10.93
CA LEU D 359 3.83 -7.50 -11.63
C LEU D 359 5.14 -7.50 -12.39
N GLY D 360 5.89 -6.40 -12.36
CA GLY D 360 7.19 -6.35 -13.01
C GLY D 360 7.16 -6.01 -14.47
N ASP D 361 6.09 -5.40 -14.96
CA ASP D 361 5.98 -5.02 -16.36
C ASP D 361 6.10 -3.51 -16.50
N LYS D 362 6.38 -3.07 -17.72
CA LYS D 362 6.52 -1.65 -18.00
C LYS D 362 5.14 -1.00 -18.02
N PRO D 363 4.87 0.00 -17.19
CA PRO D 363 3.56 0.66 -17.21
C PRO D 363 3.43 1.61 -18.38
N PHE D 364 2.21 1.68 -18.92
CA PHE D 364 1.91 2.65 -19.96
C PHE D 364 1.63 4.01 -19.36
N ALA D 365 2.15 5.05 -20.01
CA ALA D 365 1.86 6.41 -19.61
C ALA D 365 1.99 7.28 -20.86
N PRO D 366 1.05 8.17 -21.12
CA PRO D 366 1.24 9.11 -22.22
C PRO D 366 2.43 10.01 -21.95
N PRO D 367 3.05 10.55 -23.00
CA PRO D 367 4.28 11.33 -22.79
C PRO D 367 4.12 12.48 -21.79
N GLN D 368 2.93 13.08 -21.72
CA GLN D 368 2.68 14.18 -20.79
C GLN D 368 2.88 13.77 -19.33
N TYR D 369 2.77 12.47 -19.02
CA TYR D 369 2.80 11.99 -17.65
C TYR D 369 4.08 11.22 -17.32
N GLN D 370 5.04 11.14 -18.23
CA GLN D 370 6.16 10.23 -18.05
C GLN D 370 7.20 10.73 -17.05
N ARG D 371 7.11 11.98 -16.60
CA ARG D 371 8.00 12.43 -15.53
C ARG D 371 7.59 11.91 -14.16
N ALA D 372 6.41 11.30 -14.05
CA ALA D 372 6.01 10.60 -12.84
C ALA D 372 6.33 9.11 -12.90
N ARG D 373 6.88 8.64 -14.00
CA ARG D 373 7.20 7.22 -14.18
C ARG D 373 8.67 6.94 -13.95
#